data_8TJR
#
_entry.id   8TJR
#
_cell.length_a   1.00
_cell.length_b   1.00
_cell.length_c   1.00
_cell.angle_alpha   90.00
_cell.angle_beta   90.00
_cell.angle_gamma   90.00
#
_symmetry.space_group_name_H-M   'P 1'
#
loop_
_entity.id
_entity.type
_entity.pdbx_description
1 polymer 'Antibody HERH-a.01 Heavy Chain'
2 polymer 'Antibody HERH-a.01 Light Chain'
3 polymer 'Envelope glycoprotein gp160'
4 polymer 'Envelope glycoprotein gp41'
5 branched alpha-D-mannopyranose-(1-2)-alpha-D-mannopyranose-(1-3)-[alpha-D-mannopyranose-(1-6)]beta-D-mannopyranose-(1-4)-2-acetamido-2-deoxy-beta-D-glucopyranose-(1-4)-2-acetamido-2-deoxy-beta-D-glucopyranose
6 branched 2-acetamido-2-deoxy-beta-D-glucopyranose-(1-4)-2-acetamido-2-deoxy-beta-D-glucopyranose
7 non-polymer 2-acetamido-2-deoxy-beta-D-glucopyranose
#
loop_
_entity_poly.entity_id
_entity_poly.type
_entity_poly.pdbx_seq_one_letter_code
_entity_poly.pdbx_strand_id
1 'polypeptide(L)'
;EVKLVESGGGLVQPGGSLRLSCKASGFTFSDFHIYWFRRPPGRGLEWVGLIRRNSYTGTTNYAASVEGRFTISRDDSKSI
AYLHMSSVKTEDTAIYYCSDDEYWGQGVLVTVSS
;
J,H
2 'polypeptide(L)'
;DIVMTQTPISLPVTPGEPASMSCRSSQSLLHSDGRTYLFWYLLRPAQAPQLLVHDVSKRASGVPERFSGSGSDTDFTLKI
SRVEAEDVGSYYCMQGTQLPLTFGGGTNVEIK
;
K,L
3 'polypeptide(L)'
;AENLWVTVYYGVPVWKDAETTLFCASDAKAYETEKHNVWATHACVPTDPNPQEIHLENVTEEFNMWKNNMVEQMHTDIIS
LWDQSLKPCVKLTPLCVTLQCTNVTNNITDDMRGELKNCSFNMTTELRDKKQKVYSLFYRLDVVQINENQGNRSNNSNKE
YRLINCNTSACTQACPKVSFEPIPIHYCAPAGFAILKCKDKKFNGTGPCPSVSTVQCTHGIKPVVSTQLLLNGSLAEEEV
MIRSENITNNAKNILVQFNTPVQINCTRPNNNTRKSIRIGPGQAFYATGDIIGDIRQAHCNVSKATWNETLGKVVKQLRK
HFGNNTIIRFANSSGGDLEVTTHSFNCGGEFFYCNTSGLFNSTWISNTSVQGSNSTGSNDSITLPCRIKQIINMWQRIGQ
CMYAPPIQGVIRCVSNITGLILTRDGGSTNSTTETFRPGGGDMRDNWRSELYKYKVVKIEPLGVAPTRCKRRVVG
;
A,B,C
4 'polypeptide(L)'
;AVGIGAVFLGFLGAAGSTMGAASMTLTVQARNLLSGIVQQQSNLLRAPEAQQHLLKLTVWGIKQLQARVLAVERYLRDQQ
LLGIWGCSGKLICCTNVPWNSSWSNRNLSEIWDNMTWLQWDKEISNYTQIIYGLLEESQNQQEKNEQDLLALD
;
D,E,F
#
loop_
_chem_comp.id
_chem_comp.type
_chem_comp.name
_chem_comp.formula
BMA D-saccharide, beta linking beta-D-mannopyranose 'C6 H12 O6'
MAN D-saccharide, alpha linking alpha-D-mannopyranose 'C6 H12 O6'
NAG D-saccharide, beta linking 2-acetamido-2-deoxy-beta-D-glucopyranose 'C8 H15 N O6'
#
# COMPACT_ATOMS: atom_id res chain seq x y z
N GLU A 1 42.02 40.81 17.95
CA GLU A 1 42.41 39.93 19.04
C GLU A 1 41.22 39.55 19.91
N VAL A 2 41.06 38.25 20.15
CA VAL A 2 39.96 37.74 20.96
C VAL A 2 40.43 37.60 22.39
N LYS A 3 39.71 38.26 23.31
CA LYS A 3 40.04 38.21 24.73
C LYS A 3 38.78 37.87 25.53
N LEU A 4 38.89 36.87 26.40
CA LEU A 4 37.80 36.49 27.29
C LEU A 4 38.26 36.68 28.73
N VAL A 5 37.48 37.44 29.49
CA VAL A 5 37.82 37.77 30.88
C VAL A 5 36.67 37.32 31.76
N GLU A 6 36.99 36.53 32.78
CA GLU A 6 36.01 36.06 33.74
C GLU A 6 36.15 36.83 35.05
N SER A 7 35.01 37.01 35.73
CA SER A 7 34.98 37.74 36.99
C SER A 7 33.78 37.27 37.80
N GLY A 8 33.80 37.62 39.09
CA GLY A 8 32.73 37.26 39.99
C GLY A 8 32.98 36.08 40.89
N GLY A 9 34.19 35.52 40.89
CA GLY A 9 34.50 34.41 41.75
C GLY A 9 34.73 34.83 43.19
N GLY A 10 34.74 33.84 44.07
CA GLY A 10 34.94 34.11 45.49
C GLY A 10 34.52 32.92 46.32
N LEU A 11 34.23 33.20 47.58
CA LEU A 11 33.80 32.19 48.55
C LEU A 11 32.31 32.34 48.82
N VAL A 12 31.59 31.22 48.80
CA VAL A 12 30.16 31.21 49.02
C VAL A 12 29.83 30.12 50.03
N GLN A 13 28.70 30.30 50.72
CA GLN A 13 28.25 29.31 51.68
C GLN A 13 27.70 28.08 50.97
N PRO A 14 27.67 26.91 51.65
CA PRO A 14 27.09 25.71 51.04
C PRO A 14 25.58 25.82 50.92
N GLY A 15 25.11 26.48 49.86
CA GLY A 15 23.69 26.71 49.67
C GLY A 15 23.38 28.17 49.38
N GLY A 16 24.39 28.93 49.00
CA GLY A 16 24.24 30.31 48.62
C GLY A 16 24.05 30.49 47.13
N SER A 17 24.42 31.67 46.65
CA SER A 17 24.31 32.00 45.24
C SER A 17 25.54 32.80 44.80
N LEU A 18 25.86 32.71 43.52
CA LEU A 18 26.96 33.45 42.94
C LEU A 18 26.64 33.72 41.47
N ARG A 19 27.28 34.76 40.92
CA ARG A 19 27.02 35.19 39.55
C ARG A 19 28.34 35.57 38.87
N LEU A 20 28.85 34.66 38.05
CA LEU A 20 30.01 34.95 37.22
C LEU A 20 29.58 35.75 36.00
N SER A 21 30.55 36.43 35.38
CA SER A 21 30.29 37.25 34.21
C SER A 21 31.47 37.14 33.25
N CYS A 22 31.24 36.51 32.11
CA CYS A 22 32.22 36.48 31.03
C CYS A 22 32.13 37.75 30.20
N LYS A 23 33.23 38.07 29.53
CA LYS A 23 33.29 39.29 28.72
C LYS A 23 34.06 39.00 27.44
N ALA A 24 33.52 39.45 26.31
CA ALA A 24 34.13 39.24 25.01
C ALA A 24 34.29 40.56 24.29
N SER A 25 35.31 40.65 23.45
CA SER A 25 35.58 41.85 22.67
C SER A 25 36.38 41.47 21.43
N GLY A 26 36.33 42.35 20.43
CA GLY A 26 37.06 42.17 19.20
C GLY A 26 36.32 41.43 18.11
N PHE A 27 35.14 40.89 18.40
CA PHE A 27 34.36 40.16 17.41
C PHE A 27 32.88 40.34 17.73
N THR A 28 32.04 39.80 16.86
CA THR A 28 30.59 39.89 17.04
C THR A 28 30.15 38.81 18.03
N PHE A 29 29.63 39.25 19.19
CA PHE A 29 29.24 38.32 20.24
C PHE A 29 27.98 37.55 19.89
N SER A 30 27.16 38.07 18.96
CA SER A 30 25.87 37.48 18.66
C SER A 30 25.93 36.34 17.64
N ASP A 31 27.11 36.05 17.08
CA ASP A 31 27.24 35.04 16.03
C ASP A 31 28.02 33.82 16.48
N PHE A 32 28.19 33.62 17.79
CA PHE A 32 28.97 32.50 18.30
C PHE A 32 28.29 31.91 19.52
N HIS A 33 28.30 30.58 19.61
CA HIS A 33 27.80 29.90 20.79
C HIS A 33 28.78 30.06 21.95
N ILE A 34 28.26 29.92 23.16
CA ILE A 34 29.03 30.13 24.38
C ILE A 34 29.06 28.83 25.17
N TYR A 35 30.26 28.41 25.57
CA TYR A 35 30.47 27.19 26.33
C TYR A 35 31.10 27.51 27.68
N TRP A 36 30.78 26.68 28.68
CA TRP A 36 31.32 26.82 30.03
C TRP A 36 31.90 25.49 30.48
N PHE A 37 33.07 25.54 31.12
CA PHE A 37 33.76 24.35 31.60
C PHE A 37 34.28 24.60 33.00
N ARG A 38 34.74 23.53 33.66
CA ARG A 38 35.32 23.64 34.99
C ARG A 38 36.42 22.60 35.15
N ARG A 39 37.30 22.86 36.12
CA ARG A 39 38.41 21.96 36.44
C ARG A 39 38.50 21.77 37.94
N PRO A 40 38.06 20.63 38.47
CA PRO A 40 38.28 20.35 39.88
C PRO A 40 39.76 20.16 40.17
N PRO A 41 40.21 20.49 41.38
CA PRO A 41 41.63 20.33 41.71
C PRO A 41 42.01 18.86 41.80
N GLY A 42 43.00 18.46 40.99
CA GLY A 42 43.46 17.09 40.94
C GLY A 42 42.85 16.27 39.82
N ARG A 43 41.75 16.72 39.23
CA ARG A 43 41.07 16.02 38.15
C ARG A 43 41.17 16.84 36.87
N GLY A 44 40.65 16.26 35.78
CA GLY A 44 40.66 16.91 34.49
C GLY A 44 39.51 17.86 34.30
N LEU A 45 39.44 18.43 33.11
CA LEU A 45 38.37 19.37 32.77
C LEU A 45 37.04 18.65 32.63
N GLU A 46 35.96 19.40 32.85
CA GLU A 46 34.61 18.87 32.76
C GLU A 46 33.70 19.89 32.08
N TRP A 47 32.60 19.41 31.52
CA TRP A 47 31.63 20.26 30.84
C TRP A 47 30.59 20.75 31.83
N VAL A 48 30.10 21.98 31.62
CA VAL A 48 29.10 22.60 32.48
C VAL A 48 27.79 22.84 31.73
N GLY A 49 27.83 23.65 30.69
CA GLY A 49 26.61 24.01 29.98
C GLY A 49 26.83 24.45 28.54
N LEU A 50 25.77 24.94 27.92
CA LEU A 50 25.80 25.35 26.51
C LEU A 50 24.61 26.26 26.26
N ILE A 51 24.85 27.37 25.55
CA ILE A 51 23.79 28.25 25.09
C ILE A 51 24.06 28.61 23.63
N ARG A 52 23.01 28.59 22.82
CA ARG A 52 23.15 28.82 21.39
C ARG A 52 23.01 30.30 21.06
N ARG A 53 23.29 30.63 19.79
CA ARG A 53 23.15 32.00 19.34
C ARG A 53 21.68 32.38 19.24
N ASN A 54 21.42 33.69 19.25
CA ASN A 54 20.05 34.19 19.26
C ASN A 54 19.31 33.97 17.95
N SER A 55 20.03 33.68 16.86
CA SER A 55 19.39 33.35 15.60
C SER A 55 19.21 31.85 15.40
N TYR A 56 19.66 31.03 16.36
CA TYR A 56 19.49 29.58 16.32
C TYR A 56 18.85 29.14 17.63
N THR A 57 17.74 29.80 17.99
CA THR A 57 16.79 29.48 19.06
C THR A 57 17.30 29.82 20.45
N GLY A 58 18.60 30.08 20.60
CA GLY A 58 19.14 30.53 21.86
C GLY A 58 18.93 29.64 23.06
N THR A 59 18.68 28.34 22.85
CA THR A 59 18.31 27.43 23.93
C THR A 59 19.51 27.02 24.75
N THR A 60 19.24 26.52 25.95
CA THR A 60 20.27 26.14 26.92
C THR A 60 20.18 24.64 27.20
N ASN A 61 21.31 23.96 27.12
CA ASN A 61 21.42 22.54 27.48
C ASN A 61 22.49 22.40 28.55
N TYR A 62 22.12 21.83 29.70
CA TYR A 62 23.01 21.68 30.83
C TYR A 62 23.51 20.23 30.90
N ALA A 63 24.25 19.91 31.96
CA ALA A 63 24.74 18.56 32.21
C ALA A 63 23.91 17.91 33.30
N ALA A 64 24.13 16.61 33.50
CA ALA A 64 23.36 15.86 34.48
C ALA A 64 23.73 16.22 35.92
N SER A 65 24.94 16.70 36.16
CA SER A 65 25.40 17.03 37.50
C SER A 65 25.11 18.47 37.90
N VAL A 66 24.55 19.28 36.99
CA VAL A 66 24.26 20.67 37.29
C VAL A 66 22.82 20.98 36.89
N GLU A 67 22.06 19.95 36.53
CA GLU A 67 20.68 20.14 36.12
C GLU A 67 19.82 20.58 37.28
N GLY A 68 19.02 21.62 37.06
CA GLY A 68 18.16 22.15 38.09
C GLY A 68 18.82 23.11 39.05
N ARG A 69 20.12 23.33 38.93
CA ARG A 69 20.83 24.25 39.82
C ARG A 69 21.47 25.38 39.03
N PHE A 70 22.11 25.05 37.92
CA PHE A 70 22.84 26.03 37.12
C PHE A 70 21.93 26.62 36.05
N THR A 71 22.00 27.94 35.87
CA THR A 71 21.25 28.65 34.85
C THR A 71 22.20 29.58 34.11
N ILE A 72 22.12 29.58 32.78
CA ILE A 72 22.98 30.40 31.94
C ILE A 72 22.12 31.39 31.15
N SER A 73 22.48 32.66 31.22
CA SER A 73 21.78 33.72 30.51
C SER A 73 22.78 34.50 29.67
N ARG A 74 22.35 34.94 28.49
CA ARG A 74 23.20 35.60 27.52
C ARG A 74 22.66 37.01 27.27
N ASP A 75 23.52 38.01 27.39
CA ASP A 75 23.16 39.41 27.16
C ASP A 75 23.99 39.93 26.00
N ASP A 76 23.36 40.04 24.83
CA ASP A 76 24.07 40.49 23.64
C ASP A 76 24.33 42.00 23.67
N SER A 77 23.48 42.76 24.36
CA SER A 77 23.65 44.21 24.40
C SER A 77 24.94 44.61 25.10
N LYS A 78 25.26 43.97 26.22
CA LYS A 78 26.49 44.23 26.94
C LYS A 78 27.62 43.27 26.58
N SER A 79 27.35 42.30 25.69
CA SER A 79 28.32 41.27 25.30
C SER A 79 28.87 40.52 26.50
N ILE A 80 28.00 40.22 27.47
CA ILE A 80 28.39 39.58 28.72
C ILE A 80 27.54 38.33 28.90
N ALA A 81 28.22 37.19 29.10
CA ALA A 81 27.55 35.95 29.45
C ALA A 81 27.52 35.78 30.98
N TYR A 82 26.54 35.02 31.46
CA TYR A 82 26.32 34.85 32.88
C TYR A 82 26.19 33.36 33.20
N LEU A 83 26.32 33.03 34.48
CA LEU A 83 26.13 31.66 34.97
C LEU A 83 25.74 31.77 36.46
N HIS A 84 24.46 31.56 36.74
CA HIS A 84 23.93 31.68 38.10
C HIS A 84 23.94 30.29 38.74
N MET A 85 24.63 30.16 39.88
CA MET A 85 24.60 28.92 40.64
C MET A 85 23.65 29.03 41.82
N SER A 86 23.06 27.90 42.19
CA SER A 86 22.23 27.81 43.38
C SER A 86 22.39 26.41 43.96
N SER A 87 22.18 26.30 45.27
CA SER A 87 22.36 25.06 46.03
C SER A 87 23.76 24.47 45.82
N VAL A 88 24.76 25.29 46.16
CA VAL A 88 26.16 24.92 45.98
C VAL A 88 26.52 23.85 46.99
N LYS A 89 27.20 22.80 46.52
CA LYS A 89 27.62 21.69 47.38
C LYS A 89 29.13 21.75 47.56
N THR A 90 29.63 20.86 48.43
CA THR A 90 31.06 20.85 48.73
C THR A 90 31.88 20.25 47.59
N GLU A 91 31.22 19.57 46.64
CA GLU A 91 31.91 18.97 45.51
C GLU A 91 31.98 19.89 44.30
N ASP A 92 31.54 21.14 44.44
CA ASP A 92 31.51 22.09 43.34
C ASP A 92 32.78 22.94 43.26
N THR A 93 33.79 22.63 44.08
CA THR A 93 35.04 23.38 44.05
C THR A 93 35.79 23.08 42.76
N ALA A 94 35.90 24.08 41.89
CA ALA A 94 36.56 23.92 40.59
C ALA A 94 36.94 25.29 40.07
N ILE A 95 37.67 25.30 38.96
CA ILE A 95 38.04 26.52 38.27
C ILE A 95 37.13 26.63 37.04
N TYR A 96 36.11 27.47 37.14
CA TYR A 96 35.16 27.62 36.03
C TYR A 96 35.78 28.47 34.93
N TYR A 97 35.56 28.05 33.68
CA TYR A 97 36.15 28.69 32.52
C TYR A 97 35.05 29.11 31.55
N CYS A 98 35.26 30.26 30.90
CA CYS A 98 34.31 30.71 29.86
C CYS A 98 34.99 30.48 28.52
N SER A 99 34.67 29.39 27.85
CA SER A 99 35.38 29.05 26.59
C SER A 99 34.46 29.25 25.39
N ASP A 100 34.88 30.08 24.42
CA ASP A 100 34.10 30.19 23.16
C ASP A 100 34.34 28.89 22.37
N ASP A 101 33.61 28.67 21.28
CA ASP A 101 33.75 27.38 20.55
C ASP A 101 35.24 27.05 20.34
N GLU A 102 36.06 28.06 20.00
CA GLU A 102 37.51 27.81 19.74
C GLU A 102 38.39 28.75 20.57
N TYR A 103 37.84 29.41 21.61
CA TYR A 103 38.63 30.39 22.41
C TYR A 103 38.52 30.07 23.91
N TRP A 104 39.40 30.64 24.74
CA TRP A 104 39.41 30.36 26.20
C TRP A 104 39.72 31.63 27.00
N GLY A 105 39.56 31.59 28.33
CA GLY A 105 39.89 32.74 29.20
C GLY A 105 40.86 32.36 30.31
N GLN A 106 40.96 33.17 31.37
CA GLN A 106 41.93 32.87 32.45
C GLN A 106 41.30 32.01 33.54
N GLY A 107 39.98 32.14 33.76
CA GLY A 107 39.32 31.39 34.81
C GLY A 107 39.43 32.04 36.17
N VAL A 108 38.45 31.74 37.02
CA VAL A 108 38.42 32.23 38.39
C VAL A 108 38.19 31.05 39.32
N LEU A 109 38.47 31.24 40.60
CA LEU A 109 38.33 30.20 41.61
C LEU A 109 37.03 30.42 42.37
N VAL A 110 36.18 29.39 42.39
CA VAL A 110 34.93 29.44 43.14
C VAL A 110 34.98 28.38 44.23
N THR A 111 35.39 28.77 45.44
CA THR A 111 35.45 27.86 46.56
C THR A 111 34.19 27.96 47.42
N VAL A 112 33.93 26.92 48.18
CA VAL A 112 32.77 26.86 49.07
C VAL A 112 33.27 26.51 50.47
N SER A 113 32.72 27.19 51.48
CA SER A 113 33.08 26.95 52.87
C SER A 113 31.96 27.45 53.76
N SER A 114 31.86 26.88 54.95
CA SER A 114 30.84 27.27 55.91
C SER A 114 31.45 28.01 57.09
N ASP B 1 26.02 8.34 27.44
CA ASP B 1 27.20 9.13 27.11
C ASP B 1 28.30 8.25 26.52
N ILE B 2 29.36 8.89 26.03
CA ILE B 2 30.49 8.20 25.43
C ILE B 2 31.74 8.53 26.24
N VAL B 3 32.42 7.49 26.71
CA VAL B 3 33.59 7.65 27.56
C VAL B 3 34.85 7.67 26.72
N MET B 4 35.85 8.41 27.16
CA MET B 4 37.12 8.54 26.46
C MET B 4 38.20 7.91 27.34
N THR B 5 38.55 6.66 27.04
CA THR B 5 39.67 6.00 27.77
C THR B 5 41.00 6.50 27.19
N GLN B 6 41.79 7.23 27.98
CA GLN B 6 43.05 7.83 27.46
C GLN B 6 44.26 6.92 27.73
N THR B 7 45.44 7.31 27.22
CA THR B 7 46.68 6.52 27.44
C THR B 7 47.21 6.83 28.84
N PRO B 8 48.04 5.96 29.48
CA PRO B 8 48.63 6.24 30.78
C PRO B 8 49.08 7.70 30.97
N ILE B 9 48.66 8.32 32.08
CA ILE B 9 48.97 9.76 32.33
C ILE B 9 50.49 9.99 32.27
N SER B 10 51.26 9.22 33.04
CA SER B 10 52.74 9.43 33.10
C SER B 10 53.36 9.25 31.71
N LEU B 11 54.11 10.26 31.24
CA LEU B 11 54.81 10.15 29.93
C LEU B 11 56.12 10.94 30.00
N PRO B 12 57.23 10.35 30.51
CA PRO B 12 58.53 11.03 30.59
C PRO B 12 59.22 11.04 29.23
N VAL B 13 59.29 12.21 28.58
CA VAL B 13 59.88 12.30 27.21
C VAL B 13 60.94 13.41 27.17
N THR B 14 62.15 13.10 26.71
CA THR B 14 63.19 14.15 26.54
C THR B 14 62.94 14.90 25.24
N PRO B 15 63.19 16.23 25.15
CA PRO B 15 63.05 16.96 23.89
C PRO B 15 63.83 16.25 22.77
N GLY B 16 63.15 15.87 21.69
CA GLY B 16 63.81 15.18 20.56
C GLY B 16 63.29 13.76 20.38
N GLU B 17 62.38 13.32 21.25
CA GLU B 17 61.77 11.96 21.12
C GLU B 17 60.34 12.09 20.57
N PRO B 18 60.06 11.60 19.34
CA PRO B 18 58.71 11.64 18.78
C PRO B 18 57.68 11.09 19.78
N ALA B 19 56.78 11.95 20.27
CA ALA B 19 55.81 11.51 21.27
C ALA B 19 54.59 10.93 20.58
N SER B 20 54.27 9.67 20.91
CA SER B 20 53.13 8.94 20.36
C SER B 20 52.13 8.70 21.49
N MET B 21 51.29 9.69 21.74
CA MET B 21 50.29 9.57 22.80
C MET B 21 48.91 9.32 22.18
N SER B 22 48.07 8.58 22.90
CA SER B 22 46.85 8.02 22.34
C SER B 22 45.60 8.48 23.08
N CYS B 23 44.47 8.43 22.36
CA CYS B 23 43.15 8.59 22.93
C CYS B 23 42.21 7.66 22.18
N ARG B 24 41.40 6.91 22.93
CA ARG B 24 40.56 5.86 22.35
C ARG B 24 39.09 6.16 22.63
N SER B 25 38.26 6.00 21.61
CA SER B 25 36.84 6.29 21.71
C SER B 25 36.07 5.02 22.14
N SER B 26 34.74 5.14 22.13
CA SER B 26 33.86 4.02 22.46
C SER B 26 32.71 3.89 21.48
N GLN B 27 32.62 4.77 20.48
CA GLN B 27 31.55 4.74 19.49
C GLN B 27 32.05 5.49 18.27
N SER B 28 31.39 5.27 17.14
CA SER B 28 31.76 5.93 15.90
C SER B 28 31.39 7.41 15.97
N LEU B 29 32.40 8.28 15.95
CA LEU B 29 32.18 9.71 16.07
C LEU B 29 32.05 10.36 14.69
N LEU B 30 31.12 9.82 13.91
CA LEU B 30 30.85 10.29 12.55
C LEU B 30 29.45 10.90 12.56
N HIS B 31 29.38 12.23 12.59
CA HIS B 31 28.10 12.92 12.57
C HIS B 31 27.46 12.82 11.19
N SER B 32 26.16 13.10 11.12
CA SER B 32 25.40 12.92 9.89
C SER B 32 25.87 13.86 8.78
N ASP B 33 26.43 15.02 9.14
CA ASP B 33 26.91 15.94 8.11
C ASP B 33 28.18 15.42 7.44
N GLY B 34 28.97 14.61 8.14
CA GLY B 34 30.15 14.01 7.56
C GLY B 34 31.43 14.21 8.34
N ARG B 35 31.56 15.36 9.01
CA ARG B 35 32.79 15.68 9.72
C ARG B 35 32.93 14.84 10.98
N THR B 36 34.18 14.47 11.29
CA THR B 36 34.51 13.76 12.52
C THR B 36 35.13 14.73 13.50
N TYR B 37 34.56 14.81 14.70
CA TYR B 37 34.90 15.86 15.67
C TYR B 37 35.78 15.28 16.78
N LEU B 38 37.03 15.73 16.82
CA LEU B 38 37.91 15.50 17.95
C LEU B 38 38.76 16.74 18.15
N PHE B 39 38.97 17.13 19.41
CA PHE B 39 39.76 18.30 19.75
C PHE B 39 40.83 17.92 20.78
N TRP B 40 42.06 18.37 20.53
CA TRP B 40 43.19 18.12 21.42
C TRP B 40 43.49 19.41 22.18
N TYR B 41 43.14 19.46 23.46
CA TYR B 41 43.33 20.64 24.30
C TYR B 41 44.57 20.46 25.16
N LEU B 42 45.58 21.29 24.91
CA LEU B 42 46.76 21.34 25.75
C LEU B 42 46.71 22.55 26.67
N LEU B 43 46.98 22.31 27.95
CA LEU B 43 47.00 23.36 28.96
C LEU B 43 48.43 23.61 29.38
N ARG B 44 48.99 24.76 28.94
CA ARG B 44 50.30 25.18 29.44
C ARG B 44 50.14 25.84 30.80
N PRO B 45 51.16 25.76 31.66
CA PRO B 45 51.10 26.46 32.95
C PRO B 45 51.03 27.97 32.75
N ALA B 46 50.11 28.59 33.49
CA ALA B 46 49.87 30.04 33.46
C ALA B 46 49.59 30.55 32.04
N GLN B 47 48.78 29.78 31.31
CA GLN B 47 48.46 30.14 29.93
C GLN B 47 47.09 29.54 29.58
N ALA B 48 46.44 30.15 28.59
CA ALA B 48 45.13 29.68 28.17
C ALA B 48 45.25 28.33 27.46
N PRO B 49 44.25 27.46 27.60
CA PRO B 49 44.31 26.16 26.88
C PRO B 49 44.33 26.31 25.37
N GLN B 50 43.69 27.34 24.82
CA GLN B 50 43.58 27.60 23.38
C GLN B 50 42.88 26.40 22.72
N LEU B 51 43.20 26.14 21.46
CA LEU B 51 42.57 25.04 20.73
C LEU B 51 43.56 24.00 20.23
N LEU B 52 44.68 24.43 19.66
CA LEU B 52 45.74 23.56 19.10
C LEU B 52 45.11 22.69 18.01
N VAL B 53 45.35 21.38 18.00
CA VAL B 53 44.82 20.51 16.95
C VAL B 53 43.33 20.31 17.15
N HIS B 54 42.56 20.50 16.07
CA HIS B 54 41.08 20.35 16.16
C HIS B 54 40.55 19.46 15.01
N ASP B 55 39.28 19.06 15.09
CA ASP B 55 38.66 18.22 14.03
C ASP B 55 39.63 17.10 13.62
N VAL B 56 40.20 16.38 14.61
CA VAL B 56 41.17 15.26 14.35
C VAL B 56 42.50 15.81 13.81
N SER B 57 42.47 16.54 12.68
CA SER B 57 43.68 16.77 11.86
C SER B 57 43.91 18.27 11.62
N LYS B 58 42.86 19.01 11.26
CA LYS B 58 43.00 20.46 10.94
C LYS B 58 43.65 21.22 12.10
N ARG B 59 44.58 22.13 11.79
CA ARG B 59 45.28 22.91 12.85
C ARG B 59 45.29 24.39 12.45
N ALA B 60 44.09 24.98 12.28
CA ALA B 60 43.99 26.41 11.90
C ALA B 60 44.12 27.29 13.14
N SER B 61 45.29 27.28 13.79
CA SER B 61 45.53 28.10 15.01
C SER B 61 46.94 28.69 14.94
N GLY B 62 47.22 29.71 15.78
CA GLY B 62 48.58 30.29 15.83
C GLY B 62 49.50 29.41 16.65
N VAL B 63 49.80 28.20 16.16
CA VAL B 63 50.63 27.23 16.94
C VAL B 63 51.76 26.70 16.04
N PRO B 64 52.89 26.22 16.61
CA PRO B 64 53.99 25.65 15.80
C PRO B 64 53.58 24.36 15.07
N GLU B 65 54.28 24.06 13.98
CA GLU B 65 53.84 23.03 12.99
C GLU B 65 54.34 21.64 13.40
N ARG B 66 55.01 21.53 14.56
CA ARG B 66 55.53 20.23 15.05
C ARG B 66 54.36 19.23 15.18
N PHE B 67 53.24 19.69 15.76
CA PHE B 67 52.04 18.81 15.92
C PHE B 67 51.39 18.58 14.55
N SER B 68 51.14 17.31 14.21
CA SER B 68 50.45 16.99 12.93
C SER B 68 49.16 16.21 13.23
N GLY B 69 48.03 16.67 12.69
CA GLY B 69 46.75 16.03 12.94
C GLY B 69 46.60 14.70 12.23
N SER B 70 46.55 13.61 13.00
CA SER B 70 46.36 12.28 12.44
C SER B 70 45.50 11.45 13.38
N GLY B 71 44.79 10.48 12.83
CA GLY B 71 43.95 9.61 13.63
C GLY B 71 43.05 8.77 12.74
N SER B 72 42.10 8.10 13.39
CA SER B 72 41.13 7.25 12.71
C SER B 72 39.76 7.43 13.36
N ASP B 73 38.82 6.54 13.04
CA ASP B 73 37.49 6.60 13.64
C ASP B 73 37.43 6.03 15.06
N THR B 74 38.40 5.20 15.45
CA THR B 74 38.43 4.62 16.79
C THR B 74 39.69 5.00 17.55
N ASP B 75 40.85 4.89 16.93
CA ASP B 75 42.13 5.21 17.56
C ASP B 75 42.60 6.58 17.09
N PHE B 76 43.12 7.38 18.01
CA PHE B 76 43.59 8.72 17.72
C PHE B 76 45.04 8.83 18.16
N THR B 77 45.95 8.94 17.21
CA THR B 77 47.38 9.07 17.51
C THR B 77 47.95 10.19 16.66
N LEU B 78 48.10 11.37 17.25
CA LEU B 78 48.73 12.49 16.55
C LEU B 78 50.25 12.40 16.69
N LYS B 79 50.94 12.92 15.68
CA LYS B 79 52.38 12.76 15.55
C LYS B 79 53.07 14.11 15.69
N ILE B 80 54.15 14.12 16.47
CA ILE B 80 54.96 15.31 16.71
C ILE B 80 56.39 14.98 16.30
N SER B 81 56.97 15.80 15.42
CA SER B 81 58.35 15.63 14.99
C SER B 81 59.17 16.83 15.44
N ARG B 82 60.46 16.59 15.74
CA ARG B 82 61.39 17.58 16.26
C ARG B 82 60.81 18.17 17.56
N VAL B 83 60.71 17.34 18.58
CA VAL B 83 60.11 17.73 19.85
C VAL B 83 61.08 18.62 20.62
N GLU B 84 60.58 19.75 21.10
CA GLU B 84 61.35 20.70 21.88
C GLU B 84 60.89 20.67 23.33
N ALA B 85 61.46 21.55 24.16
CA ALA B 85 61.08 21.64 25.55
C ALA B 85 59.78 22.41 25.77
N GLU B 86 59.25 23.05 24.73
CA GLU B 86 57.99 23.77 24.85
C GLU B 86 56.82 22.81 24.98
N ASP B 87 56.89 21.66 24.32
CA ASP B 87 55.77 20.71 24.25
C ASP B 87 55.66 19.95 25.58
N VAL B 88 55.24 20.67 26.62
CA VAL B 88 55.09 20.13 27.96
C VAL B 88 53.72 20.53 28.48
N GLY B 89 52.94 19.54 28.92
CA GLY B 89 51.64 19.82 29.50
C GLY B 89 50.74 18.61 29.45
N SER B 90 49.48 18.85 29.81
CA SER B 90 48.48 17.79 29.88
C SER B 90 47.48 17.95 28.74
N TYR B 91 47.24 16.87 28.01
CA TYR B 91 46.33 16.90 26.87
C TYR B 91 44.96 16.36 27.28
N TYR B 92 43.91 16.77 26.56
CA TYR B 92 42.54 16.34 26.83
C TYR B 92 41.81 16.22 25.49
N CYS B 93 41.35 15.01 25.17
CA CYS B 93 40.61 14.76 23.95
C CYS B 93 39.11 14.81 24.21
N MET B 94 38.39 15.54 23.36
CA MET B 94 36.94 15.70 23.47
C MET B 94 36.25 15.22 22.20
N GLN B 95 35.09 14.60 22.37
CA GLN B 95 34.17 14.35 21.27
C GLN B 95 33.31 15.59 21.02
N GLY B 96 32.71 15.64 19.84
CA GLY B 96 31.86 16.76 19.50
C GLY B 96 30.65 16.37 18.68
N THR B 97 30.42 15.07 18.52
CA THR B 97 29.34 14.57 17.68
C THR B 97 28.06 14.25 18.45
N GLN B 98 28.09 14.28 19.78
CA GLN B 98 26.92 13.92 20.56
C GLN B 98 27.03 14.51 21.95
N LEU B 99 25.96 15.18 22.40
CA LEU B 99 25.92 15.69 23.76
C LEU B 99 25.72 14.53 24.74
N PRO B 100 26.26 14.61 25.96
CA PRO B 100 27.11 15.68 26.52
C PRO B 100 28.55 15.61 26.01
N LEU B 101 29.26 16.74 26.08
CA LEU B 101 30.66 16.78 25.69
C LEU B 101 31.49 16.18 26.81
N THR B 102 32.16 15.06 26.52
CA THR B 102 32.90 14.31 27.52
C THR B 102 34.40 14.50 27.29
N PHE B 103 35.12 14.81 28.36
CA PHE B 103 36.55 15.03 28.30
C PHE B 103 37.31 13.69 28.37
N GLY B 104 38.63 13.77 28.36
CA GLY B 104 39.48 12.62 28.53
C GLY B 104 40.02 12.50 29.95
N GLY B 105 40.83 11.46 30.15
CA GLY B 105 41.46 11.23 31.44
C GLY B 105 42.56 12.23 31.74
N GLY B 106 43.58 12.26 30.89
CA GLY B 106 44.70 13.16 31.06
C GLY B 106 46.01 12.45 30.78
N THR B 107 46.96 13.20 30.22
CA THR B 107 48.28 12.65 29.87
C THR B 107 49.32 13.71 30.21
N ASN B 108 50.03 13.51 31.31
CA ASN B 108 51.03 14.46 31.76
C ASN B 108 52.36 14.18 31.07
N VAL B 109 53.02 15.24 30.59
CA VAL B 109 54.30 15.15 29.92
C VAL B 109 55.32 15.96 30.72
N GLU B 110 56.42 15.32 31.10
CA GLU B 110 57.48 15.96 31.87
C GLU B 110 58.84 15.62 31.27
N ILE B 111 59.81 16.51 31.49
CA ILE B 111 61.15 16.31 30.99
C ILE B 111 61.88 15.31 31.89
N LYS B 112 62.39 14.25 31.26
CA LYS B 112 63.11 13.21 32.01
C LYS B 112 64.61 13.29 31.74
N GLU C 2 33.07 39.87 -8.58
CA GLU C 2 32.57 41.04 -9.30
C GLU C 2 31.05 41.05 -9.38
N ASN C 3 30.41 41.02 -8.21
CA ASN C 3 28.95 41.00 -8.07
C ASN C 3 28.35 39.79 -8.80
N LEU C 4 28.74 38.61 -8.35
CA LEU C 4 28.24 37.36 -8.88
C LEU C 4 27.48 36.61 -7.79
N TRP C 5 26.28 36.15 -8.12
CA TRP C 5 25.38 35.54 -7.15
C TRP C 5 24.82 34.23 -7.69
N VAL C 6 24.35 33.39 -6.77
CA VAL C 6 23.88 32.05 -7.12
C VAL C 6 22.54 32.16 -7.84
N THR C 7 22.41 31.45 -8.96
CA THR C 7 21.18 31.40 -9.73
C THR C 7 20.77 29.95 -9.91
N VAL C 8 19.49 29.66 -9.68
CA VAL C 8 18.97 28.30 -9.77
C VAL C 8 18.27 28.12 -11.11
N TYR C 9 18.67 27.07 -11.85
CA TYR C 9 18.02 26.70 -13.10
C TYR C 9 17.40 25.32 -12.93
N TYR C 10 16.19 25.17 -13.48
CA TYR C 10 15.44 23.91 -13.39
C TYR C 10 15.16 23.40 -14.80
N GLY C 11 15.55 22.15 -15.05
CA GLY C 11 15.37 21.54 -16.35
C GLY C 11 16.60 21.46 -17.21
N VAL C 12 17.79 21.47 -16.63
CA VAL C 12 19.04 21.44 -17.39
C VAL C 12 19.27 20.05 -17.96
N PRO C 13 19.90 19.92 -19.13
CA PRO C 13 20.16 18.58 -19.74
C PRO C 13 21.37 17.88 -19.15
N VAL C 14 21.19 17.29 -17.97
CA VAL C 14 22.23 16.53 -17.28
C VAL C 14 21.67 15.15 -16.98
N TRP C 15 22.46 14.11 -17.24
CA TRP C 15 22.05 12.74 -16.98
C TRP C 15 23.15 11.99 -16.24
N LYS C 16 22.76 10.96 -15.51
CA LYS C 16 23.68 10.08 -14.81
C LYS C 16 23.21 8.64 -14.94
N ASP C 17 24.16 7.71 -14.82
CA ASP C 17 23.85 6.29 -14.96
C ASP C 17 23.00 5.81 -13.78
N ALA C 18 22.00 4.99 -14.10
CA ALA C 18 21.11 4.43 -13.09
C ALA C 18 20.45 3.18 -13.64
N GLU C 19 19.82 2.43 -12.75
CA GLU C 19 19.11 1.20 -13.10
C GLU C 19 17.64 1.32 -12.71
N THR C 20 16.76 0.91 -13.62
CA THR C 20 15.33 1.01 -13.39
C THR C 20 14.66 -0.23 -14.01
N THR C 21 13.33 -0.24 -14.00
CA THR C 21 12.53 -1.32 -14.54
C THR C 21 11.81 -0.83 -15.79
N LEU C 22 11.93 -1.57 -16.88
CA LEU C 22 11.35 -1.18 -18.15
C LEU C 22 10.05 -1.97 -18.39
N PHE C 23 9.27 -1.50 -19.37
CA PHE C 23 8.01 -2.16 -19.69
C PHE C 23 7.91 -2.49 -21.18
N CYS C 24 6.73 -2.91 -21.62
CA CYS C 24 6.55 -3.42 -22.97
C CYS C 24 6.21 -2.32 -23.97
N ALA C 25 6.23 -2.71 -25.24
CA ALA C 25 5.61 -1.97 -26.34
C ALA C 25 5.45 -2.95 -27.48
N SER C 26 4.22 -3.24 -27.88
CA SER C 26 3.95 -4.29 -28.85
C SER C 26 3.22 -3.73 -30.05
N ASP C 27 3.61 -4.21 -31.24
CA ASP C 27 2.95 -3.80 -32.47
C ASP C 27 1.52 -4.32 -32.52
N ALA C 28 0.62 -3.51 -33.06
CA ALA C 28 -0.80 -3.84 -33.11
C ALA C 28 -1.18 -4.65 -34.34
N LYS C 29 -0.23 -5.00 -35.19
CA LYS C 29 -0.54 -5.79 -36.39
C LYS C 29 -0.99 -7.20 -36.02
N ALA C 30 -0.23 -7.87 -35.16
CA ALA C 30 -0.56 -9.21 -34.70
C ALA C 30 -1.00 -9.24 -33.24
N TYR C 31 -1.27 -8.08 -32.65
CA TYR C 31 -1.67 -8.01 -31.25
C TYR C 31 -3.12 -8.47 -31.05
N GLU C 32 -3.96 -8.29 -32.05
CA GLU C 32 -5.40 -8.57 -31.94
C GLU C 32 -5.78 -9.98 -32.34
N THR C 33 -4.83 -10.80 -32.80
CA THR C 33 -5.17 -12.14 -33.23
C THR C 33 -5.49 -13.04 -32.02
N GLU C 34 -6.27 -14.08 -32.27
CA GLU C 34 -6.67 -15.02 -31.24
C GLU C 34 -5.73 -16.22 -31.17
N LYS C 35 -4.43 -15.95 -31.06
CA LYS C 35 -3.42 -16.98 -30.90
C LYS C 35 -2.64 -16.71 -29.63
N HIS C 36 -2.56 -17.72 -28.76
CA HIS C 36 -1.87 -17.59 -27.49
C HIS C 36 -0.40 -17.94 -27.65
N ASN C 37 0.46 -17.10 -27.07
CA ASN C 37 1.90 -17.31 -27.09
C ASN C 37 2.40 -17.46 -25.66
N VAL C 38 3.52 -18.19 -25.51
CA VAL C 38 4.13 -18.35 -24.19
C VAL C 38 4.66 -17.02 -23.67
N TRP C 39 4.95 -16.06 -24.55
CA TRP C 39 5.33 -14.71 -24.16
C TRP C 39 4.08 -13.84 -24.28
N ALA C 40 3.59 -13.36 -23.13
CA ALA C 40 2.28 -12.72 -23.05
C ALA C 40 2.26 -11.39 -23.77
N THR C 41 1.13 -11.09 -24.40
CA THR C 41 0.88 -9.80 -25.03
C THR C 41 -0.26 -9.02 -24.42
N HIS C 42 -1.16 -9.69 -23.68
CA HIS C 42 -2.27 -9.00 -23.04
C HIS C 42 -1.84 -8.07 -21.92
N ALA C 43 -0.63 -8.23 -21.39
CA ALA C 43 -0.12 -7.37 -20.34
C ALA C 43 0.83 -6.30 -20.86
N CYS C 44 1.03 -6.20 -22.17
CA CYS C 44 1.94 -5.22 -22.75
C CYS C 44 1.14 -4.16 -23.50
N VAL C 45 1.47 -2.90 -23.26
CA VAL C 45 0.78 -1.78 -23.88
C VAL C 45 1.13 -1.72 -25.36
N PRO C 46 0.23 -1.23 -26.22
CA PRO C 46 0.59 -1.03 -27.64
C PRO C 46 1.69 -0.01 -27.81
N THR C 47 2.51 -0.22 -28.85
CA THR C 47 3.62 0.67 -29.12
C THR C 47 3.14 1.94 -29.82
N ASP C 48 4.02 2.94 -29.87
CA ASP C 48 3.71 4.17 -30.57
C ASP C 48 3.65 3.92 -32.07
N PRO C 49 2.81 4.64 -32.81
CA PRO C 49 2.74 4.44 -34.27
C PRO C 49 4.05 4.69 -35.00
N ASN C 50 4.86 5.64 -34.53
CA ASN C 50 6.13 5.96 -35.16
C ASN C 50 7.14 6.32 -34.08
N PRO C 51 8.37 5.83 -34.18
CA PRO C 51 9.38 6.15 -33.18
C PRO C 51 9.86 7.60 -33.32
N GLN C 52 10.40 8.11 -32.22
CA GLN C 52 10.90 9.48 -32.15
C GLN C 52 12.41 9.41 -31.93
N GLU C 53 13.17 9.62 -32.99
CA GLU C 53 14.63 9.57 -32.96
C GLU C 53 15.17 11.00 -32.87
N ILE C 54 16.00 11.25 -31.86
CA ILE C 54 16.62 12.55 -31.65
C ILE C 54 18.13 12.36 -31.68
N HIS C 55 18.81 13.11 -32.54
CA HIS C 55 20.25 13.01 -32.69
C HIS C 55 20.92 14.03 -31.77
N LEU C 56 22.00 13.60 -31.11
CA LEU C 56 22.74 14.46 -30.19
C LEU C 56 24.07 14.84 -30.83
N GLU C 57 24.30 16.15 -30.95
CA GLU C 57 25.57 16.65 -31.44
C GLU C 57 26.49 16.96 -30.27
N ASN C 58 27.79 16.78 -30.51
CA ASN C 58 28.87 17.09 -29.56
C ASN C 58 28.80 16.27 -28.29
N VAL C 59 28.10 15.13 -28.29
CA VAL C 59 27.94 14.28 -27.12
C VAL C 59 28.75 13.01 -27.31
N THR C 60 29.58 12.68 -26.32
CA THR C 60 30.43 11.50 -26.36
C THR C 60 30.24 10.72 -25.06
N GLU C 61 29.48 9.62 -25.13
CA GLU C 61 29.22 8.78 -23.98
C GLU C 61 30.04 7.50 -24.03
N GLU C 62 30.13 6.84 -22.89
CA GLU C 62 30.88 5.59 -22.76
C GLU C 62 29.92 4.43 -22.52
N PHE C 63 30.05 3.40 -23.34
CA PHE C 63 29.19 2.22 -23.28
C PHE C 63 29.99 1.01 -22.81
N ASN C 64 29.26 0.00 -22.33
CA ASN C 64 29.88 -1.24 -21.89
C ASN C 64 28.85 -2.36 -22.03
N MET C 65 29.05 -3.24 -23.02
CA MET C 65 28.10 -4.31 -23.30
C MET C 65 28.15 -5.44 -22.28
N TRP C 66 29.22 -5.54 -21.49
CA TRP C 66 29.39 -6.66 -20.58
C TRP C 66 28.95 -6.37 -19.16
N LYS C 67 28.48 -5.16 -18.87
CA LYS C 67 28.00 -4.77 -17.56
C LYS C 67 26.68 -4.03 -17.67
N ASN C 68 25.76 -4.60 -18.44
CA ASN C 68 24.46 -4.00 -18.70
C ASN C 68 23.40 -4.74 -17.91
N ASN C 69 22.55 -3.99 -17.20
CA ASN C 69 21.46 -4.58 -16.43
C ASN C 69 20.27 -4.97 -17.28
N MET C 70 20.18 -4.46 -18.51
CA MET C 70 19.06 -4.79 -19.38
C MET C 70 19.05 -6.27 -19.74
N VAL C 71 20.24 -6.87 -19.89
CA VAL C 71 20.34 -8.29 -20.19
C VAL C 71 19.79 -9.13 -19.03
N GLU C 72 20.16 -8.77 -17.80
CA GLU C 72 19.67 -9.48 -16.63
C GLU C 72 18.16 -9.31 -16.46
N GLN C 73 17.64 -8.11 -16.68
CA GLN C 73 16.20 -7.90 -16.58
C GLN C 73 15.45 -8.69 -17.65
N MET C 74 15.98 -8.73 -18.88
CA MET C 74 15.36 -9.52 -19.94
C MET C 74 15.37 -11.00 -19.60
N HIS C 75 16.48 -11.50 -19.04
CA HIS C 75 16.55 -12.91 -18.66
C HIS C 75 15.52 -13.24 -17.58
N THR C 76 15.40 -12.36 -16.58
CA THR C 76 14.42 -12.58 -15.52
C THR C 76 12.99 -12.56 -16.05
N ASP C 77 12.68 -11.61 -16.94
CA ASP C 77 11.33 -11.54 -17.50
C ASP C 77 11.01 -12.75 -18.36
N ILE C 78 11.97 -13.21 -19.17
CA ILE C 78 11.73 -14.38 -20.02
C ILE C 78 11.51 -15.62 -19.17
N ILE C 79 12.33 -15.80 -18.12
CA ILE C 79 12.16 -16.95 -17.24
C ILE C 79 10.81 -16.91 -16.54
N SER C 80 10.42 -15.72 -16.06
CA SER C 80 9.12 -15.57 -15.38
C SER C 80 7.96 -15.86 -16.32
N LEU C 81 8.04 -15.37 -17.56
CA LEU C 81 6.99 -15.64 -18.54
C LEU C 81 6.89 -17.13 -18.85
N TRP C 82 8.04 -17.81 -19.00
CA TRP C 82 8.03 -19.23 -19.27
C TRP C 82 7.44 -20.01 -18.09
N ASP C 83 7.77 -19.62 -16.87
CA ASP C 83 7.20 -20.28 -15.70
C ASP C 83 5.69 -20.05 -15.60
N GLN C 84 5.25 -18.83 -15.93
CA GLN C 84 3.83 -18.52 -15.83
C GLN C 84 3.00 -19.16 -16.93
N SER C 85 3.59 -19.46 -18.08
CA SER C 85 2.84 -19.98 -19.21
C SER C 85 2.43 -21.44 -19.05
N LEU C 86 2.97 -22.17 -18.07
CA LEU C 86 2.72 -23.60 -17.93
C LEU C 86 1.83 -23.94 -16.74
N LYS C 87 1.19 -22.95 -16.14
CA LYS C 87 0.40 -23.18 -14.92
C LYS C 87 -0.99 -23.79 -15.13
N PRO C 88 -1.88 -23.20 -15.95
CA PRO C 88 -3.32 -23.51 -15.77
C PRO C 88 -3.75 -24.88 -16.28
N CYS C 89 -2.87 -25.68 -16.87
CA CYS C 89 -3.31 -26.89 -17.56
C CYS C 89 -2.54 -28.14 -17.11
N VAL C 90 -2.66 -29.21 -17.90
CA VAL C 90 -2.50 -30.59 -17.41
C VAL C 90 -1.11 -30.85 -16.85
N LYS C 91 -1.08 -31.51 -15.68
CA LYS C 91 0.14 -32.00 -15.05
C LYS C 91 0.20 -33.51 -15.21
N LEU C 92 1.34 -34.03 -15.68
CA LEU C 92 1.48 -35.45 -15.99
C LEU C 92 2.09 -36.22 -14.82
N THR C 93 1.38 -36.23 -13.69
CA THR C 93 1.83 -37.04 -12.57
C THR C 93 1.60 -38.57 -12.67
N PRO C 94 0.55 -39.10 -13.28
CA PRO C 94 0.36 -40.56 -13.23
C PRO C 94 1.12 -41.34 -14.30
N LEU C 95 2.08 -40.72 -14.99
CA LEU C 95 2.84 -41.38 -16.05
C LEU C 95 4.05 -42.13 -15.53
N CYS C 96 4.32 -42.10 -14.23
CA CYS C 96 5.45 -42.82 -13.65
C CYS C 96 5.02 -44.24 -13.32
N VAL C 97 4.96 -45.06 -14.38
CA VAL C 97 4.64 -46.48 -14.26
C VAL C 97 5.68 -47.25 -15.06
N THR C 98 5.74 -48.56 -14.81
CA THR C 98 6.63 -49.41 -15.58
C THR C 98 6.09 -49.61 -16.99
N LEU C 99 7.00 -49.83 -17.93
CA LEU C 99 6.67 -49.94 -19.34
C LEU C 99 7.17 -51.26 -19.90
N GLN C 100 6.52 -51.73 -20.96
CA GLN C 100 6.91 -52.93 -21.69
C GLN C 100 7.26 -52.49 -23.10
N CYS C 101 8.52 -52.11 -23.30
CA CYS C 101 8.96 -51.50 -24.55
C CYS C 101 9.62 -52.52 -25.46
N THR C 102 9.39 -52.36 -26.77
CA THR C 102 10.00 -53.21 -27.78
C THR C 102 10.37 -52.35 -28.99
N ASN C 103 11.26 -52.89 -29.83
CA ASN C 103 11.74 -52.15 -30.99
C ASN C 103 10.64 -51.98 -32.03
N VAL C 104 10.61 -50.81 -32.66
CA VAL C 104 9.56 -50.50 -33.64
C VAL C 104 9.76 -51.33 -34.91
N THR C 105 11.00 -51.39 -35.40
CA THR C 105 11.36 -52.01 -36.68
C THR C 105 10.53 -51.44 -37.82
N ASN C 106 9.82 -52.30 -38.55
CA ASN C 106 9.03 -51.96 -39.74
C ASN C 106 9.98 -51.33 -40.75
N ASN C 107 9.81 -50.06 -41.13
CA ASN C 107 10.69 -49.43 -42.10
C ASN C 107 11.83 -48.74 -41.37
N ILE C 108 13.04 -49.27 -41.50
CA ILE C 108 14.22 -48.67 -40.88
C ILE C 108 15.27 -48.41 -41.95
N THR C 109 15.47 -47.13 -42.28
CA THR C 109 16.47 -46.78 -43.28
C THR C 109 17.88 -46.98 -42.74
N ASP C 110 18.09 -46.71 -41.45
CA ASP C 110 19.39 -46.81 -40.78
C ASP C 110 20.47 -45.97 -41.48
N MET C 112 18.10 -44.91 -38.21
CA MET C 112 17.32 -44.94 -36.98
C MET C 112 16.98 -46.35 -36.54
N ARG C 113 17.97 -47.08 -36.04
CA ARG C 113 17.75 -48.46 -35.64
C ARG C 113 16.98 -48.54 -34.32
N GLY C 114 17.55 -48.00 -33.26
CA GLY C 114 16.93 -48.09 -31.94
C GLY C 114 16.43 -46.77 -31.41
N GLU C 115 16.18 -45.80 -32.29
CA GLU C 115 15.74 -44.47 -31.86
C GLU C 115 14.33 -44.52 -31.29
N LEU C 116 13.41 -45.20 -31.96
CA LEU C 116 12.02 -45.26 -31.55
C LEU C 116 11.73 -46.59 -30.84
N LYS C 117 10.82 -46.53 -29.86
CA LYS C 117 10.45 -47.70 -29.08
C LYS C 117 8.93 -47.78 -28.94
N ASN C 118 8.40 -49.00 -29.01
CA ASN C 118 6.98 -49.26 -28.88
C ASN C 118 6.71 -49.76 -27.46
N CYS C 119 6.10 -48.91 -26.64
CA CYS C 119 5.90 -49.19 -25.22
C CYS C 119 4.42 -49.32 -24.89
N SER C 120 4.10 -50.23 -23.99
CA SER C 120 2.74 -50.43 -23.50
C SER C 120 2.74 -50.34 -21.98
N PHE C 121 1.64 -49.83 -21.42
CA PHE C 121 1.56 -49.60 -19.99
C PHE C 121 0.09 -49.55 -19.58
N ASN C 122 -0.11 -49.52 -18.25
CA ASN C 122 -1.44 -49.41 -17.66
C ASN C 122 -1.67 -47.97 -17.23
N MET C 123 -2.82 -47.42 -17.58
CA MET C 123 -3.15 -46.03 -17.28
C MET C 123 -4.54 -45.94 -16.66
N THR C 124 -4.69 -44.99 -15.75
CA THR C 124 -5.99 -44.73 -15.13
C THR C 124 -6.94 -44.08 -16.13
N THR C 125 -8.23 -44.20 -15.84
CA THR C 125 -9.29 -43.65 -16.68
C THR C 125 -10.08 -42.62 -15.86
N GLU C 126 -11.18 -42.15 -16.44
CA GLU C 126 -12.02 -41.16 -15.76
C GLU C 126 -12.62 -41.72 -14.48
N LEU C 127 -13.09 -42.96 -14.52
CA LEU C 127 -13.59 -43.61 -13.33
C LEU C 127 -12.43 -44.02 -12.42
N ARG C 128 -12.64 -43.87 -11.11
CA ARG C 128 -11.53 -44.06 -10.17
C ARG C 128 -11.15 -45.54 -10.01
N ASP C 129 -12.11 -46.45 -10.16
CA ASP C 129 -11.88 -47.86 -9.86
C ASP C 129 -11.63 -48.71 -11.11
N LYS C 130 -11.36 -48.07 -12.25
CA LYS C 130 -11.11 -48.81 -13.48
C LYS C 130 -9.79 -48.35 -14.09
N LYS C 131 -9.21 -49.25 -14.90
CA LYS C 131 -7.94 -48.99 -15.58
C LYS C 131 -8.05 -49.38 -17.05
N GLN C 132 -7.20 -48.79 -17.87
CA GLN C 132 -7.15 -49.06 -19.29
C GLN C 132 -5.72 -49.37 -19.71
N LYS C 133 -5.59 -50.16 -20.77
CA LYS C 133 -4.29 -50.52 -21.32
C LYS C 133 -4.12 -49.84 -22.67
N VAL C 134 -3.11 -48.97 -22.78
CA VAL C 134 -2.82 -48.23 -23.99
C VAL C 134 -1.35 -48.41 -24.35
N TYR C 135 -0.99 -47.95 -25.54
CA TYR C 135 0.38 -48.02 -26.01
C TYR C 135 0.78 -46.68 -26.63
N SER C 136 2.07 -46.43 -26.67
CA SER C 136 2.59 -45.18 -27.22
C SER C 136 4.02 -45.41 -27.69
N LEU C 137 4.49 -44.47 -28.52
CA LEU C 137 5.85 -44.50 -29.06
C LEU C 137 6.70 -43.46 -28.36
N PHE C 138 7.86 -43.90 -27.86
CA PHE C 138 8.77 -43.03 -27.13
C PHE C 138 10.15 -43.09 -27.78
N TYR C 139 10.83 -41.95 -27.79
CA TYR C 139 12.20 -41.90 -28.30
C TYR C 139 13.14 -42.61 -27.33
N ARG C 140 14.32 -42.97 -27.83
CA ARG C 140 15.31 -43.65 -27.00
C ARG C 140 15.93 -42.73 -25.96
N LEU C 141 15.84 -41.41 -26.15
CA LEU C 141 16.42 -40.46 -25.22
C LEU C 141 15.49 -40.15 -24.05
N ASP C 142 14.30 -40.74 -24.00
CA ASP C 142 13.34 -40.46 -22.94
C ASP C 142 13.14 -41.63 -21.98
N VAL C 143 13.48 -42.85 -22.38
CA VAL C 143 13.25 -44.03 -21.56
C VAL C 143 14.57 -44.55 -21.02
N VAL C 144 14.52 -45.08 -19.80
CA VAL C 144 15.68 -45.63 -19.11
C VAL C 144 15.34 -47.05 -18.67
N GLN C 145 16.18 -48.00 -19.03
CA GLN C 145 15.93 -49.40 -18.68
C GLN C 145 16.11 -49.63 -17.18
N ILE C 146 15.20 -50.40 -16.61
CA ILE C 146 15.26 -50.81 -15.21
C ILE C 146 15.26 -52.33 -15.14
N ASN C 147 16.15 -52.88 -14.34
CA ASN C 147 16.29 -54.33 -14.22
C ASN C 147 15.50 -54.86 -13.03
N SER C 157 10.73 -60.18 -27.41
CA SER C 157 11.44 -59.63 -26.26
C SER C 157 10.77 -58.35 -25.77
N ASN C 158 10.30 -58.38 -24.52
CA ASN C 158 9.64 -57.23 -23.90
C ASN C 158 10.37 -56.91 -22.59
N LYS C 159 11.23 -55.91 -22.63
CA LYS C 159 11.98 -55.50 -21.45
C LYS C 159 11.21 -54.43 -20.68
N GLU C 160 11.73 -54.07 -19.51
CA GLU C 160 11.08 -53.11 -18.62
C GLU C 160 11.83 -51.79 -18.68
N TYR C 161 11.10 -50.71 -18.94
CA TYR C 161 11.67 -49.37 -19.04
C TYR C 161 10.88 -48.43 -18.15
N ARG C 162 11.38 -47.19 -18.04
CA ARG C 162 10.69 -46.15 -17.28
C ARG C 162 11.13 -44.80 -17.82
N LEU C 163 10.33 -43.78 -17.52
CA LEU C 163 10.64 -42.43 -17.98
C LEU C 163 11.87 -41.88 -17.26
N ILE C 164 12.58 -40.98 -17.93
CA ILE C 164 13.85 -40.50 -17.40
C ILE C 164 13.66 -39.51 -16.25
N ASN C 165 12.47 -38.95 -16.09
CA ASN C 165 12.22 -37.95 -15.06
C ASN C 165 11.48 -38.49 -13.85
N CYS C 166 11.30 -39.80 -13.74
CA CYS C 166 10.47 -40.38 -12.69
C CYS C 166 11.23 -40.58 -11.39
N ASN C 167 12.45 -40.08 -11.27
CA ASN C 167 13.17 -40.09 -10.01
C ASN C 167 13.69 -38.72 -9.61
N THR C 168 13.42 -37.68 -10.40
CA THR C 168 13.80 -36.32 -10.07
C THR C 168 12.61 -35.43 -9.76
N SER C 169 11.61 -35.39 -10.63
CA SER C 169 10.42 -34.57 -10.41
C SER C 169 9.31 -35.01 -11.34
N ALA C 170 8.09 -35.08 -10.79
CA ALA C 170 6.90 -35.18 -11.61
C ALA C 170 6.64 -33.81 -12.24
N CYS C 171 6.57 -33.77 -13.57
CA CYS C 171 6.51 -32.47 -14.29
C CYS C 171 5.16 -32.17 -14.93
N THR C 172 5.07 -31.04 -15.65
CA THR C 172 3.80 -30.59 -16.28
C THR C 172 3.83 -30.81 -17.79
N GLN C 173 2.69 -31.18 -18.39
CA GLN C 173 2.61 -31.32 -19.88
C GLN C 173 2.53 -29.93 -20.50
N ALA C 174 3.21 -29.72 -21.65
CA ALA C 174 3.12 -28.42 -22.35
C ALA C 174 1.67 -28.14 -22.72
N CYS C 175 1.18 -26.93 -22.40
CA CYS C 175 -0.21 -26.54 -22.77
C CYS C 175 -0.35 -26.62 -24.29
N PRO C 176 -1.35 -27.35 -24.83
CA PRO C 176 -1.48 -27.52 -26.29
C PRO C 176 -2.14 -26.32 -27.00
N LYS C 177 -2.52 -25.28 -26.24
CA LYS C 177 -3.22 -24.11 -26.83
C LYS C 177 -2.23 -22.97 -27.08
N VAL C 178 -0.99 -23.10 -26.60
CA VAL C 178 -0.02 -22.03 -26.76
C VAL C 178 0.95 -22.34 -27.89
N SER C 179 1.71 -21.33 -28.30
CA SER C 179 2.67 -21.46 -29.37
C SER C 179 4.04 -20.96 -28.90
N PHE C 180 5.09 -21.48 -29.55
CA PHE C 180 6.47 -21.16 -29.19
C PHE C 180 7.12 -20.21 -30.19
N GLU C 181 6.34 -19.59 -31.06
CA GLU C 181 6.90 -18.72 -32.08
C GLU C 181 7.32 -17.39 -31.47
N PRO C 182 8.57 -16.97 -31.62
CA PRO C 182 9.00 -15.68 -31.05
C PRO C 182 8.34 -14.50 -31.76
N ILE C 183 8.12 -13.44 -31.00
CA ILE C 183 7.54 -12.21 -31.51
C ILE C 183 8.39 -11.04 -31.02
N PRO C 184 8.50 -9.95 -31.78
CA PRO C 184 9.33 -8.82 -31.33
C PRO C 184 8.78 -8.17 -30.08
N ILE C 185 9.70 -7.72 -29.21
CA ILE C 185 9.37 -7.09 -27.94
C ILE C 185 10.21 -5.81 -27.82
N HIS C 186 9.55 -4.70 -27.53
CA HIS C 186 10.23 -3.42 -27.32
C HIS C 186 10.26 -3.13 -25.82
N TYR C 187 11.42 -2.66 -25.33
CA TYR C 187 11.53 -2.26 -23.90
C TYR C 187 11.60 -0.73 -23.82
N CYS C 188 10.78 -0.12 -22.95
CA CYS C 188 10.73 1.36 -22.86
C CYS C 188 11.05 1.84 -21.43
N ALA C 189 11.81 2.94 -21.32
CA ALA C 189 12.19 3.47 -19.98
C ALA C 189 11.05 4.32 -19.41
N PRO C 190 10.90 4.40 -18.06
CA PRO C 190 9.87 5.24 -17.43
C PRO C 190 10.19 6.74 -17.46
N ALA C 191 9.26 7.58 -17.01
CA ALA C 191 9.47 9.05 -16.99
C ALA C 191 10.65 9.38 -16.08
N GLY C 192 11.51 10.33 -16.51
CA GLY C 192 12.71 10.68 -15.71
C GLY C 192 13.91 9.84 -16.13
N PHE C 193 13.71 8.91 -17.08
CA PHE C 193 14.82 8.05 -17.57
C PHE C 193 14.87 8.11 -19.10
N ALA C 194 16.07 8.08 -19.68
CA ALA C 194 16.22 8.13 -21.15
C ALA C 194 17.07 6.96 -21.63
N ILE C 195 16.91 6.56 -22.90
CA ILE C 195 17.74 5.46 -23.48
C ILE C 195 18.70 6.05 -24.51
N LEU C 196 20.01 5.81 -24.36
CA LEU C 196 21.01 6.34 -25.31
C LEU C 196 21.38 5.25 -26.32
N LYS C 197 21.44 5.60 -27.61
CA LYS C 197 21.72 4.60 -28.68
C LYS C 197 23.04 4.96 -29.37
N CYS C 198 24.00 4.04 -29.37
CA CYS C 198 25.29 4.26 -30.08
C CYS C 198 25.11 3.91 -31.56
N LYS C 199 25.32 4.87 -32.45
CA LYS C 199 25.10 4.62 -33.91
C LYS C 199 26.43 4.36 -34.62
N ASP C 200 27.54 4.28 -33.88
CA ASP C 200 28.86 3.96 -34.48
C ASP C 200 28.78 2.57 -35.12
N LYS C 201 29.02 2.48 -36.43
CA LYS C 201 28.95 1.18 -37.15
C LYS C 201 30.07 0.27 -36.66
N LYS C 202 31.29 0.79 -36.58
CA LYS C 202 32.46 -0.02 -36.12
C LYS C 202 32.62 0.14 -34.60
N PHE C 203 31.68 -0.38 -33.82
CA PHE C 203 31.76 -0.30 -32.34
C PHE C 203 31.91 -1.70 -31.76
N ASN C 204 32.87 -1.89 -30.85
CA ASN C 204 33.13 -3.24 -30.27
C ASN C 204 32.28 -3.43 -28.99
N GLY C 205 31.39 -2.49 -28.69
CA GLY C 205 30.49 -2.63 -27.51
C GLY C 205 31.08 -2.01 -26.26
N THR C 206 32.39 -1.78 -26.22
CA THR C 206 33.05 -1.26 -24.99
C THR C 206 33.92 -0.05 -25.35
N GLY C 207 33.62 1.13 -24.78
CA GLY C 207 34.45 2.33 -25.02
C GLY C 207 33.61 3.55 -25.37
N PRO C 208 34.23 4.71 -25.63
CA PRO C 208 33.49 5.93 -26.03
C PRO C 208 32.82 5.79 -27.40
N CYS C 209 31.57 6.25 -27.52
CA CYS C 209 30.85 6.18 -28.81
C CYS C 209 30.70 7.61 -29.37
N PRO C 210 31.21 7.90 -30.58
CA PRO C 210 31.09 9.23 -31.18
C PRO C 210 29.63 9.62 -31.48
N SER C 211 28.88 8.71 -32.09
CA SER C 211 27.47 9.03 -32.48
C SER C 211 26.49 8.59 -31.38
N VAL C 212 26.22 9.46 -30.40
CA VAL C 212 25.21 9.14 -29.35
C VAL C 212 23.87 9.74 -29.78
N SER C 213 22.79 8.97 -29.65
CA SER C 213 21.47 9.45 -30.12
C SER C 213 20.37 9.08 -29.11
N THR C 214 19.63 10.07 -28.60
CA THR C 214 18.51 9.77 -27.66
C THR C 214 17.40 9.04 -28.42
N VAL C 215 17.07 7.81 -27.99
CA VAL C 215 15.97 7.04 -28.64
C VAL C 215 14.86 6.83 -27.60
N GLN C 216 13.60 6.93 -28.02
CA GLN C 216 12.45 6.82 -27.06
C GLN C 216 12.47 5.44 -26.40
N CYS C 217 12.54 4.37 -27.19
CA CYS C 217 12.54 2.99 -26.64
C CYS C 217 13.61 2.15 -27.36
N THR C 218 13.35 0.85 -27.56
CA THR C 218 14.29 0.00 -28.34
C THR C 218 13.55 -0.50 -29.59
N HIS C 219 14.21 -1.31 -30.42
CA HIS C 219 13.52 -1.89 -31.56
C HIS C 219 12.96 -3.27 -31.19
N GLY C 220 12.48 -4.00 -32.19
CA GLY C 220 11.93 -5.32 -31.94
C GLY C 220 13.00 -6.37 -31.72
N ILE C 221 13.05 -6.93 -30.52
CA ILE C 221 14.03 -7.94 -30.14
C ILE C 221 13.28 -9.26 -29.96
N LYS C 222 13.56 -10.22 -30.83
CA LYS C 222 12.90 -11.52 -30.78
C LYS C 222 13.62 -12.43 -29.81
N PRO C 223 12.96 -12.97 -28.78
CA PRO C 223 13.61 -13.90 -27.85
C PRO C 223 13.79 -15.30 -28.44
N VAL C 224 14.83 -15.45 -29.25
CA VAL C 224 15.13 -16.72 -29.91
C VAL C 224 16.11 -17.50 -29.04
N VAL C 225 15.77 -18.74 -28.74
CA VAL C 225 16.58 -19.60 -27.86
C VAL C 225 17.33 -20.59 -28.74
N SER C 226 18.66 -20.52 -28.71
CA SER C 226 19.49 -21.42 -29.49
C SER C 226 20.89 -21.45 -28.87
N THR C 227 21.63 -22.50 -29.20
CA THR C 227 23.01 -22.66 -28.74
C THR C 227 23.91 -22.88 -29.95
N GLN C 228 25.16 -22.43 -29.81
CA GLN C 228 26.27 -22.59 -30.76
C GLN C 228 26.10 -21.76 -32.03
N LEU C 229 24.92 -21.15 -32.21
CA LEU C 229 24.62 -20.32 -33.36
C LEU C 229 23.58 -19.30 -32.95
N LEU C 230 23.48 -18.22 -33.72
CA LEU C 230 22.48 -17.19 -33.50
C LEU C 230 21.52 -17.18 -34.68
N LEU C 231 20.23 -17.30 -34.39
CA LEU C 231 19.21 -17.43 -35.42
C LEU C 231 18.30 -16.20 -35.42
N ASN C 232 18.15 -15.59 -36.60
CA ASN C 232 17.30 -14.41 -36.81
C ASN C 232 17.69 -13.27 -35.88
N GLY C 233 18.96 -12.88 -35.93
CA GLY C 233 19.47 -11.77 -35.16
C GLY C 233 19.58 -10.51 -35.99
N SER C 234 20.45 -9.60 -35.54
CA SER C 234 20.70 -8.34 -36.22
C SER C 234 22.03 -8.41 -36.95
N LEU C 235 22.00 -8.11 -38.24
CA LEU C 235 23.21 -8.16 -39.05
C LEU C 235 24.06 -6.91 -38.83
N ALA C 236 25.32 -7.01 -39.23
CA ALA C 236 26.23 -5.87 -39.16
C ALA C 236 25.99 -4.94 -40.34
N GLU C 237 26.74 -3.84 -40.39
CA GLU C 237 26.58 -2.84 -41.45
C GLU C 237 27.79 -2.72 -42.37
N GLU C 238 29.01 -2.87 -41.85
CA GLU C 238 30.21 -2.72 -42.66
C GLU C 238 30.98 -4.03 -42.82
N GLU C 239 31.37 -4.66 -41.71
CA GLU C 239 32.22 -5.84 -41.74
C GLU C 239 31.81 -6.78 -40.61
N VAL C 240 32.44 -7.95 -40.59
CA VAL C 240 32.21 -8.91 -39.52
C VAL C 240 32.85 -8.40 -38.24
N MET C 241 32.06 -8.35 -37.17
CA MET C 241 32.50 -7.77 -35.91
C MET C 241 32.75 -8.86 -34.88
N ILE C 242 33.91 -8.82 -34.24
CA ILE C 242 34.28 -9.74 -33.18
C ILE C 242 34.35 -8.96 -31.88
N ARG C 243 33.57 -9.37 -30.88
CA ARG C 243 33.46 -8.67 -29.61
C ARG C 243 33.72 -9.65 -28.48
N SER C 244 34.59 -9.25 -27.54
CA SER C 244 34.86 -10.04 -26.36
C SER C 244 35.21 -9.12 -25.21
N GLU C 245 35.00 -9.61 -23.98
CA GLU C 245 35.32 -8.82 -22.80
C GLU C 245 36.82 -8.74 -22.56
N ASN C 246 37.55 -9.83 -22.81
CA ASN C 246 39.00 -9.88 -22.62
C ASN C 246 39.54 -10.87 -23.64
N ILE C 247 40.07 -10.35 -24.76
CA ILE C 247 40.53 -11.22 -25.83
C ILE C 247 41.78 -12.00 -25.43
N THR C 248 42.52 -11.53 -24.43
CA THR C 248 43.68 -12.29 -23.97
C THR C 248 43.26 -13.50 -23.15
N ASN C 249 42.24 -13.35 -22.32
CA ASN C 249 41.77 -14.46 -21.49
C ASN C 249 41.10 -15.52 -22.35
N ASN C 250 41.38 -16.78 -22.04
CA ASN C 250 40.81 -17.91 -22.78
C ASN C 250 39.54 -18.46 -22.13
N ALA C 251 39.09 -17.87 -21.03
CA ALA C 251 37.88 -18.31 -20.35
C ALA C 251 36.68 -17.42 -20.66
N LYS C 252 36.78 -16.56 -21.66
CA LYS C 252 35.71 -15.64 -22.05
C LYS C 252 35.22 -16.01 -23.43
N ASN C 253 33.89 -16.11 -23.58
CA ASN C 253 33.30 -16.43 -24.86
C ASN C 253 33.49 -15.29 -25.85
N ILE C 254 33.51 -15.63 -27.13
CA ILE C 254 33.73 -14.68 -28.21
C ILE C 254 32.47 -14.61 -29.06
N LEU C 255 31.97 -13.40 -29.27
CA LEU C 255 30.74 -13.19 -30.04
C LEU C 255 31.10 -12.66 -31.42
N VAL C 256 30.58 -13.32 -32.46
CA VAL C 256 30.82 -12.96 -33.86
C VAL C 256 29.50 -12.52 -34.47
N GLN C 257 29.53 -11.45 -35.25
CA GLN C 257 28.35 -10.95 -35.94
C GLN C 257 28.60 -11.00 -37.45
N PHE C 258 27.69 -11.63 -38.17
CA PHE C 258 27.88 -11.85 -39.61
C PHE C 258 27.43 -10.64 -40.40
N ASN C 259 28.19 -10.32 -41.45
CA ASN C 259 27.79 -9.25 -42.37
C ASN C 259 26.62 -9.71 -43.23
N THR C 260 26.69 -10.93 -43.78
CA THR C 260 25.65 -11.51 -44.59
C THR C 260 25.19 -12.83 -43.97
N PRO C 261 23.89 -13.11 -43.96
CA PRO C 261 23.40 -14.33 -43.33
C PRO C 261 23.36 -15.52 -44.28
N VAL C 262 23.75 -16.68 -43.76
CA VAL C 262 23.65 -17.92 -44.52
C VAL C 262 22.31 -18.57 -44.21
N GLN C 263 21.85 -19.41 -45.14
CA GLN C 263 20.53 -20.02 -45.04
C GLN C 263 20.66 -21.47 -44.59
N ILE C 264 19.76 -21.87 -43.68
CA ILE C 264 19.71 -23.23 -43.17
C ILE C 264 18.27 -23.72 -43.25
N ASN C 265 18.09 -24.96 -43.72
CA ASN C 265 16.77 -25.58 -43.83
C ASN C 265 16.74 -26.84 -43.00
N CYS C 266 15.68 -27.02 -42.21
CA CYS C 266 15.53 -28.18 -41.34
C CYS C 266 14.14 -28.78 -41.53
N THR C 267 14.07 -30.10 -41.39
CA THR C 267 12.82 -30.81 -41.60
C THR C 267 12.83 -32.13 -40.85
N ARG C 268 11.64 -32.67 -40.64
CA ARG C 268 11.46 -33.99 -40.04
C ARG C 268 10.66 -34.85 -41.00
N PRO C 269 11.27 -35.84 -41.67
CA PRO C 269 10.59 -36.55 -42.75
C PRO C 269 9.43 -37.43 -42.29
N ASN C 270 9.36 -37.81 -41.02
CA ASN C 270 8.34 -38.74 -40.55
C ASN C 270 6.98 -38.06 -40.47
N ASN C 271 5.95 -38.79 -40.89
CA ASN C 271 4.57 -38.33 -40.79
C ASN C 271 3.96 -38.92 -39.52
N ASN C 272 3.77 -38.10 -38.51
CA ASN C 272 3.32 -38.57 -37.20
C ASN C 272 1.80 -38.64 -37.15
N THR C 273 1.30 -39.18 -36.04
CA THR C 273 -0.14 -39.28 -35.79
C THR C 273 -0.35 -39.21 -34.30
N ARG C 274 -1.07 -38.18 -33.86
CA ARG C 274 -1.29 -37.92 -32.43
C ARG C 274 -2.64 -38.47 -32.00
N LYS C 275 -2.64 -39.26 -30.92
CA LYS C 275 -3.85 -39.79 -30.32
C LYS C 275 -3.99 -39.26 -28.90
N SER C 276 -5.23 -39.09 -28.46
CA SER C 276 -5.54 -38.53 -27.15
C SER C 276 -6.02 -39.61 -26.21
N ILE C 277 -5.42 -39.66 -25.03
CA ILE C 277 -5.75 -40.65 -24.00
C ILE C 277 -6.22 -39.90 -22.76
N ARG C 278 -7.41 -40.24 -22.27
CA ARG C 278 -7.98 -39.58 -21.10
C ARG C 278 -7.47 -40.26 -19.84
N ILE C 279 -6.75 -39.52 -19.01
CA ILE C 279 -6.17 -40.04 -17.77
C ILE C 279 -6.92 -39.58 -16.53
N GLY C 280 -8.01 -38.83 -16.70
CA GLY C 280 -8.78 -38.34 -15.57
C GLY C 280 -9.94 -37.47 -16.01
N PRO C 281 -10.66 -36.89 -15.05
CA PRO C 281 -11.78 -36.02 -15.40
C PRO C 281 -11.31 -34.68 -15.96
N GLY C 282 -11.48 -34.49 -17.27
CA GLY C 282 -11.07 -33.26 -17.91
C GLY C 282 -9.60 -33.18 -18.26
N GLN C 283 -8.84 -34.26 -18.08
CA GLN C 283 -7.42 -34.29 -18.37
C GLN C 283 -7.15 -35.29 -19.48
N ALA C 284 -6.25 -34.94 -20.39
CA ALA C 284 -5.92 -35.78 -21.54
C ALA C 284 -4.42 -35.84 -21.72
N PHE C 285 -3.96 -36.95 -22.31
CA PHE C 285 -2.56 -37.17 -22.60
C PHE C 285 -2.41 -37.47 -24.08
N TYR C 286 -1.47 -36.80 -24.74
CA TYR C 286 -1.29 -36.91 -26.18
C TYR C 286 -0.09 -37.81 -26.48
N ALA C 287 -0.31 -38.84 -27.28
CA ALA C 287 0.70 -39.84 -27.57
C ALA C 287 0.78 -40.08 -29.08
N THR C 288 1.92 -40.64 -29.51
CA THR C 288 2.12 -41.00 -30.90
C THR C 288 1.62 -42.42 -31.13
N GLY C 289 0.60 -42.55 -31.96
CA GLY C 289 0.06 -43.87 -32.24
C GLY C 289 0.82 -44.64 -33.29
N ASP C 290 0.87 -44.11 -34.50
CA ASP C 290 1.51 -44.77 -35.64
C ASP C 290 2.27 -43.74 -36.45
N ILE C 291 3.22 -44.23 -37.25
CA ILE C 291 3.92 -43.42 -38.25
C ILE C 291 3.61 -44.04 -39.60
N ILE C 292 2.89 -43.29 -40.43
CA ILE C 292 2.51 -43.77 -41.76
C ILE C 292 3.56 -43.30 -42.76
N GLY C 293 3.95 -44.19 -43.67
CA GLY C 293 4.96 -43.87 -44.65
C GLY C 293 6.30 -44.53 -44.36
N ASP C 294 7.38 -43.74 -44.46
CA ASP C 294 8.73 -44.23 -44.21
C ASP C 294 9.35 -43.46 -43.06
N ILE C 295 10.24 -44.12 -42.33
CA ILE C 295 10.91 -43.54 -41.17
C ILE C 295 12.30 -43.10 -41.61
N ARG C 296 12.60 -41.82 -41.44
CA ARG C 296 13.87 -41.25 -41.84
C ARG C 296 14.35 -40.28 -40.77
N GLN C 297 15.67 -40.04 -40.76
CA GLN C 297 16.28 -39.16 -39.76
C GLN C 297 16.02 -37.70 -40.11
N ALA C 298 15.90 -36.88 -39.06
CA ALA C 298 15.79 -35.44 -39.22
C ALA C 298 17.18 -34.86 -39.45
N HIS C 299 17.25 -33.86 -40.34
CA HIS C 299 18.53 -33.30 -40.74
C HIS C 299 18.38 -31.82 -41.06
N CYS C 300 19.52 -31.13 -41.10
CA CYS C 300 19.60 -29.75 -41.54
C CYS C 300 20.76 -29.61 -42.53
N ASN C 301 20.60 -28.69 -43.47
CA ASN C 301 21.60 -28.49 -44.51
C ASN C 301 22.06 -27.04 -44.55
N VAL C 302 23.32 -26.85 -44.95
CA VAL C 302 23.93 -25.53 -45.13
C VAL C 302 24.71 -25.57 -46.43
N SER C 303 24.56 -24.51 -47.23
CA SER C 303 25.31 -24.40 -48.48
C SER C 303 26.81 -24.32 -48.20
N LYS C 304 27.59 -25.07 -48.99
CA LYS C 304 29.01 -25.19 -48.70
C LYS C 304 29.78 -23.93 -49.07
N ALA C 305 29.48 -23.34 -50.23
CA ALA C 305 30.26 -22.20 -50.71
C ALA C 305 30.03 -20.96 -49.86
N THR C 306 28.77 -20.68 -49.51
CA THR C 306 28.47 -19.51 -48.70
C THR C 306 29.06 -19.64 -47.30
N TRP C 307 28.98 -20.84 -46.72
CA TRP C 307 29.60 -21.07 -45.42
C TRP C 307 31.12 -20.93 -45.50
N ASN C 308 31.74 -21.40 -46.58
CA ASN C 308 33.18 -21.23 -46.72
C ASN C 308 33.58 -19.77 -46.85
N GLU C 309 32.83 -18.98 -47.61
CA GLU C 309 33.13 -17.55 -47.71
C GLU C 309 32.94 -16.85 -46.36
N THR C 310 31.87 -17.19 -45.63
CA THR C 310 31.65 -16.57 -44.32
C THR C 310 32.75 -16.94 -43.33
N LEU C 311 33.18 -18.20 -43.34
CA LEU C 311 34.28 -18.62 -42.48
C LEU C 311 35.60 -17.95 -42.87
N GLY C 312 35.85 -17.76 -44.17
CA GLY C 312 37.02 -17.01 -44.58
C GLY C 312 37.02 -15.58 -44.13
N LYS C 313 35.87 -14.90 -44.22
CA LYS C 313 35.77 -13.54 -43.70
C LYS C 313 35.96 -13.49 -42.18
N VAL C 314 35.42 -14.48 -41.47
CA VAL C 314 35.62 -14.54 -40.02
C VAL C 314 37.09 -14.72 -39.68
N VAL C 315 37.80 -15.58 -40.42
CA VAL C 315 39.23 -15.77 -40.19
C VAL C 315 40.00 -14.49 -40.49
N LYS C 316 39.65 -13.80 -41.59
CA LYS C 316 40.32 -12.57 -41.96
C LYS C 316 40.17 -11.51 -40.88
N GLN C 317 38.96 -11.36 -40.34
CA GLN C 317 38.75 -10.37 -39.29
C GLN C 317 39.21 -10.83 -37.92
N LEU C 318 39.46 -12.13 -37.73
CA LEU C 318 40.01 -12.63 -36.48
C LEU C 318 41.53 -12.56 -36.45
N ARG C 319 42.18 -12.51 -37.63
CA ARG C 319 43.63 -12.45 -37.67
C ARG C 319 44.19 -11.19 -37.03
N LYS C 320 43.43 -10.09 -37.06
CA LYS C 320 43.97 -8.80 -36.62
C LYS C 320 44.30 -8.79 -35.13
N HIS C 321 43.47 -9.44 -34.31
CA HIS C 321 43.65 -9.36 -32.87
C HIS C 321 44.81 -10.21 -32.36
N PHE C 322 45.09 -11.34 -33.00
CA PHE C 322 46.03 -12.31 -32.45
C PHE C 322 47.44 -12.13 -33.00
N GLY C 323 47.62 -12.24 -34.31
CA GLY C 323 48.95 -12.13 -34.89
C GLY C 323 48.92 -11.78 -36.36
N ASN C 324 49.91 -12.25 -37.12
CA ASN C 324 49.85 -12.09 -38.57
C ASN C 324 50.24 -13.33 -39.35
N ASN C 325 50.96 -14.28 -38.76
CA ASN C 325 51.34 -15.51 -39.44
C ASN C 325 50.76 -16.75 -38.77
N THR C 326 50.02 -16.60 -37.69
CA THR C 326 49.44 -17.74 -37.00
C THR C 326 48.32 -18.36 -37.83
N ILE C 327 48.20 -19.67 -37.75
CA ILE C 327 47.15 -20.41 -38.45
C ILE C 327 45.92 -20.49 -37.58
N ILE C 328 44.75 -20.47 -38.22
CA ILE C 328 43.47 -20.54 -37.52
C ILE C 328 42.85 -21.91 -37.81
N ARG C 329 42.51 -22.63 -36.75
CA ARG C 329 41.96 -23.97 -36.85
C ARG C 329 40.60 -24.02 -36.18
N PHE C 330 39.67 -24.74 -36.80
CA PHE C 330 38.33 -24.92 -36.27
C PHE C 330 38.12 -26.40 -35.96
N ALA C 331 37.62 -26.70 -34.76
CA ALA C 331 37.33 -28.06 -34.34
C ALA C 331 35.92 -28.11 -33.77
N ASN C 332 35.45 -29.32 -33.48
CA ASN C 332 34.11 -29.51 -32.95
C ASN C 332 34.15 -29.34 -31.43
N SER C 333 33.01 -29.61 -30.77
CA SER C 333 32.91 -29.41 -29.34
C SER C 333 33.73 -30.44 -28.57
N SER C 334 34.00 -30.13 -27.31
CA SER C 334 34.84 -30.98 -26.46
C SER C 334 34.02 -32.08 -25.79
N GLY C 335 33.03 -31.71 -25.00
CA GLY C 335 32.22 -32.68 -24.31
C GLY C 335 31.30 -32.01 -23.31
N GLY C 336 30.46 -32.85 -22.70
CA GLY C 336 29.50 -32.37 -21.73
C GLY C 336 28.10 -32.90 -21.96
N ASP C 337 27.09 -32.11 -21.61
CA ASP C 337 25.71 -32.53 -21.80
C ASP C 337 25.31 -32.39 -23.28
N LEU C 338 24.13 -32.93 -23.61
CA LEU C 338 23.68 -32.90 -24.99
C LEU C 338 23.27 -31.49 -25.41
N GLU C 339 22.85 -30.65 -24.47
CA GLU C 339 22.41 -29.31 -24.82
C GLU C 339 23.56 -28.36 -25.12
N VAL C 340 24.78 -28.67 -24.66
CA VAL C 340 25.92 -27.77 -24.86
C VAL C 340 26.86 -28.25 -25.96
N THR C 341 26.74 -29.49 -26.41
CA THR C 341 27.57 -30.02 -27.48
C THR C 341 26.85 -30.11 -28.81
N THR C 342 25.58 -29.70 -28.87
CA THR C 342 24.78 -29.76 -30.09
C THR C 342 24.06 -28.44 -30.30
N HIS C 343 23.73 -28.14 -31.55
CA HIS C 343 22.98 -26.94 -31.89
C HIS C 343 21.51 -27.20 -31.59
N SER C 344 21.06 -26.77 -30.42
CA SER C 344 19.70 -27.01 -29.97
C SER C 344 18.82 -25.81 -30.31
N PHE C 345 17.67 -26.06 -30.92
CA PHE C 345 16.74 -25.01 -31.28
C PHE C 345 15.33 -25.61 -31.32
N ASN C 346 14.37 -24.82 -31.81
CA ASN C 346 12.98 -25.22 -31.89
C ASN C 346 12.43 -24.89 -33.26
N CYS C 347 11.79 -25.86 -33.90
CA CYS C 347 11.25 -25.70 -35.26
C CYS C 347 9.78 -26.11 -35.24
N GLY C 348 8.90 -25.13 -35.03
CA GLY C 348 7.47 -25.38 -35.09
C GLY C 348 6.90 -26.12 -33.91
N GLY C 349 7.64 -26.25 -32.82
CA GLY C 349 7.19 -26.98 -31.64
C GLY C 349 7.92 -28.25 -31.35
N GLU C 350 8.80 -28.70 -32.25
CA GLU C 350 9.64 -29.88 -32.04
C GLU C 350 11.07 -29.43 -31.78
N PHE C 351 11.71 -30.01 -30.78
CA PHE C 351 13.03 -29.59 -30.32
C PHE C 351 14.09 -30.45 -30.99
N PHE C 352 15.04 -29.80 -31.66
CA PHE C 352 16.09 -30.46 -32.40
C PHE C 352 17.41 -30.38 -31.65
N TYR C 353 18.29 -31.35 -31.91
CA TYR C 353 19.64 -31.36 -31.36
C TYR C 353 20.57 -31.83 -32.48
N CYS C 354 21.08 -30.88 -33.26
CA CYS C 354 21.82 -31.18 -34.47
C CYS C 354 23.32 -31.28 -34.22
N ASN C 355 23.98 -32.10 -35.04
CA ASN C 355 25.41 -32.37 -34.90
C ASN C 355 26.18 -31.38 -35.76
N THR C 356 26.77 -30.38 -35.11
CA THR C 356 27.59 -29.39 -35.81
C THR C 356 29.07 -29.77 -35.73
N SER C 357 29.39 -30.86 -36.43
CA SER C 357 30.77 -31.33 -36.53
C SER C 357 31.35 -31.20 -37.92
N GLY C 358 30.52 -31.19 -38.95
CA GLY C 358 30.97 -30.95 -40.30
C GLY C 358 31.09 -29.49 -40.67
N LEU C 359 30.67 -28.59 -39.78
CA LEU C 359 30.77 -27.16 -40.01
C LEU C 359 32.09 -26.59 -39.52
N PHE C 360 32.47 -26.90 -38.28
CA PHE C 360 33.73 -26.43 -37.70
C PHE C 360 34.82 -27.49 -37.89
N ASN C 361 35.24 -27.62 -39.15
CA ASN C 361 36.26 -28.61 -39.51
C ASN C 361 37.05 -28.02 -40.69
N SER C 362 38.14 -27.34 -40.38
CA SER C 362 38.97 -26.69 -41.38
C SER C 362 40.31 -26.32 -40.76
N THR C 363 41.24 -25.93 -41.61
CA THR C 363 42.54 -25.40 -41.18
C THR C 363 42.97 -24.36 -42.19
N TRP C 364 43.21 -23.14 -41.72
CA TRP C 364 43.45 -21.99 -42.58
C TRP C 364 44.93 -21.60 -42.54
N ILE C 365 45.49 -21.35 -43.72
CA ILE C 365 46.89 -20.99 -43.88
C ILE C 365 46.96 -19.54 -44.33
N SER C 366 47.94 -18.79 -43.80
CA SER C 366 48.08 -17.38 -44.14
C SER C 366 48.39 -17.18 -45.63
N ASN C 367 49.00 -18.18 -46.27
CA ASN C 367 49.29 -18.10 -47.70
C ASN C 367 48.02 -18.23 -48.53
N ASN C 379 26.21 -27.00 -56.28
CA ASN C 379 25.13 -26.80 -55.32
C ASN C 379 25.21 -27.82 -54.18
N ASP C 380 26.41 -28.05 -53.68
CA ASP C 380 26.62 -29.00 -52.60
C ASP C 380 26.05 -28.46 -51.29
N SER C 381 25.70 -29.37 -50.40
CA SER C 381 25.15 -29.02 -49.09
C SER C 381 25.82 -29.87 -48.03
N ILE C 382 25.84 -29.34 -46.81
CA ILE C 382 26.43 -30.02 -45.66
C ILE C 382 25.27 -30.49 -44.79
N THR C 383 24.95 -31.78 -44.87
CA THR C 383 23.84 -32.34 -44.10
C THR C 383 24.27 -32.60 -42.66
N LEU C 384 23.53 -32.02 -41.72
CA LEU C 384 23.82 -32.19 -40.29
C LEU C 384 22.78 -33.10 -39.66
N PRO C 385 23.14 -34.28 -39.17
CA PRO C 385 22.17 -35.14 -38.51
C PRO C 385 21.69 -34.55 -37.20
N CYS C 386 20.40 -34.70 -36.92
CA CYS C 386 19.79 -34.14 -35.73
C CYS C 386 19.00 -35.21 -34.99
N ARG C 387 18.70 -34.93 -33.73
CA ARG C 387 17.91 -35.82 -32.88
C ARG C 387 16.83 -35.00 -32.18
N ILE C 388 15.72 -35.66 -31.88
CA ILE C 388 14.54 -35.02 -31.32
C ILE C 388 14.25 -35.61 -29.96
N LYS C 389 13.96 -34.76 -28.98
CA LYS C 389 13.66 -35.17 -27.62
C LYS C 389 12.37 -34.49 -27.16
N GLN C 390 11.58 -35.22 -26.36
CA GLN C 390 10.28 -34.72 -25.92
C GLN C 390 10.25 -34.27 -24.47
N ILE C 391 11.07 -34.84 -23.60
CA ILE C 391 11.16 -34.43 -22.20
C ILE C 391 12.43 -33.59 -22.07
N ILE C 392 12.25 -32.26 -22.07
CA ILE C 392 13.39 -31.36 -22.06
C ILE C 392 13.48 -30.68 -20.70
N ASN C 393 14.62 -30.01 -20.47
CA ASN C 393 14.87 -29.30 -19.23
C ASN C 393 15.78 -28.12 -19.56
N MET C 394 15.19 -26.94 -19.72
CA MET C 394 15.91 -25.76 -20.15
C MET C 394 16.06 -24.75 -19.01
N TRP C 395 16.66 -23.61 -19.34
CA TRP C 395 17.07 -22.56 -18.40
C TRP C 395 18.06 -23.07 -17.35
N GLN C 396 18.72 -24.20 -17.63
CA GLN C 396 19.75 -24.78 -16.77
C GLN C 396 19.23 -25.04 -15.35
N ARG C 397 17.97 -25.44 -15.25
CA ARG C 397 17.33 -25.73 -13.98
C ARG C 397 17.15 -27.23 -13.81
N ILE C 398 16.89 -27.64 -12.56
CA ILE C 398 16.69 -29.03 -12.21
C ILE C 398 15.38 -29.14 -11.44
N GLY C 399 14.49 -30.00 -11.91
CA GLY C 399 13.22 -30.24 -11.24
C GLY C 399 11.98 -29.82 -12.01
N GLN C 400 12.12 -29.38 -13.26
CA GLN C 400 10.98 -28.98 -14.06
C GLN C 400 11.18 -29.42 -15.50
N CYS C 401 10.13 -29.97 -16.12
CA CYS C 401 10.19 -30.40 -17.51
C CYS C 401 9.32 -29.48 -18.36
N MET C 402 9.22 -29.84 -19.64
CA MET C 402 8.21 -29.27 -20.52
C MET C 402 7.93 -30.32 -21.60
N TYR C 403 6.96 -31.19 -21.34
CA TYR C 403 6.69 -32.34 -22.21
C TYR C 403 5.96 -31.87 -23.46
N ALA C 404 6.69 -31.77 -24.56
CA ALA C 404 6.10 -31.33 -25.82
C ALA C 404 5.26 -32.45 -26.44
N PRO C 405 3.98 -32.23 -26.72
CA PRO C 405 3.15 -33.27 -27.33
C PRO C 405 3.54 -33.48 -28.78
N PRO C 406 3.18 -34.63 -29.37
CA PRO C 406 3.49 -34.85 -30.78
C PRO C 406 2.73 -33.89 -31.70
N ILE C 407 3.34 -33.62 -32.85
CA ILE C 407 2.77 -32.72 -33.86
C ILE C 407 2.48 -33.52 -35.11
N GLN C 408 1.25 -33.45 -35.59
CA GLN C 408 0.84 -34.18 -36.78
C GLN C 408 1.40 -33.53 -38.04
N GLY C 409 1.85 -34.36 -38.96
CA GLY C 409 2.32 -33.88 -40.24
C GLY C 409 3.83 -33.79 -40.34
N VAL C 410 4.28 -33.04 -41.34
CA VAL C 410 5.70 -32.84 -41.63
C VAL C 410 6.02 -31.36 -41.42
N ILE C 411 7.08 -31.09 -40.68
CA ILE C 411 7.47 -29.73 -40.33
C ILE C 411 8.68 -29.31 -41.14
N ARG C 412 8.77 -28.01 -41.42
CA ARG C 412 9.88 -27.44 -42.16
C ARG C 412 10.16 -26.04 -41.64
N CYS C 413 11.43 -25.66 -41.63
CA CYS C 413 11.85 -24.35 -41.15
C CYS C 413 12.97 -23.80 -42.03
N VAL C 414 12.87 -22.51 -42.36
CA VAL C 414 13.93 -21.78 -43.05
C VAL C 414 14.33 -20.63 -42.16
N SER C 415 15.63 -20.54 -41.84
CA SER C 415 16.12 -19.58 -40.87
C SER C 415 17.36 -18.88 -41.41
N ASN C 416 17.89 -17.95 -40.61
CA ASN C 416 19.12 -17.23 -40.90
C ASN C 416 20.12 -17.49 -39.78
N ILE C 417 21.38 -17.69 -40.14
CA ILE C 417 22.46 -17.80 -39.17
C ILE C 417 23.21 -16.49 -39.20
N THR C 418 23.02 -15.67 -38.16
CA THR C 418 23.59 -14.32 -38.10
C THR C 418 24.49 -14.17 -36.88
N GLY C 419 25.31 -15.16 -36.60
CA GLY C 419 26.25 -15.04 -35.50
C GLY C 419 26.84 -16.37 -35.11
N LEU C 420 27.82 -16.29 -34.21
CA LEU C 420 28.50 -17.46 -33.65
C LEU C 420 28.86 -17.16 -32.20
N ILE C 421 29.04 -18.22 -31.43
CA ILE C 421 29.56 -18.13 -30.06
C ILE C 421 30.74 -19.09 -29.98
N LEU C 422 31.94 -18.58 -30.22
CA LEU C 422 33.16 -19.38 -30.23
C LEU C 422 33.86 -19.30 -28.88
N THR C 423 34.86 -20.16 -28.71
CA THR C 423 35.68 -20.15 -27.52
C THR C 423 37.08 -20.61 -27.89
N ARG C 424 38.05 -20.30 -27.03
CA ARG C 424 39.44 -20.58 -27.28
C ARG C 424 39.98 -21.54 -26.22
N ASP C 425 40.89 -22.42 -26.65
CA ASP C 425 41.52 -23.38 -25.76
C ASP C 425 42.82 -22.81 -25.22
N GLY C 426 43.38 -23.50 -24.21
CA GLY C 426 44.65 -23.12 -23.64
C GLY C 426 45.79 -23.29 -24.62
N GLY C 427 46.36 -22.17 -25.07
CA GLY C 427 47.39 -22.23 -26.09
C GLY C 427 48.70 -22.80 -25.59
N SER C 428 49.47 -23.33 -26.54
CA SER C 428 50.79 -23.87 -26.27
C SER C 428 51.81 -23.20 -27.16
N THR C 429 53.02 -23.02 -26.62
CA THR C 429 54.15 -22.33 -27.24
C THR C 429 53.85 -20.86 -27.55
N ASN C 430 52.75 -20.32 -27.02
CA ASN C 430 52.36 -18.91 -27.04
C ASN C 430 51.99 -18.40 -28.43
N SER C 431 52.11 -19.21 -29.47
CA SER C 431 51.85 -18.77 -30.85
C SER C 431 51.75 -20.02 -31.72
N THR C 432 51.74 -19.80 -33.04
CA THR C 432 51.89 -20.79 -34.11
C THR C 432 50.62 -21.63 -34.29
N THR C 433 49.68 -21.54 -33.35
CA THR C 433 48.43 -22.27 -33.48
C THR C 433 47.37 -21.63 -32.58
N GLU C 434 46.16 -21.53 -33.12
CA GLU C 434 44.99 -21.07 -32.35
C GLU C 434 43.78 -21.88 -32.84
N THR C 435 43.21 -22.68 -31.95
CA THR C 435 42.05 -23.52 -32.28
C THR C 435 40.80 -22.96 -31.61
N PHE C 436 39.74 -22.81 -32.41
CA PHE C 436 38.47 -22.29 -31.93
C PHE C 436 37.39 -23.35 -32.11
N ARG C 437 36.60 -23.58 -31.07
CA ARG C 437 35.50 -24.52 -31.09
C ARG C 437 34.23 -23.86 -30.58
N PRO C 438 33.06 -24.31 -31.04
CA PRO C 438 31.81 -23.66 -30.62
C PRO C 438 31.51 -23.88 -29.15
N GLY C 439 30.80 -22.92 -28.56
CA GLY C 439 30.39 -23.00 -27.18
C GLY C 439 28.94 -22.61 -26.97
N GLY C 440 28.58 -22.26 -25.75
CA GLY C 440 27.23 -21.86 -25.43
C GLY C 440 26.85 -22.33 -24.04
N GLY C 441 25.54 -22.40 -23.80
CA GLY C 441 25.03 -22.86 -22.53
C GLY C 441 24.27 -21.80 -21.77
N ASP C 442 24.77 -20.56 -21.80
CA ASP C 442 24.14 -19.44 -21.12
C ASP C 442 23.33 -18.62 -22.11
N MET C 443 22.11 -18.26 -21.71
CA MET C 443 21.20 -17.52 -22.58
C MET C 443 21.43 -16.02 -22.56
N ARG C 444 22.26 -15.52 -21.64
CA ARG C 444 22.55 -14.09 -21.61
C ARG C 444 23.41 -13.65 -22.80
N ASP C 445 24.23 -14.56 -23.33
CA ASP C 445 25.03 -14.23 -24.50
C ASP C 445 24.19 -14.09 -25.77
N ASN C 446 23.01 -14.72 -25.81
CA ASN C 446 22.13 -14.55 -26.96
C ASN C 446 21.58 -13.13 -27.05
N TRP C 447 21.24 -12.54 -25.90
CA TRP C 447 20.67 -11.20 -25.85
C TRP C 447 21.70 -10.11 -25.61
N ARG C 448 22.95 -10.48 -25.27
CA ARG C 448 24.01 -9.48 -25.22
C ARG C 448 24.40 -9.02 -26.62
N SER C 449 24.18 -9.85 -27.63
CA SER C 449 24.49 -9.52 -29.01
C SER C 449 23.50 -8.54 -29.63
N GLU C 450 22.38 -8.29 -28.98
CA GLU C 450 21.38 -7.35 -29.49
C GLU C 450 21.17 -6.13 -28.60
N LEU C 451 21.29 -6.28 -27.28
CA LEU C 451 21.24 -5.14 -26.37
C LEU C 451 22.64 -4.61 -26.06
N TYR C 452 23.40 -4.31 -27.11
CA TYR C 452 24.76 -3.82 -26.94
C TYR C 452 24.92 -2.34 -27.22
N LYS C 453 23.99 -1.73 -27.93
CA LYS C 453 24.07 -0.32 -28.28
C LYS C 453 23.19 0.56 -27.41
N TYR C 454 22.61 0.01 -26.34
CA TYR C 454 21.65 0.73 -25.51
C TYR C 454 22.19 0.94 -24.10
N LYS C 455 21.78 2.04 -23.49
CA LYS C 455 22.15 2.36 -22.12
C LYS C 455 21.03 3.20 -21.51
N VAL C 456 20.86 3.05 -20.20
CA VAL C 456 19.81 3.72 -19.45
C VAL C 456 20.44 4.76 -18.55
N VAL C 457 19.91 5.99 -18.58
CA VAL C 457 20.42 7.09 -17.79
C VAL C 457 19.26 7.75 -17.04
N LYS C 458 19.60 8.49 -15.99
CA LYS C 458 18.64 9.17 -15.14
C LYS C 458 18.85 10.67 -15.26
N ILE C 459 17.78 11.40 -15.57
CA ILE C 459 17.87 12.83 -15.84
C ILE C 459 17.87 13.61 -14.54
N GLU C 460 18.86 14.48 -14.35
CA GLU C 460 18.94 15.37 -13.21
C GLU C 460 18.70 16.80 -13.66
N PRO C 461 17.57 17.41 -13.35
CA PRO C 461 17.22 18.71 -13.94
C PRO C 461 17.57 19.95 -13.12
N LEU C 462 18.18 19.81 -11.95
CA LEU C 462 18.43 20.93 -11.05
C LEU C 462 19.90 21.30 -11.08
N GLY C 463 20.19 22.59 -11.27
CA GLY C 463 21.57 23.06 -11.32
C GLY C 463 21.67 24.49 -10.87
N VAL C 464 22.90 24.88 -10.54
CA VAL C 464 23.21 26.22 -10.05
C VAL C 464 24.34 26.81 -10.89
N ALA C 465 24.21 28.10 -11.22
CA ALA C 465 25.17 28.80 -12.07
C ALA C 465 25.25 30.26 -11.64
N PRO C 466 26.44 30.88 -11.75
CA PRO C 466 26.57 32.26 -11.30
C PRO C 466 26.20 33.34 -12.31
N THR C 467 25.14 34.08 -12.01
CA THR C 467 24.78 35.29 -12.75
C THR C 467 24.92 36.51 -11.85
N ARG C 468 24.51 37.67 -12.37
CA ARG C 468 24.64 38.91 -11.62
C ARG C 468 23.31 39.47 -11.14
N CYS C 469 22.33 38.58 -10.90
CA CYS C 469 21.09 38.95 -10.25
C CYS C 469 21.32 39.21 -8.77
N LYS C 470 20.70 40.26 -8.25
CA LYS C 470 20.46 40.35 -6.82
C LYS C 470 18.96 40.49 -6.59
N ARG C 471 18.43 39.61 -5.74
CA ARG C 471 16.99 39.59 -5.49
C ARG C 471 16.54 40.89 -4.82
N ARG C 472 15.42 41.43 -5.30
CA ARG C 472 14.87 42.66 -4.72
C ARG C 472 14.46 42.43 -3.28
N VAL C 473 14.89 43.33 -2.41
CA VAL C 473 14.65 43.19 -0.97
C VAL C 473 13.51 44.09 -0.54
N PHE D 8 12.93 22.38 -34.42
CA PHE D 8 12.69 21.87 -33.07
C PHE D 8 13.78 20.90 -32.65
N LEU D 9 14.28 21.06 -31.43
CA LEU D 9 15.38 20.23 -30.94
C LEU D 9 14.89 18.99 -30.20
N GLY D 10 13.69 19.03 -29.62
CA GLY D 10 13.15 17.87 -28.94
C GLY D 10 13.70 17.69 -27.55
N PHE D 11 13.39 16.52 -26.98
CA PHE D 11 13.85 16.18 -25.64
C PHE D 11 15.37 16.03 -25.62
N LEU D 12 16.01 16.74 -24.67
CA LEU D 12 17.46 16.77 -24.51
C LEU D 12 18.17 17.21 -25.79
N GLY D 13 17.52 18.08 -26.56
CA GLY D 13 18.11 18.49 -27.83
C GLY D 13 19.38 19.30 -27.67
N ALA D 14 19.39 20.23 -26.73
CA ALA D 14 20.57 21.06 -26.47
C ALA D 14 21.48 20.43 -25.42
N ALA D 15 21.85 19.17 -25.63
CA ALA D 15 22.76 18.50 -24.71
C ALA D 15 24.21 18.85 -24.99
N GLY D 16 24.56 19.08 -26.25
CA GLY D 16 25.91 19.47 -26.61
C GLY D 16 26.04 20.96 -26.85
N SER D 17 24.92 21.67 -26.85
CA SER D 17 24.94 23.11 -27.03
C SER D 17 25.49 23.81 -25.80
N THR D 18 25.91 25.05 -25.99
CA THR D 18 26.48 25.83 -24.89
C THR D 18 25.40 26.23 -23.89
N MET D 19 25.84 26.82 -22.79
CA MET D 19 24.91 27.22 -21.73
C MET D 19 23.96 28.32 -22.20
N GLY D 20 24.43 29.20 -23.08
CA GLY D 20 23.58 30.27 -23.57
C GLY D 20 22.46 29.81 -24.47
N ALA D 21 22.61 28.65 -25.11
CA ALA D 21 21.59 28.11 -25.98
C ALA D 21 20.79 26.97 -25.33
N ALA D 22 21.27 26.43 -24.21
CA ALA D 22 20.56 25.35 -23.53
C ALA D 22 19.60 25.85 -22.47
N SER D 23 19.73 27.10 -22.03
CA SER D 23 18.84 27.66 -21.02
C SER D 23 17.52 28.15 -21.60
N MET D 24 17.38 28.17 -22.93
CA MET D 24 16.15 28.60 -23.57
C MET D 24 15.16 27.46 -23.80
N THR D 25 15.56 26.22 -23.53
CA THR D 25 14.73 25.05 -23.78
C THR D 25 14.48 24.26 -22.49
N LEU D 26 14.31 24.97 -21.38
CA LEU D 26 14.06 24.30 -20.10
C LEU D 26 12.66 23.70 -20.06
N THR D 27 11.71 24.29 -20.80
CA THR D 27 10.34 23.81 -20.78
C THR D 27 10.21 22.42 -21.39
N VAL D 28 11.05 22.11 -22.38
CA VAL D 28 10.99 20.81 -23.05
C VAL D 28 11.32 19.68 -22.07
N GLN D 29 12.38 19.85 -21.29
CA GLN D 29 12.75 18.85 -20.29
C GLN D 29 11.96 18.98 -19.00
N ALA D 30 11.25 20.09 -18.81
CA ALA D 30 10.43 20.23 -17.61
C ALA D 30 9.17 19.35 -17.68
N ARG D 31 8.55 19.27 -18.86
CA ARG D 31 7.32 18.51 -19.01
C ARG D 31 7.55 17.02 -19.20
N ASN D 32 8.78 16.59 -19.47
CA ASN D 32 9.07 15.19 -19.74
C ASN D 32 9.43 14.42 -18.47
N LEU D 33 9.43 15.08 -17.31
CA LEU D 33 9.65 14.42 -16.03
C LEU D 33 8.35 13.91 -15.42
N LEU D 34 7.22 14.14 -16.08
CA LEU D 34 5.91 13.72 -15.56
C LEU D 34 5.03 13.45 -16.78
N SER D 35 4.92 12.18 -17.17
CA SER D 35 4.18 11.80 -18.35
C SER D 35 3.30 10.60 -18.04
N GLY D 36 2.24 10.45 -18.83
CA GLY D 36 1.30 9.34 -18.66
C GLY D 36 0.42 9.14 -19.87
N THR D 58 3.03 -10.32 -10.17
CA THR D 58 2.59 -10.38 -11.56
C THR D 58 3.47 -9.48 -12.44
N VAL D 59 4.04 -10.07 -13.49
CA VAL D 59 4.89 -9.31 -14.40
C VAL D 59 4.04 -8.32 -15.20
N TRP D 60 4.53 -7.08 -15.31
CA TRP D 60 3.86 -5.97 -15.97
C TRP D 60 2.51 -5.62 -15.35
N GLY D 61 2.32 -6.00 -14.09
CA GLY D 61 1.15 -5.59 -13.33
C GLY D 61 1.57 -4.84 -12.08
N ILE D 62 2.78 -5.14 -11.61
CA ILE D 62 3.37 -4.42 -10.48
C ILE D 62 4.61 -3.64 -10.88
N LYS D 63 5.13 -3.85 -12.09
CA LYS D 63 6.27 -3.06 -12.55
C LYS D 63 5.89 -1.60 -12.75
N GLN D 64 4.79 -1.34 -13.47
CA GLN D 64 4.33 0.02 -13.67
C GLN D 64 3.86 0.64 -12.36
N LEU D 65 3.17 -0.14 -11.53
CA LEU D 65 2.62 0.38 -10.28
C LEU D 65 3.70 0.78 -9.28
N GLN D 66 4.91 0.25 -9.43
CA GLN D 66 6.04 0.68 -8.61
C GLN D 66 6.95 1.68 -9.29
N ALA D 67 6.96 1.70 -10.63
CA ALA D 67 7.74 2.70 -11.34
C ALA D 67 7.09 4.07 -11.30
N ARG D 68 5.77 4.14 -11.47
CA ARG D 68 5.08 5.43 -11.50
C ARG D 68 5.09 6.12 -10.15
N VAL D 69 4.97 5.35 -9.05
CA VAL D 69 5.03 5.93 -7.72
C VAL D 69 6.40 6.55 -7.47
N LEU D 70 7.47 5.86 -7.87
CA LEU D 70 8.81 6.43 -7.75
C LEU D 70 8.99 7.65 -8.63
N ALA D 71 8.42 7.64 -9.83
CA ALA D 71 8.48 8.81 -10.71
C ALA D 71 7.77 10.02 -10.13
N VAL D 72 6.64 9.81 -9.45
CA VAL D 72 5.93 10.88 -8.77
C VAL D 72 6.72 11.38 -7.56
N GLU D 73 7.28 10.46 -6.76
CA GLU D 73 8.01 10.86 -5.56
C GLU D 73 9.31 11.58 -5.88
N ARG D 74 9.99 11.22 -6.97
CA ARG D 74 11.19 11.94 -7.37
C ARG D 74 10.89 13.36 -7.80
N TYR D 75 9.74 13.57 -8.46
CA TYR D 75 9.35 14.91 -8.89
C TYR D 75 8.88 15.76 -7.72
N LEU D 76 8.12 15.17 -6.79
CA LEU D 76 7.61 15.92 -5.65
C LEU D 76 8.71 16.42 -4.74
N ARG D 77 9.74 15.59 -4.50
CA ARG D 77 10.86 16.01 -3.68
C ARG D 77 11.63 17.17 -4.28
N ASP D 78 11.89 17.14 -5.59
CA ASP D 78 12.54 18.25 -6.28
C ASP D 78 11.69 19.51 -6.26
N GLN D 79 10.37 19.39 -6.45
CA GLN D 79 9.51 20.56 -6.41
C GLN D 79 9.33 21.11 -4.99
N GLN D 80 9.51 20.30 -3.96
CA GLN D 80 9.52 20.81 -2.59
C GLN D 80 10.83 21.50 -2.25
N LEU D 81 11.95 20.92 -2.71
CA LEU D 81 13.25 21.55 -2.50
C LEU D 81 13.33 22.89 -3.22
N LEU D 82 12.82 22.94 -4.45
CA LEU D 82 12.69 24.20 -5.20
C LEU D 82 11.38 24.84 -4.76
N GLY D 83 11.43 25.60 -3.68
CA GLY D 83 10.22 26.10 -3.07
C GLY D 83 10.31 26.21 -1.56
N ILE D 84 11.16 25.40 -0.93
CA ILE D 84 11.64 25.78 0.41
C ILE D 84 12.72 26.85 0.31
N TRP D 85 13.24 27.08 -0.90
CA TRP D 85 13.94 28.32 -1.22
C TRP D 85 12.88 29.35 -1.60
N GLY D 86 13.32 30.47 -2.17
CA GLY D 86 12.36 31.46 -2.62
C GLY D 86 11.84 31.26 -4.03
N CYS D 87 12.16 30.14 -4.66
CA CYS D 87 11.85 29.89 -6.07
C CYS D 87 10.75 28.83 -6.12
N SER D 88 9.49 29.28 -6.21
CA SER D 88 8.35 28.37 -6.11
C SER D 88 7.89 27.86 -7.47
N GLY D 89 7.53 28.76 -8.37
CA GLY D 89 6.99 28.36 -9.66
C GLY D 89 7.63 29.02 -10.85
N LYS D 90 8.94 29.26 -10.78
CA LYS D 90 9.69 29.90 -11.86
C LYS D 90 10.79 28.96 -12.34
N LEU D 91 10.96 28.88 -13.66
CA LEU D 91 11.97 28.00 -14.23
C LEU D 91 13.38 28.58 -14.08
N ILE D 92 13.52 29.90 -14.14
CA ILE D 92 14.80 30.57 -13.91
C ILE D 92 14.63 31.45 -12.69
N CYS D 93 15.43 31.21 -11.66
CA CYS D 93 15.32 31.95 -10.42
C CYS D 93 16.70 32.28 -9.86
N CYS D 94 16.99 33.57 -9.75
CA CYS D 94 18.27 34.08 -9.27
C CYS D 94 18.11 34.81 -7.95
N THR D 95 19.01 34.49 -7.01
CA THR D 95 18.90 34.87 -5.61
C THR D 95 20.05 35.80 -5.24
N ASN D 96 20.25 35.97 -3.92
CA ASN D 96 21.23 36.90 -3.36
C ASN D 96 22.24 36.21 -2.47
N VAL D 97 22.74 35.05 -2.89
CA VAL D 97 23.80 34.35 -2.15
C VAL D 97 25.13 34.62 -2.85
N PRO D 98 26.15 35.09 -2.14
CA PRO D 98 27.43 35.39 -2.78
C PRO D 98 28.15 34.13 -3.24
N TRP D 99 29.06 34.32 -4.19
CA TRP D 99 29.74 33.21 -4.87
C TRP D 99 31.05 32.89 -4.15
N ASN D 100 30.92 32.36 -2.93
CA ASN D 100 32.07 32.08 -2.08
C ASN D 100 32.34 30.59 -1.93
N SER D 101 31.32 29.81 -1.55
CA SER D 101 31.52 28.39 -1.30
C SER D 101 31.83 27.62 -2.58
N SER D 102 31.08 27.88 -3.64
CA SER D 102 31.26 27.19 -4.91
C SER D 102 32.43 27.82 -5.67
N TRP D 103 33.59 27.18 -5.55
CA TRP D 103 34.81 27.69 -6.17
C TRP D 103 34.88 27.24 -7.62
N SER D 104 34.32 28.06 -8.52
CA SER D 104 34.49 27.82 -9.94
C SER D 104 35.88 28.25 -10.42
N ASN D 105 36.41 29.33 -9.83
CA ASN D 105 37.69 29.93 -10.24
C ASN D 105 37.70 30.28 -11.71
N ARG D 106 36.56 30.76 -12.20
CA ARG D 106 36.42 31.10 -13.64
C ARG D 106 35.40 32.22 -13.79
N ASN D 107 35.61 33.14 -14.74
CA ASN D 107 34.70 34.31 -14.88
C ASN D 107 33.52 33.99 -15.80
N LEU D 108 32.45 34.79 -15.71
CA LEU D 108 31.21 34.54 -16.51
C LEU D 108 31.52 34.48 -18.01
N SER D 109 32.53 35.23 -18.48
CA SER D 109 32.84 35.30 -19.93
C SER D 109 32.96 33.91 -20.56
N GLU D 110 33.79 33.04 -20.00
CA GLU D 110 34.04 31.71 -20.66
C GLU D 110 33.22 30.60 -19.99
N ILE D 111 32.11 30.95 -19.33
CA ILE D 111 31.24 29.91 -18.77
C ILE D 111 29.99 29.71 -19.60
N TRP D 112 29.31 30.81 -19.95
CA TRP D 112 28.06 30.75 -20.69
C TRP D 112 28.26 30.63 -22.19
N ASP D 113 29.50 30.66 -22.67
CA ASP D 113 29.77 30.58 -24.11
C ASP D 113 30.88 29.59 -24.46
N ASN D 114 31.50 28.93 -23.48
CA ASN D 114 32.57 28.00 -23.76
C ASN D 114 32.47 26.75 -22.90
N MET D 115 31.25 26.38 -22.49
CA MET D 115 31.04 25.23 -21.63
C MET D 115 29.59 24.78 -21.75
N THR D 116 29.37 23.48 -21.58
CA THR D 116 28.05 22.89 -21.59
C THR D 116 27.66 22.48 -20.17
N TRP D 117 26.38 22.14 -20.00
CA TRP D 117 25.86 21.81 -18.68
C TRP D 117 26.41 20.50 -18.14
N LEU D 118 26.83 19.58 -19.01
CA LEU D 118 27.38 18.32 -18.55
C LEU D 118 28.77 18.51 -17.95
N GLN D 119 29.58 19.41 -18.54
CA GLN D 119 30.90 19.67 -18.00
C GLN D 119 30.83 20.44 -16.69
N TRP D 120 29.79 21.25 -16.50
CA TRP D 120 29.64 22.03 -15.28
C TRP D 120 29.46 21.13 -14.06
N ASP D 121 28.65 20.08 -14.20
CA ASP D 121 28.42 19.17 -13.08
C ASP D 121 29.67 18.40 -12.68
N LYS D 122 30.64 18.25 -13.59
CA LYS D 122 31.89 17.59 -13.24
C LYS D 122 32.74 18.46 -12.34
N GLU D 123 32.70 19.78 -12.51
CA GLU D 123 33.50 20.70 -11.72
C GLU D 123 32.86 20.96 -10.35
N ILE D 124 31.63 21.46 -10.35
CA ILE D 124 30.93 21.71 -9.10
C ILE D 124 30.01 20.51 -8.80
N SER D 125 30.56 19.54 -8.07
CA SER D 125 29.78 18.43 -7.54
C SER D 125 30.05 18.19 -6.07
N ASN D 126 31.26 18.46 -5.59
CA ASN D 126 31.59 18.45 -4.18
C ASN D 126 30.93 19.61 -3.42
N TYR D 127 30.73 20.75 -4.07
CA TYR D 127 30.17 21.94 -3.44
C TYR D 127 28.67 22.09 -3.68
N THR D 128 27.94 20.97 -3.86
CA THR D 128 26.51 21.06 -4.10
C THR D 128 25.72 20.55 -2.90
N GLN D 129 26.36 20.52 -1.73
CA GLN D 129 25.68 20.16 -0.49
C GLN D 129 25.91 21.25 0.54
N ILE D 130 26.92 22.08 0.31
CA ILE D 130 27.19 23.25 1.13
C ILE D 130 26.73 24.53 0.43
N ILE D 131 26.12 24.37 -0.75
CA ILE D 131 25.43 25.47 -1.42
C ILE D 131 23.91 25.28 -1.41
N TYR D 132 23.43 24.07 -1.10
CA TYR D 132 22.01 23.80 -0.93
C TYR D 132 21.55 24.11 0.48
N GLY D 133 22.47 24.47 1.37
CA GLY D 133 22.13 24.81 2.74
C GLY D 133 22.29 26.30 3.00
N LEU D 134 23.06 26.98 2.16
CA LEU D 134 23.15 28.43 2.17
C LEU D 134 21.95 29.07 1.48
N LEU D 135 21.20 28.28 0.71
CA LEU D 135 19.95 28.72 0.11
C LEU D 135 18.74 28.50 1.01
N GLU D 136 18.90 27.79 2.13
CA GLU D 136 17.81 27.46 3.03
C GLU D 136 17.94 28.16 4.38
N GLU D 137 19.11 28.68 4.71
CA GLU D 137 19.32 29.36 5.99
C GLU D 137 19.68 30.82 5.77
N SER D 138 20.67 31.07 4.92
CA SER D 138 21.04 32.45 4.59
C SER D 138 20.05 33.11 3.64
N GLN D 139 19.08 32.36 3.11
CA GLN D 139 18.12 32.89 2.16
C GLN D 139 16.77 32.22 2.38
N ASN D 140 15.72 33.04 2.36
CA ASN D 140 14.31 32.64 2.44
C ASN D 140 13.92 32.08 3.80
N GLN D 141 14.89 31.94 4.72
CA GLN D 141 14.55 31.65 6.10
C GLN D 141 14.76 32.88 6.97
N GLN D 142 15.96 33.45 6.90
CA GLN D 142 16.18 34.78 7.48
C GLN D 142 15.34 35.82 6.75
N GLU D 143 15.35 35.80 5.41
CA GLU D 143 14.65 36.77 4.59
C GLU D 143 13.16 36.82 4.86
N LYS D 144 12.55 35.66 5.15
CA LYS D 144 11.14 35.57 5.48
C LYS D 144 10.82 36.09 6.87
N ASN D 145 11.83 36.39 7.68
CA ASN D 145 11.61 36.86 9.04
C ASN D 145 11.56 38.38 9.16
N GLU D 146 12.38 39.14 8.43
CA GLU D 146 12.21 40.60 8.52
C GLU D 146 10.97 41.08 7.80
N GLN D 147 10.47 40.34 6.81
CA GLN D 147 9.20 40.63 6.18
C GLN D 147 8.01 40.41 7.12
N ASP D 148 8.04 39.34 7.92
CA ASP D 148 7.05 39.11 8.96
C ASP D 148 7.06 40.20 10.02
N LEU D 149 8.21 40.83 10.28
CA LEU D 149 8.35 41.87 11.28
C LEU D 149 8.37 43.26 10.67
N LEU D 150 8.11 43.36 9.36
CA LEU D 150 7.96 44.66 8.71
C LEU D 150 6.53 44.96 8.29
N ALA D 151 5.70 43.95 8.01
CA ALA D 151 4.27 44.14 7.80
C ALA D 151 3.51 44.23 9.11
N LEU D 152 4.22 44.40 10.23
CA LEU D 152 3.63 44.52 11.56
C LEU D 152 3.18 45.94 11.85
N ASP D 153 4.10 46.90 11.81
CA ASP D 153 3.83 48.33 11.99
C ASP D 153 3.07 48.65 13.28
N GLU E 2 -13.84 46.15 -27.94
CA GLU E 2 -13.37 46.28 -26.56
C GLU E 2 -12.05 45.55 -26.36
N ASN E 3 -11.34 45.90 -25.29
CA ASN E 3 -10.11 45.24 -24.93
C ASN E 3 -10.42 44.01 -24.09
N LEU E 4 -10.13 42.83 -24.64
CA LEU E 4 -10.47 41.56 -23.98
C LEU E 4 -9.23 40.68 -23.95
N TRP E 5 -8.91 40.17 -22.77
CA TRP E 5 -7.77 39.28 -22.57
C TRP E 5 -8.23 37.90 -22.11
N VAL E 6 -7.29 36.96 -22.08
CA VAL E 6 -7.56 35.58 -21.71
C VAL E 6 -7.39 35.41 -20.21
N THR E 7 -8.40 34.84 -19.58
CA THR E 7 -8.41 34.60 -18.14
C THR E 7 -8.75 33.14 -17.89
N VAL E 8 -7.93 32.45 -17.09
CA VAL E 8 -8.11 31.03 -16.83
C VAL E 8 -8.88 30.84 -15.53
N TYR E 9 -9.63 29.74 -15.45
CA TYR E 9 -10.38 29.38 -14.26
C TYR E 9 -10.14 27.91 -13.96
N TYR E 10 -9.94 27.59 -12.69
CA TYR E 10 -9.70 26.20 -12.26
C TYR E 10 -10.83 25.78 -11.33
N GLY E 11 -11.62 24.81 -11.76
CA GLY E 11 -12.69 24.28 -10.94
C GLY E 11 -14.08 24.51 -11.52
N VAL E 12 -14.16 24.63 -12.84
CA VAL E 12 -15.44 24.89 -13.52
C VAL E 12 -16.28 23.62 -13.53
N PRO E 13 -17.62 23.74 -13.47
CA PRO E 13 -18.50 22.55 -13.49
C PRO E 13 -18.75 22.02 -14.89
N VAL E 14 -17.75 21.34 -15.45
CA VAL E 14 -17.84 20.74 -16.77
C VAL E 14 -17.49 19.26 -16.64
N TRP E 15 -18.29 18.40 -17.28
CA TRP E 15 -18.06 16.97 -17.23
C TRP E 15 -18.18 16.34 -18.62
N LYS E 16 -17.52 15.20 -18.79
CA LYS E 16 -17.64 14.39 -19.99
C LYS E 16 -17.71 12.92 -19.60
N ASP E 17 -18.28 12.11 -20.50
CA ASP E 17 -18.46 10.70 -20.23
C ASP E 17 -17.12 9.96 -20.20
N ALA E 18 -17.00 9.01 -19.28
CA ALA E 18 -15.79 8.22 -19.13
C ALA E 18 -16.14 6.92 -18.42
N GLU E 19 -15.11 6.07 -18.25
CA GLU E 19 -15.24 4.79 -17.57
C GLU E 19 -14.21 4.71 -16.46
N THR E 20 -14.58 4.07 -15.35
CA THR E 20 -13.70 3.96 -14.20
C THR E 20 -14.04 2.70 -13.42
N THR E 21 -13.40 2.55 -12.26
CA THR E 21 -13.62 1.42 -11.36
C THR E 21 -14.31 1.92 -10.10
N LEU E 22 -15.44 1.33 -9.76
CA LEU E 22 -16.25 1.76 -8.63
C LEU E 22 -16.11 0.79 -7.47
N PHE E 23 -16.05 1.32 -6.25
CA PHE E 23 -15.91 0.50 -5.06
C PHE E 23 -17.27 0.33 -4.37
N CYS E 24 -17.27 -0.46 -3.29
CA CYS E 24 -18.51 -0.88 -2.65
C CYS E 24 -19.04 0.15 -1.66
N ALA E 25 -20.13 -0.23 -1.01
CA ALA E 25 -20.63 0.41 0.19
C ALA E 25 -21.60 -0.57 0.84
N SER E 26 -21.28 -1.06 2.02
CA SER E 26 -22.07 -2.10 2.68
C SER E 26 -22.74 -1.54 3.93
N ASP E 27 -23.73 -2.28 4.41
CA ASP E 27 -24.55 -1.85 5.55
C ASP E 27 -24.01 -2.42 6.85
N ALA E 28 -24.55 -1.92 7.96
CA ALA E 28 -24.10 -2.33 9.29
C ALA E 28 -24.54 -3.75 9.64
N LYS E 29 -25.60 -4.26 9.00
CA LYS E 29 -26.01 -5.64 9.23
C LYS E 29 -24.95 -6.63 8.75
N ALA E 30 -24.32 -6.34 7.60
CA ALA E 30 -23.25 -7.19 7.10
C ALA E 30 -21.95 -7.01 7.85
N TYR E 31 -21.82 -5.97 8.68
CA TYR E 31 -20.63 -5.77 9.49
C TYR E 31 -20.55 -6.74 10.66
N GLU E 32 -21.67 -7.35 11.06
CA GLU E 32 -21.71 -8.33 12.14
C GLU E 32 -22.21 -9.65 11.54
N THR E 33 -21.28 -10.44 11.01
CA THR E 33 -21.61 -11.71 10.37
C THR E 33 -20.69 -12.81 10.89
N GLU E 34 -21.28 -13.94 11.21
CA GLU E 34 -20.55 -15.15 11.57
C GLU E 34 -20.63 -16.22 10.50
N LYS E 35 -21.82 -16.47 9.95
CA LYS E 35 -21.99 -17.31 8.77
C LYS E 35 -21.72 -16.43 7.56
N HIS E 36 -20.49 -16.47 7.06
CA HIS E 36 -20.07 -15.58 6.00
C HIS E 36 -20.83 -15.87 4.71
N ASN E 37 -21.43 -14.84 4.14
CA ASN E 37 -22.19 -14.99 2.90
C ASN E 37 -21.23 -15.13 1.72
N VAL E 38 -21.81 -15.48 0.57
CA VAL E 38 -21.05 -15.48 -0.68
C VAL E 38 -20.64 -14.06 -1.05
N TRP E 39 -21.51 -13.09 -0.77
CA TRP E 39 -21.26 -11.68 -1.07
C TRP E 39 -20.85 -10.90 0.17
N ALA E 40 -20.06 -11.50 1.05
CA ALA E 40 -19.79 -10.97 2.38
C ALA E 40 -18.82 -9.79 2.32
N THR E 41 -18.46 -9.28 3.50
CA THR E 41 -17.61 -8.11 3.66
C THR E 41 -16.16 -8.54 3.74
N HIS E 42 -15.29 -7.64 4.21
CA HIS E 42 -13.83 -7.73 4.40
C HIS E 42 -13.09 -7.60 3.07
N ALA E 43 -13.79 -7.36 1.96
CA ALA E 43 -13.16 -7.06 0.69
C ALA E 43 -13.35 -5.62 0.26
N CYS E 44 -14.33 -4.93 0.82
CA CYS E 44 -14.69 -3.58 0.40
C CYS E 44 -15.54 -2.91 1.47
N VAL E 45 -15.38 -1.59 1.56
CA VAL E 45 -15.72 -0.79 2.74
C VAL E 45 -17.22 -0.64 2.95
N PRO E 46 -17.69 -0.61 4.20
CA PRO E 46 -19.10 -0.23 4.45
C PRO E 46 -19.34 1.24 4.21
N THR E 47 -20.63 1.61 4.26
CA THR E 47 -21.08 2.96 3.96
C THR E 47 -21.35 3.78 5.22
N ASP E 48 -21.72 5.08 4.99
CA ASP E 48 -22.21 6.10 5.90
C ASP E 48 -23.74 6.10 5.91
N PRO E 49 -24.37 6.42 7.05
CA PRO E 49 -25.84 6.35 7.14
C PRO E 49 -26.58 7.49 6.48
N ASN E 50 -25.88 8.47 5.91
CA ASN E 50 -26.53 9.65 5.33
C ASN E 50 -26.20 9.82 3.85
N PRO E 51 -27.13 9.57 2.94
CA PRO E 51 -26.87 9.84 1.52
C PRO E 51 -26.81 11.33 1.23
N GLN E 52 -26.07 11.67 0.17
CA GLN E 52 -25.87 13.05 -0.25
C GLN E 52 -26.40 13.20 -1.68
N GLU E 53 -27.59 13.78 -1.81
CA GLU E 53 -28.22 14.00 -3.11
C GLU E 53 -28.34 15.50 -3.36
N ILE E 54 -27.66 15.99 -4.38
CA ILE E 54 -27.73 17.39 -4.78
C ILE E 54 -28.51 17.48 -6.08
N HIS E 55 -29.58 18.26 -6.08
CA HIS E 55 -30.41 18.40 -7.26
C HIS E 55 -29.81 19.46 -8.19
N LEU E 56 -29.67 19.12 -9.46
CA LEU E 56 -29.14 20.03 -10.46
C LEU E 56 -30.30 20.59 -11.28
N GLU E 57 -30.41 21.91 -11.35
CA GLU E 57 -31.48 22.58 -12.07
C GLU E 57 -30.96 23.13 -13.39
N ASN E 58 -31.86 23.20 -14.37
CA ASN E 58 -31.56 23.63 -15.74
C ASN E 58 -30.50 22.76 -16.41
N VAL E 59 -30.46 21.47 -16.06
CA VAL E 59 -29.51 20.53 -16.63
C VAL E 59 -30.27 19.43 -17.36
N THR E 60 -29.90 19.18 -18.60
CA THR E 60 -30.48 18.10 -19.41
C THR E 60 -29.35 17.20 -19.88
N GLU E 61 -29.47 15.91 -19.59
CA GLU E 61 -28.44 14.93 -19.92
C GLU E 61 -29.05 13.78 -20.70
N GLU E 62 -28.23 13.16 -21.55
CA GLU E 62 -28.66 12.05 -22.39
C GLU E 62 -28.15 10.74 -21.79
N PHE E 63 -29.06 9.79 -21.59
CA PHE E 63 -28.75 8.49 -21.01
C PHE E 63 -28.92 7.40 -22.06
N ASN E 64 -28.26 6.27 -21.82
CA ASN E 64 -28.37 5.11 -22.69
C ASN E 64 -28.06 3.87 -21.85
N MET E 65 -29.10 3.12 -21.49
CA MET E 65 -28.93 1.97 -20.61
C MET E 65 -28.39 0.73 -21.31
N TRP E 66 -28.43 0.69 -22.64
CA TRP E 66 -28.00 -0.50 -23.38
C TRP E 66 -26.53 -0.47 -23.76
N LYS E 67 -25.83 0.65 -23.50
CA LYS E 67 -24.40 0.76 -23.69
C LYS E 67 -23.75 1.34 -22.44
N ASN E 68 -24.11 0.80 -21.29
CA ASN E 68 -23.61 1.24 -20.00
C ASN E 68 -22.50 0.31 -19.55
N ASN E 69 -21.34 0.89 -19.22
CA ASN E 69 -20.24 0.12 -18.67
C ASN E 69 -20.47 -0.20 -17.19
N MET E 70 -21.42 0.46 -16.55
CA MET E 70 -21.68 0.26 -15.13
C MET E 70 -22.28 -1.12 -14.84
N VAL E 71 -22.84 -1.78 -15.85
CA VAL E 71 -23.43 -3.11 -15.67
C VAL E 71 -22.50 -4.23 -16.06
N GLU E 72 -21.38 -3.93 -16.73
CA GLU E 72 -20.39 -4.93 -17.09
C GLU E 72 -19.32 -5.12 -16.03
N GLN E 73 -19.07 -4.10 -15.21
CA GLN E 73 -18.20 -4.25 -14.05
C GLN E 73 -18.89 -5.01 -12.93
N MET E 74 -20.20 -4.84 -12.78
CA MET E 74 -20.95 -5.56 -11.75
C MET E 74 -20.94 -7.05 -12.02
N HIS E 75 -21.07 -7.46 -13.28
CA HIS E 75 -21.02 -8.87 -13.63
C HIS E 75 -19.66 -9.47 -13.28
N THR E 76 -18.58 -8.75 -13.60
CA THR E 76 -17.24 -9.23 -13.28
C THR E 76 -17.05 -9.34 -11.77
N ASP E 77 -17.52 -8.34 -11.02
CA ASP E 77 -17.43 -8.37 -9.55
C ASP E 77 -18.25 -9.51 -8.95
N ILE E 78 -19.43 -9.80 -9.47
CA ILE E 78 -20.26 -10.89 -8.95
C ILE E 78 -19.64 -12.25 -9.26
N ILE E 79 -19.12 -12.42 -10.47
CA ILE E 79 -18.44 -13.68 -10.80
C ILE E 79 -17.19 -13.86 -9.94
N SER E 80 -16.43 -12.79 -9.74
CA SER E 80 -15.19 -12.85 -8.97
C SER E 80 -15.42 -13.11 -7.48
N LEU E 81 -16.55 -12.69 -6.92
CA LEU E 81 -16.85 -12.94 -5.53
C LEU E 81 -17.47 -14.31 -5.28
N TRP E 82 -17.85 -15.03 -6.34
CA TRP E 82 -18.36 -16.39 -6.23
C TRP E 82 -17.25 -17.42 -6.30
N ASP E 83 -16.23 -17.18 -7.13
CA ASP E 83 -15.09 -18.09 -7.21
C ASP E 83 -14.17 -17.98 -6.01
N GLN E 84 -14.29 -16.92 -5.22
CA GLN E 84 -13.44 -16.70 -4.05
C GLN E 84 -14.01 -17.33 -2.79
N SER E 85 -15.17 -17.98 -2.87
CA SER E 85 -15.76 -18.65 -1.72
C SER E 85 -15.82 -20.15 -1.87
N LEU E 86 -15.39 -20.71 -3.01
CA LEU E 86 -15.37 -22.15 -3.22
C LEU E 86 -14.00 -22.76 -3.04
N LYS E 87 -13.00 -21.96 -2.65
CA LYS E 87 -11.63 -22.44 -2.46
C LYS E 87 -11.42 -23.22 -1.16
N PRO E 88 -11.77 -22.71 0.03
CA PRO E 88 -11.32 -23.37 1.26
C PRO E 88 -12.00 -24.70 1.58
N CYS E 89 -13.11 -25.05 0.93
CA CYS E 89 -13.82 -26.26 1.30
C CYS E 89 -13.64 -27.35 0.24
N VAL E 90 -14.31 -28.48 0.47
CA VAL E 90 -13.88 -29.78 -0.05
C VAL E 90 -14.07 -29.85 -1.57
N LYS E 91 -13.05 -30.37 -2.26
CA LYS E 91 -13.14 -30.71 -3.67
C LYS E 91 -13.48 -32.19 -3.79
N LEU E 92 -14.57 -32.49 -4.50
CA LEU E 92 -15.11 -33.85 -4.56
C LEU E 92 -14.55 -34.62 -5.76
N THR E 93 -13.23 -34.79 -5.77
CA THR E 93 -12.59 -35.61 -6.79
C THR E 93 -12.75 -37.14 -6.63
N PRO E 94 -12.86 -37.75 -5.45
CA PRO E 94 -12.99 -39.21 -5.41
C PRO E 94 -14.40 -39.73 -5.64
N LEU E 95 -15.34 -38.89 -6.06
CA LEU E 95 -16.72 -39.31 -6.30
C LEU E 95 -16.95 -39.89 -7.68
N CYS E 96 -15.95 -39.88 -8.55
CA CYS E 96 -16.10 -40.44 -9.89
C CYS E 96 -15.81 -41.94 -9.87
N VAL E 97 -16.76 -42.68 -9.29
CA VAL E 97 -16.69 -44.13 -9.23
C VAL E 97 -17.93 -44.71 -9.89
N THR E 98 -18.04 -46.04 -9.90
CA THR E 98 -19.19 -46.71 -10.47
C THR E 98 -20.27 -46.86 -9.41
N LEU E 99 -21.48 -46.41 -9.74
CA LEU E 99 -22.62 -46.43 -8.82
C LEU E 99 -23.56 -47.57 -9.19
N GLN E 100 -24.03 -48.30 -8.19
CA GLN E 100 -25.03 -49.35 -8.37
C GLN E 100 -26.36 -48.82 -7.84
N CYS E 101 -27.20 -48.35 -8.75
CA CYS E 101 -28.41 -47.61 -8.39
C CYS E 101 -29.65 -48.45 -8.65
N THR E 102 -30.61 -48.36 -7.72
CA THR E 102 -31.92 -48.96 -7.86
C THR E 102 -32.99 -47.92 -7.57
N ASN E 103 -34.18 -48.14 -8.13
CA ASN E 103 -35.30 -47.24 -7.92
C ASN E 103 -35.83 -47.36 -6.50
N VAL E 104 -36.44 -46.29 -6.01
CA VAL E 104 -37.09 -46.26 -4.70
C VAL E 104 -38.58 -46.06 -4.90
N THR E 105 -39.38 -46.92 -4.24
CA THR E 105 -40.83 -46.91 -4.40
C THR E 105 -41.55 -47.14 -3.08
N ASN E 106 -40.97 -46.68 -1.97
CA ASN E 106 -41.55 -46.90 -0.65
C ASN E 106 -42.90 -46.22 -0.49
N ASN E 107 -42.94 -44.89 -0.54
CA ASN E 107 -44.16 -44.13 -0.36
C ASN E 107 -44.26 -43.03 -1.41
N ILE E 108 -43.87 -43.35 -2.65
CA ILE E 108 -43.87 -42.36 -3.71
C ILE E 108 -45.28 -42.14 -4.23
N THR E 109 -45.48 -41.01 -4.90
CA THR E 109 -46.73 -40.68 -5.58
C THR E 109 -46.43 -40.46 -7.05
N ASP E 110 -47.31 -40.95 -7.92
CA ASP E 110 -47.11 -40.80 -9.36
C ASP E 110 -47.17 -39.34 -9.76
N ASP E 111 -46.23 -38.92 -10.60
CA ASP E 111 -46.15 -37.54 -11.04
C ASP E 111 -47.27 -37.19 -12.01
N MET E 112 -43.61 -38.09 -8.66
CA MET E 112 -42.24 -38.48 -8.38
C MET E 112 -42.07 -39.99 -8.53
N ARG E 113 -42.25 -40.48 -9.76
CA ARG E 113 -42.15 -41.92 -10.01
C ARG E 113 -40.70 -42.38 -10.04
N GLY E 114 -39.91 -41.82 -10.97
CA GLY E 114 -38.52 -42.23 -11.10
C GLY E 114 -37.55 -41.07 -10.96
N GLU E 115 -37.85 -40.12 -10.07
CA GLU E 115 -36.97 -38.98 -9.89
C GLU E 115 -35.81 -39.31 -8.95
N LEU E 116 -36.06 -40.07 -7.89
CA LEU E 116 -35.05 -40.39 -6.89
C LEU E 116 -34.46 -41.76 -7.16
N LYS E 117 -33.16 -41.89 -6.91
CA LYS E 117 -32.43 -43.13 -7.10
C LYS E 117 -31.64 -43.46 -5.84
N ASN E 118 -31.61 -44.74 -5.49
CA ASN E 118 -30.86 -45.23 -4.33
C ASN E 118 -29.61 -45.94 -4.82
N CYS E 119 -28.45 -45.34 -4.55
CA CYS E 119 -27.18 -45.78 -5.12
C CYS E 119 -26.21 -46.19 -4.03
N SER E 120 -25.43 -47.23 -4.29
CA SER E 120 -24.40 -47.71 -3.38
C SER E 120 -23.05 -47.73 -4.10
N PHE E 121 -21.99 -47.41 -3.37
CA PHE E 121 -20.67 -47.28 -3.98
C PHE E 121 -19.59 -47.47 -2.92
N ASN E 122 -18.37 -47.68 -3.39
CA ASN E 122 -17.20 -47.84 -2.53
C ASN E 122 -16.48 -46.49 -2.42
N MET E 123 -16.16 -46.10 -1.19
CA MET E 123 -15.52 -44.82 -0.92
C MET E 123 -14.29 -45.03 -0.07
N THR E 124 -13.26 -44.21 -0.31
CA THR E 124 -12.06 -44.24 0.51
C THR E 124 -12.35 -43.65 1.89
N THR E 125 -11.48 -43.99 2.85
CA THR E 125 -11.58 -43.51 4.21
C THR E 125 -10.32 -42.74 4.58
N GLU E 126 -10.20 -42.39 5.87
CA GLU E 126 -9.06 -41.61 6.34
C GLU E 126 -7.74 -42.38 6.25
N LEU E 127 -7.79 -43.70 6.20
CA LEU E 127 -6.60 -44.54 6.05
C LEU E 127 -6.54 -45.06 4.63
N ARG E 128 -5.36 -45.00 4.03
CA ARG E 128 -5.21 -45.40 2.63
C ARG E 128 -5.35 -46.89 2.41
N ASP E 129 -5.18 -47.71 3.45
CA ASP E 129 -5.26 -49.15 3.30
C ASP E 129 -6.67 -49.69 3.34
N LYS E 130 -7.66 -48.88 3.70
CA LYS E 130 -9.02 -49.35 3.93
C LYS E 130 -10.01 -48.62 3.05
N LYS E 131 -11.16 -49.26 2.83
CA LYS E 131 -12.26 -48.68 2.07
C LYS E 131 -13.56 -49.00 2.78
N GLN E 132 -14.57 -48.16 2.55
CA GLN E 132 -15.88 -48.33 3.17
C GLN E 132 -16.96 -48.38 2.10
N LYS E 133 -18.04 -49.09 2.40
CA LYS E 133 -19.18 -49.23 1.52
C LYS E 133 -20.33 -48.39 2.07
N VAL E 134 -20.64 -47.29 1.39
CA VAL E 134 -21.69 -46.37 1.81
C VAL E 134 -22.73 -46.27 0.70
N TYR E 135 -23.82 -45.56 1.01
CA TYR E 135 -24.91 -45.37 0.07
C TYR E 135 -25.45 -43.96 0.21
N SER E 136 -26.13 -43.49 -0.83
CA SER E 136 -26.70 -42.15 -0.83
C SER E 136 -27.85 -42.09 -1.84
N LEU E 137 -28.70 -41.09 -1.67
CA LEU E 137 -29.83 -40.87 -2.58
C LEU E 137 -29.46 -39.79 -3.59
N PHE E 138 -29.70 -40.08 -4.87
CA PHE E 138 -29.37 -39.16 -5.94
C PHE E 138 -30.60 -38.91 -6.80
N TYR E 139 -30.68 -37.70 -7.35
CA TYR E 139 -31.75 -37.38 -8.28
C TYR E 139 -31.48 -37.98 -9.65
N ARG E 140 -32.54 -38.07 -10.46
CA ARG E 140 -32.40 -38.61 -11.80
C ARG E 140 -31.69 -37.67 -12.76
N LEU E 141 -31.63 -36.38 -12.43
CA LEU E 141 -30.98 -35.40 -13.29
C LEU E 141 -29.48 -35.31 -13.06
N ASP E 142 -28.93 -36.07 -12.12
CA ASP E 142 -27.51 -36.03 -11.80
C ASP E 142 -26.74 -37.26 -12.25
N VAL E 143 -27.42 -38.37 -12.54
CA VAL E 143 -26.77 -39.64 -12.85
C VAL E 143 -27.11 -40.05 -14.27
N VAL E 144 -26.12 -40.57 -14.99
CA VAL E 144 -26.31 -41.15 -16.31
C VAL E 144 -25.90 -42.62 -16.25
N GLN E 145 -26.23 -43.34 -17.31
CA GLN E 145 -25.99 -44.77 -17.38
C GLN E 145 -24.77 -45.07 -18.25
N ILE E 146 -23.93 -45.99 -17.78
CA ILE E 146 -22.73 -46.40 -18.51
C ILE E 146 -22.83 -47.84 -18.99
N ASN E 147 -24.02 -48.45 -18.89
CA ASN E 147 -24.27 -49.82 -19.33
C ASN E 147 -23.34 -50.83 -18.69
N SER E 157 -33.62 -53.37 -10.12
CA SER E 157 -32.66 -53.72 -11.16
C SER E 157 -31.32 -53.03 -10.91
N ASN E 158 -30.33 -53.80 -10.46
CA ASN E 158 -29.02 -53.26 -10.15
C ASN E 158 -28.24 -52.96 -11.42
N LYS E 159 -28.31 -51.72 -11.89
CA LYS E 159 -27.58 -51.27 -13.07
C LYS E 159 -26.50 -50.29 -12.65
N GLU E 160 -25.50 -50.13 -13.52
CA GLU E 160 -24.33 -49.31 -13.22
C GLU E 160 -24.55 -47.89 -13.75
N TYR E 161 -24.36 -46.91 -12.86
CA TYR E 161 -24.53 -45.50 -13.19
C TYR E 161 -23.24 -44.74 -12.88
N ARG E 162 -23.25 -43.45 -13.18
CA ARG E 162 -22.13 -42.58 -12.87
C ARG E 162 -22.64 -41.14 -12.82
N LEU E 163 -21.86 -40.27 -12.19
CA LEU E 163 -22.22 -38.87 -12.10
C LEU E 163 -22.07 -38.20 -13.46
N ILE E 164 -22.83 -37.12 -13.66
CA ILE E 164 -22.90 -36.48 -14.98
C ILE E 164 -21.68 -35.64 -15.32
N ASN E 165 -20.84 -35.31 -14.33
CA ASN E 165 -19.70 -34.44 -14.57
C ASN E 165 -18.38 -35.18 -14.73
N CYS E 166 -18.38 -36.51 -14.66
CA CYS E 166 -17.14 -37.29 -14.60
C CYS E 166 -16.36 -37.31 -15.90
N ASN E 167 -16.86 -36.69 -16.97
CA ASN E 167 -16.09 -36.55 -18.20
C ASN E 167 -15.75 -35.11 -18.54
N THR E 168 -16.12 -34.16 -17.69
CA THR E 168 -15.77 -32.76 -17.90
C THR E 168 -14.85 -32.21 -16.83
N SER E 169 -15.19 -32.35 -15.56
CA SER E 169 -14.36 -31.85 -14.47
C SER E 169 -14.81 -32.51 -13.17
N ALA E 170 -13.96 -32.41 -12.15
CA ALA E 170 -14.31 -32.82 -10.79
C ALA E 170 -14.36 -31.58 -9.92
N CYS E 171 -15.56 -31.19 -9.51
CA CYS E 171 -15.78 -29.85 -8.97
C CYS E 171 -16.03 -29.86 -7.48
N THR E 172 -15.78 -28.71 -6.85
CA THR E 172 -15.73 -28.58 -5.40
C THR E 172 -17.14 -28.62 -4.82
N GLN E 173 -17.25 -29.17 -3.60
CA GLN E 173 -18.46 -29.07 -2.84
C GLN E 173 -18.66 -27.65 -2.34
N ALA E 174 -19.92 -27.28 -2.12
CA ALA E 174 -20.26 -25.98 -1.54
C ALA E 174 -19.95 -26.02 -0.06
N CYS E 175 -19.36 -24.94 0.45
CA CYS E 175 -19.00 -24.85 1.86
C CYS E 175 -20.27 -24.90 2.70
N PRO E 176 -20.32 -25.76 3.73
CA PRO E 176 -21.60 -26.00 4.41
C PRO E 176 -21.96 -24.92 5.43
N LYS E 177 -21.12 -23.90 5.55
CA LYS E 177 -21.35 -22.80 6.48
C LYS E 177 -21.81 -21.51 5.81
N VAL E 178 -21.50 -21.34 4.52
CA VAL E 178 -21.91 -20.13 3.83
C VAL E 178 -23.38 -20.23 3.42
N SER E 179 -23.96 -19.08 3.11
CA SER E 179 -25.35 -18.97 2.69
C SER E 179 -25.43 -18.22 1.37
N PHE E 180 -26.52 -18.46 0.64
CA PHE E 180 -26.73 -17.86 -0.67
C PHE E 180 -27.74 -16.72 -0.63
N GLU E 181 -28.01 -16.17 0.55
CA GLU E 181 -28.98 -15.09 0.68
C GLU E 181 -28.36 -13.79 0.18
N PRO E 182 -28.97 -13.11 -0.79
CA PRO E 182 -28.41 -11.85 -1.28
C PRO E 182 -28.50 -10.74 -0.24
N ILE E 183 -27.55 -9.82 -0.30
CA ILE E 183 -27.55 -8.63 0.55
C ILE E 183 -27.34 -7.41 -0.33
N PRO E 184 -27.90 -6.25 0.02
CA PRO E 184 -27.75 -5.07 -0.84
C PRO E 184 -26.30 -4.58 -0.93
N ILE E 185 -25.94 -4.09 -2.10
CA ILE E 185 -24.61 -3.56 -2.38
C ILE E 185 -24.76 -2.19 -3.05
N HIS E 186 -24.10 -1.19 -2.50
CA HIS E 186 -24.10 0.15 -3.06
C HIS E 186 -22.77 0.40 -3.77
N TYR E 187 -22.81 1.11 -4.90
CA TYR E 187 -21.64 1.42 -5.69
C TYR E 187 -21.36 2.92 -5.62
N CYS E 188 -20.14 3.27 -5.26
CA CYS E 188 -19.73 4.66 -5.09
C CYS E 188 -18.70 5.05 -6.13
N ALA E 189 -18.52 6.38 -6.31
CA ALA E 189 -17.64 6.92 -7.33
C ALA E 189 -16.32 7.38 -6.72
N PRO E 190 -15.21 7.26 -7.45
CA PRO E 190 -13.92 7.72 -6.94
C PRO E 190 -13.78 9.23 -6.97
N ALA E 191 -12.59 9.73 -6.61
CA ALA E 191 -12.33 11.16 -6.66
C ALA E 191 -12.11 11.60 -8.10
N GLY E 192 -12.68 12.74 -8.47
CA GLY E 192 -12.61 13.24 -9.82
C GLY E 192 -13.72 12.78 -10.75
N PHE E 193 -14.59 11.90 -10.29
CA PHE E 193 -15.71 11.39 -11.07
C PHE E 193 -17.01 11.71 -10.34
N ALA E 194 -18.12 11.42 -11.00
CA ALA E 194 -19.44 11.66 -10.44
C ALA E 194 -20.44 10.67 -11.01
N ILE E 195 -21.55 10.49 -10.29
CA ILE E 195 -22.65 9.64 -10.72
C ILE E 195 -23.89 10.50 -10.87
N LEU E 196 -24.52 10.42 -12.05
CA LEU E 196 -25.70 11.21 -12.35
C LEU E 196 -26.92 10.29 -12.33
N LYS E 197 -27.97 10.74 -11.63
CA LYS E 197 -29.18 9.96 -11.46
C LYS E 197 -30.34 10.68 -12.13
N CYS E 198 -31.11 9.95 -12.93
CA CYS E 198 -32.26 10.51 -13.63
C CYS E 198 -33.50 10.35 -12.75
N LYS E 199 -34.12 11.48 -12.39
CA LYS E 199 -35.26 11.49 -11.49
C LYS E 199 -36.60 11.52 -12.23
N ASP E 200 -36.58 11.32 -13.54
CA ASP E 200 -37.82 11.24 -14.30
C ASP E 200 -38.59 9.98 -13.94
N LYS E 201 -39.92 10.09 -13.95
CA LYS E 201 -40.78 8.99 -13.56
C LYS E 201 -41.24 8.12 -14.72
N LYS E 202 -41.22 8.64 -15.95
CA LYS E 202 -41.62 7.91 -17.14
C LYS E 202 -40.42 7.65 -18.06
N PHE E 203 -39.26 7.39 -17.47
CA PHE E 203 -38.04 7.17 -18.23
C PHE E 203 -38.07 5.80 -18.88
N ASN E 204 -37.49 5.71 -20.09
CA ASN E 204 -37.55 4.49 -20.88
C ASN E 204 -36.16 4.04 -21.35
N GLY E 205 -35.11 4.49 -20.66
CA GLY E 205 -33.76 4.10 -21.06
C GLY E 205 -33.08 5.08 -21.98
N THR E 206 -33.13 4.82 -23.28
CA THR E 206 -32.53 5.73 -24.25
C THR E 206 -33.34 7.02 -24.32
N GLY E 207 -32.65 8.15 -24.34
CA GLY E 207 -33.30 9.44 -24.47
C GLY E 207 -32.84 10.45 -23.45
N PRO E 208 -33.06 11.74 -23.73
CA PRO E 208 -32.68 12.78 -22.77
C PRO E 208 -33.53 12.72 -21.50
N CYS E 209 -32.91 13.12 -20.40
CA CYS E 209 -33.57 13.15 -19.10
C CYS E 209 -33.57 14.57 -18.55
N PRO E 210 -34.73 15.23 -18.44
CA PRO E 210 -34.73 16.64 -18.01
C PRO E 210 -34.59 16.87 -16.52
N SER E 211 -34.60 15.82 -15.70
CA SER E 211 -34.46 15.94 -14.25
C SER E 211 -33.26 15.12 -13.82
N VAL E 212 -32.11 15.78 -13.64
CA VAL E 212 -30.85 15.13 -13.33
C VAL E 212 -30.39 15.60 -11.96
N SER E 213 -29.98 14.66 -11.10
CA SER E 213 -29.44 14.97 -9.80
C SER E 213 -28.15 14.16 -9.59
N THR E 214 -27.31 14.67 -8.71
CA THR E 214 -26.01 14.06 -8.41
C THR E 214 -26.09 13.31 -7.09
N VAL E 215 -25.72 12.03 -7.11
CA VAL E 215 -25.72 11.19 -5.92
C VAL E 215 -24.30 10.74 -5.63
N GLN E 216 -24.06 10.41 -4.37
CA GLN E 216 -22.74 9.93 -3.97
C GLN E 216 -22.59 8.44 -4.22
N CYS E 217 -23.58 7.64 -3.81
CA CYS E 217 -23.57 6.20 -4.02
C CYS E 217 -24.97 5.76 -4.44
N THR E 218 -25.03 4.63 -5.14
CA THR E 218 -26.30 4.11 -5.61
C THR E 218 -27.07 3.46 -4.47
N HIS E 219 -28.30 3.06 -4.76
CA HIS E 219 -29.12 2.37 -3.78
C HIS E 219 -28.72 0.90 -3.70
N GLY E 220 -29.32 0.17 -2.75
CA GLY E 220 -28.98 -1.22 -2.55
C GLY E 220 -29.52 -2.14 -3.63
N ILE E 221 -28.63 -2.70 -4.43
CA ILE E 221 -28.98 -3.61 -5.51
C ILE E 221 -28.68 -5.03 -5.05
N LYS E 222 -29.73 -5.82 -4.84
CA LYS E 222 -29.55 -7.19 -4.38
C LYS E 222 -29.20 -8.09 -5.56
N PRO E 223 -28.09 -8.83 -5.51
CA PRO E 223 -27.76 -9.74 -6.62
C PRO E 223 -28.62 -10.99 -6.62
N VAL E 224 -29.85 -10.87 -7.12
CA VAL E 224 -30.77 -12.00 -7.19
C VAL E 224 -30.63 -12.66 -8.55
N VAL E 225 -30.37 -13.96 -8.56
CA VAL E 225 -30.18 -14.72 -9.79
C VAL E 225 -31.47 -15.47 -10.10
N SER E 226 -32.04 -15.20 -11.26
CA SER E 226 -33.30 -15.82 -11.66
C SER E 226 -33.40 -15.82 -13.17
N THR E 227 -34.32 -16.64 -13.69
CA THR E 227 -34.53 -16.79 -15.12
C THR E 227 -36.02 -16.69 -15.41
N GLN E 228 -36.37 -15.93 -16.46
CA GLN E 228 -37.71 -15.75 -17.01
C GLN E 228 -38.61 -14.90 -16.12
N LEU E 229 -38.16 -14.58 -14.92
CA LEU E 229 -38.91 -13.74 -13.99
C LEU E 229 -37.91 -12.97 -13.15
N LEU E 230 -38.22 -11.73 -12.84
CA LEU E 230 -37.38 -10.89 -11.99
C LEU E 230 -37.98 -10.88 -10.58
N LEU E 231 -37.19 -11.30 -9.60
CA LEU E 231 -37.67 -11.50 -8.24
C LEU E 231 -37.03 -10.47 -7.29
N ASN E 232 -37.87 -9.91 -6.41
CA ASN E 232 -37.43 -9.00 -5.35
C ASN E 232 -36.71 -7.78 -5.92
N GLY E 233 -37.25 -7.25 -7.01
CA GLY E 233 -36.67 -6.09 -7.68
C GLY E 233 -37.26 -4.79 -7.19
N SER E 234 -37.16 -3.77 -8.04
CA SER E 234 -37.68 -2.44 -7.75
C SER E 234 -38.89 -2.18 -8.62
N LEU E 235 -39.95 -1.63 -8.02
CA LEU E 235 -41.20 -1.41 -8.70
C LEU E 235 -41.22 -0.04 -9.37
N ALA E 236 -42.04 0.08 -10.41
CA ALA E 236 -42.25 1.36 -11.07
C ALA E 236 -43.17 2.24 -10.22
N GLU E 237 -43.32 3.49 -10.64
CA GLU E 237 -44.07 4.47 -9.86
C GLU E 237 -45.39 4.88 -10.48
N GLU E 238 -45.51 4.89 -11.80
CA GLU E 238 -46.73 5.33 -12.46
C GLU E 238 -47.45 4.20 -13.19
N GLU E 239 -46.79 3.54 -14.13
CA GLU E 239 -47.37 2.48 -14.94
C GLU E 239 -46.32 1.41 -15.18
N VAL E 240 -46.71 0.35 -15.89
CA VAL E 240 -45.75 -0.64 -16.33
C VAL E 240 -44.86 -0.03 -17.41
N MET E 241 -43.63 -0.54 -17.52
CA MET E 241 -42.65 0.01 -18.42
C MET E 241 -42.10 -1.07 -19.34
N ILE E 242 -42.13 -0.82 -20.64
CA ILE E 242 -41.58 -1.72 -21.65
C ILE E 242 -40.36 -1.04 -22.26
N ARG E 243 -39.20 -1.67 -22.08
CA ARG E 243 -37.93 -1.09 -22.51
C ARG E 243 -37.20 -2.09 -23.39
N SER E 244 -36.81 -1.66 -24.59
CA SER E 244 -36.07 -2.50 -25.51
C SER E 244 -35.10 -1.63 -26.31
N GLU E 245 -33.98 -2.25 -26.71
CA GLU E 245 -32.99 -1.53 -27.51
C GLU E 245 -33.53 -1.18 -28.89
N ASN E 246 -34.26 -2.11 -29.51
CA ASN E 246 -34.85 -1.89 -30.82
C ASN E 246 -36.17 -2.66 -30.85
N ILE E 247 -37.28 -1.93 -30.77
CA ILE E 247 -38.59 -2.58 -30.64
C ILE E 247 -39.02 -3.27 -31.93
N THR E 248 -38.39 -2.96 -33.06
CA THR E 248 -38.73 -3.61 -34.32
C THR E 248 -37.93 -4.88 -34.55
N ASN E 249 -36.72 -4.97 -34.02
CA ASN E 249 -35.92 -6.18 -34.14
C ASN E 249 -36.42 -7.23 -33.16
N ASN E 250 -36.79 -8.40 -33.68
CA ASN E 250 -37.32 -9.48 -32.85
C ASN E 250 -36.23 -10.27 -32.14
N ALA E 251 -34.97 -10.05 -32.48
CA ALA E 251 -33.85 -10.78 -31.88
C ALA E 251 -33.32 -10.11 -30.62
N LYS E 252 -34.05 -9.15 -30.06
CA LYS E 252 -33.63 -8.44 -28.86
C LYS E 252 -34.69 -8.60 -27.78
N ASN E 253 -34.24 -8.88 -26.56
CA ASN E 253 -35.17 -9.14 -25.47
C ASN E 253 -35.92 -7.88 -25.05
N ILE E 254 -37.10 -8.08 -24.50
CA ILE E 254 -37.96 -7.00 -24.01
C ILE E 254 -38.00 -7.07 -22.50
N LEU E 255 -37.72 -5.94 -21.85
CA LEU E 255 -37.68 -5.86 -20.39
C LEU E 255 -38.96 -5.16 -19.92
N VAL E 256 -39.79 -5.90 -19.20
CA VAL E 256 -41.04 -5.38 -18.65
C VAL E 256 -40.86 -5.19 -17.15
N GLN E 257 -41.31 -4.04 -16.64
CA GLN E 257 -41.24 -3.73 -15.22
C GLN E 257 -42.65 -3.48 -14.70
N PHE E 258 -42.97 -4.09 -13.55
CA PHE E 258 -44.30 -4.00 -12.97
C PHE E 258 -44.39 -2.78 -12.05
N ASN E 259 -45.63 -2.44 -11.69
CA ASN E 259 -45.89 -1.41 -10.70
C ASN E 259 -46.47 -1.97 -9.40
N THR E 260 -47.14 -3.11 -9.45
CA THR E 260 -47.64 -3.80 -8.28
C THR E 260 -47.10 -5.22 -8.27
N PRO E 261 -46.54 -5.68 -7.16
CA PRO E 261 -45.90 -7.00 -7.15
C PRO E 261 -46.91 -8.14 -7.18
N VAL E 262 -46.49 -9.25 -7.75
CA VAL E 262 -47.25 -10.50 -7.73
C VAL E 262 -46.55 -11.46 -6.79
N GLN E 263 -47.25 -11.93 -5.77
CA GLN E 263 -46.66 -12.76 -4.73
C GLN E 263 -46.58 -14.20 -5.19
N ILE E 264 -45.37 -14.71 -5.37
CA ILE E 264 -45.14 -16.12 -5.62
C ILE E 264 -44.63 -16.75 -4.33
N ASN E 265 -45.00 -18.01 -4.13
CA ASN E 265 -44.75 -18.69 -2.86
C ASN E 265 -44.70 -20.19 -3.08
N CYS E 266 -43.52 -20.77 -2.81
CA CYS E 266 -43.18 -22.13 -3.16
C CYS E 266 -42.74 -22.89 -1.91
N THR E 267 -42.64 -24.21 -2.05
CA THR E 267 -42.20 -25.05 -0.94
C THR E 267 -41.64 -26.36 -1.50
N ARG E 268 -40.76 -26.97 -0.71
CA ARG E 268 -40.35 -28.35 -0.93
C ARG E 268 -40.96 -29.21 0.17
N PRO E 269 -41.92 -30.09 -0.14
CA PRO E 269 -42.73 -30.69 0.92
C PRO E 269 -42.04 -31.77 1.74
N ASN E 270 -41.18 -32.59 1.16
CA ASN E 270 -40.58 -33.71 1.87
C ASN E 270 -39.33 -33.24 2.62
N ASN E 271 -39.15 -33.78 3.83
CA ASN E 271 -38.03 -33.42 4.69
C ASN E 271 -36.92 -34.46 4.56
N ASN E 272 -35.70 -33.99 4.33
CA ASN E 272 -34.55 -34.86 4.12
C ASN E 272 -33.69 -34.91 5.37
N THR E 273 -32.75 -35.85 5.37
CA THR E 273 -31.77 -36.01 6.44
C THR E 273 -30.38 -36.00 5.84
N ARG E 274 -29.49 -35.20 6.42
CA ARG E 274 -28.13 -35.08 5.92
C ARG E 274 -27.22 -36.03 6.69
N LYS E 275 -26.46 -36.84 5.96
CA LYS E 275 -25.55 -37.83 6.54
C LYS E 275 -24.13 -37.48 6.14
N SER E 276 -23.24 -37.43 7.14
CA SER E 276 -21.86 -37.02 6.91
C SER E 276 -20.98 -38.25 6.71
N ILE E 277 -20.18 -38.23 5.66
CA ILE E 277 -19.28 -39.32 5.31
C ILE E 277 -17.87 -38.76 5.23
N ARG E 278 -16.93 -39.41 5.92
CA ARG E 278 -15.54 -38.99 5.94
C ARG E 278 -14.80 -39.66 4.79
N ILE E 279 -14.29 -38.85 3.85
CA ILE E 279 -13.60 -39.35 2.67
C ILE E 279 -12.10 -39.12 2.72
N GLY E 280 -11.59 -38.55 3.80
CA GLY E 280 -10.17 -38.28 3.93
C GLY E 280 -9.84 -37.60 5.24
N PRO E 281 -8.57 -37.23 5.41
CA PRO E 281 -8.18 -36.55 6.66
C PRO E 281 -8.69 -35.12 6.71
N GLY E 282 -9.72 -34.88 7.54
CA GLY E 282 -10.31 -33.57 7.65
C GLY E 282 -11.33 -33.22 6.60
N GLN E 283 -11.61 -34.12 5.67
CA GLN E 283 -12.57 -33.88 4.59
C GLN E 283 -13.83 -34.71 4.83
N ALA E 284 -14.98 -34.12 4.53
CA ALA E 284 -16.26 -34.78 4.74
C ALA E 284 -17.14 -34.59 3.51
N PHE E 285 -18.01 -35.56 3.28
CA PHE E 285 -18.98 -35.52 2.18
C PHE E 285 -20.37 -35.70 2.78
N TYR E 286 -21.26 -34.76 2.49
CA TYR E 286 -22.59 -34.74 3.08
C TYR E 286 -23.57 -35.40 2.11
N ALA E 287 -23.99 -36.62 2.41
CA ALA E 287 -24.88 -37.39 1.57
C ALA E 287 -26.32 -37.22 2.06
N THR E 288 -27.24 -37.91 1.39
CA THR E 288 -28.65 -37.89 1.72
C THR E 288 -29.04 -39.21 2.37
N GLY E 289 -29.80 -39.15 3.45
CA GLY E 289 -30.17 -40.36 4.17
C GLY E 289 -31.51 -40.93 3.74
N ASP E 290 -32.50 -40.85 4.62
CA ASP E 290 -33.82 -41.41 4.37
C ASP E 290 -34.88 -40.34 4.59
N ILE E 291 -35.87 -40.30 3.71
CA ILE E 291 -36.96 -39.34 3.82
C ILE E 291 -38.02 -39.91 4.75
N ILE E 292 -38.38 -39.16 5.78
CA ILE E 292 -39.37 -39.58 6.76
C ILE E 292 -40.73 -39.09 6.26
N GLY E 293 -41.58 -40.04 5.88
CA GLY E 293 -42.92 -39.70 5.42
C GLY E 293 -43.19 -40.15 3.99
N ASP E 294 -43.87 -39.30 3.23
CA ASP E 294 -44.21 -39.60 1.84
C ASP E 294 -43.38 -38.72 0.91
N ILE E 295 -43.22 -39.19 -0.32
CA ILE E 295 -42.45 -38.49 -1.34
C ILE E 295 -43.45 -37.85 -2.30
N ARG E 296 -43.44 -36.51 -2.34
CA ARG E 296 -44.34 -35.75 -3.19
C ARG E 296 -43.59 -34.57 -3.78
N GLN E 297 -44.09 -34.09 -4.93
CA GLN E 297 -43.36 -33.14 -5.75
C GLN E 297 -43.36 -31.74 -5.14
N ALA E 298 -42.31 -30.97 -5.45
CA ALA E 298 -42.25 -29.57 -5.11
C ALA E 298 -43.01 -28.74 -6.14
N HIS E 299 -43.46 -27.56 -5.72
CA HIS E 299 -44.32 -26.76 -6.58
C HIS E 299 -44.22 -25.28 -6.20
N CYS E 300 -44.71 -24.43 -7.10
CA CYS E 300 -44.87 -23.01 -6.86
C CYS E 300 -46.32 -22.63 -7.14
N ASN E 301 -46.82 -21.64 -6.41
CA ASN E 301 -48.22 -21.25 -6.51
C ASN E 301 -48.33 -19.76 -6.74
N VAL E 302 -49.07 -19.38 -7.78
CA VAL E 302 -49.34 -17.99 -8.13
C VAL E 302 -50.85 -17.80 -8.15
N SER E 303 -51.31 -16.68 -7.60
CA SER E 303 -52.74 -16.40 -7.55
C SER E 303 -53.31 -16.21 -8.96
N LYS E 304 -54.47 -16.80 -9.20
CA LYS E 304 -55.09 -16.74 -10.53
C LYS E 304 -55.71 -15.38 -10.83
N ALA E 305 -56.19 -14.66 -9.82
CA ALA E 305 -56.80 -13.36 -10.04
C ALA E 305 -55.79 -12.22 -10.08
N THR E 306 -54.72 -12.30 -9.29
CA THR E 306 -53.69 -11.26 -9.32
C THR E 306 -52.88 -11.32 -10.60
N TRP E 307 -52.64 -12.51 -11.13
CA TRP E 307 -51.91 -12.65 -12.39
C TRP E 307 -52.69 -12.08 -13.56
N ASN E 308 -54.02 -12.13 -13.50
CA ASN E 308 -54.84 -11.57 -14.57
C ASN E 308 -54.72 -10.05 -14.63
N GLU E 309 -54.69 -9.39 -13.47
CA GLU E 309 -54.61 -7.93 -13.45
C GLU E 309 -53.27 -7.45 -13.97
N THR E 310 -52.18 -8.14 -13.63
CA THR E 310 -50.85 -7.74 -14.05
C THR E 310 -50.47 -8.27 -15.43
N LEU E 311 -51.37 -9.02 -16.08
CA LEU E 311 -51.19 -9.40 -17.47
C LEU E 311 -52.10 -8.64 -18.42
N GLY E 312 -53.22 -8.12 -17.92
CA GLY E 312 -54.05 -7.23 -18.72
C GLY E 312 -53.55 -5.82 -18.82
N LYS E 313 -52.55 -5.46 -18.01
CA LYS E 313 -51.91 -4.15 -18.09
C LYS E 313 -50.67 -4.15 -18.98
N VAL E 314 -49.96 -5.28 -19.07
CA VAL E 314 -48.86 -5.39 -20.02
C VAL E 314 -49.38 -5.37 -21.44
N VAL E 315 -50.50 -6.06 -21.70
CA VAL E 315 -51.07 -6.09 -23.04
C VAL E 315 -51.64 -4.73 -23.42
N LYS E 316 -51.99 -3.90 -22.44
CA LYS E 316 -52.51 -2.57 -22.74
C LYS E 316 -51.43 -1.65 -23.30
N GLN E 317 -50.22 -1.71 -22.72
CA GLN E 317 -49.11 -0.87 -23.15
C GLN E 317 -48.21 -1.55 -24.17
N LEU E 318 -48.46 -2.81 -24.50
CA LEU E 318 -47.78 -3.45 -25.62
C LEU E 318 -48.45 -3.13 -26.95
N ARG E 319 -49.64 -2.56 -26.93
CA ARG E 319 -50.35 -2.16 -28.13
C ARG E 319 -49.98 -0.75 -28.59
N LYS E 320 -49.26 0.02 -27.76
CA LYS E 320 -48.82 1.35 -28.14
C LYS E 320 -47.62 1.32 -29.08
N HIS E 321 -46.98 0.17 -29.26
CA HIS E 321 -45.86 0.03 -30.18
C HIS E 321 -46.17 -0.84 -31.39
N PHE E 322 -47.23 -1.65 -31.33
CA PHE E 322 -47.54 -2.59 -32.39
C PHE E 322 -48.90 -2.37 -33.05
N GLY E 323 -49.74 -1.49 -32.50
CA GLY E 323 -51.04 -1.21 -33.09
C GLY E 323 -52.16 -1.42 -32.10
N ASN E 324 -53.25 -0.65 -32.30
CA ASN E 324 -54.42 -0.72 -31.44
C ASN E 324 -55.41 -1.80 -31.84
N ASN E 325 -55.23 -2.42 -33.00
CA ASN E 325 -56.16 -3.43 -33.50
C ASN E 325 -55.49 -4.78 -33.73
N THR E 326 -54.40 -5.06 -33.03
CA THR E 326 -53.68 -6.31 -33.19
C THR E 326 -54.02 -7.27 -32.05
N ILE E 327 -53.77 -8.55 -32.29
CA ILE E 327 -54.03 -9.61 -31.32
C ILE E 327 -52.70 -10.01 -30.70
N ILE E 328 -52.64 -9.99 -29.37
CA ILE E 328 -51.43 -10.31 -28.64
C ILE E 328 -51.60 -11.68 -28.00
N ARG E 329 -50.65 -12.57 -28.25
CA ARG E 329 -50.72 -13.95 -27.79
C ARG E 329 -49.49 -14.28 -26.95
N PHE E 330 -49.68 -15.05 -25.89
CA PHE E 330 -48.61 -15.49 -25.03
C PHE E 330 -48.46 -17.00 -25.14
N ALA E 331 -47.22 -17.46 -25.36
CA ALA E 331 -46.89 -18.88 -25.42
C ALA E 331 -45.77 -19.18 -24.43
N ASN E 332 -45.34 -20.44 -24.40
CA ASN E 332 -44.26 -20.85 -23.53
C ASN E 332 -42.95 -20.91 -24.31
N SER E 333 -41.88 -21.30 -23.62
CA SER E 333 -40.56 -21.33 -24.24
C SER E 333 -40.47 -22.43 -25.28
N SER E 334 -39.59 -22.22 -26.26
CA SER E 334 -39.49 -23.13 -27.41
C SER E 334 -38.57 -24.31 -27.12
N GLY E 335 -37.31 -24.04 -26.81
CA GLY E 335 -36.36 -25.12 -26.60
C GLY E 335 -35.05 -24.60 -26.06
N GLY E 336 -34.15 -25.53 -25.80
CA GLY E 336 -32.84 -25.27 -25.23
C GLY E 336 -32.58 -26.21 -24.07
N ASP E 337 -31.57 -25.85 -23.27
CA ASP E 337 -31.26 -26.63 -22.08
C ASP E 337 -32.22 -26.25 -20.95
N LEU E 338 -32.05 -26.90 -19.80
CA LEU E 338 -33.00 -26.75 -18.70
C LEU E 338 -32.90 -25.39 -18.02
N GLU E 339 -31.80 -24.66 -18.23
CA GLU E 339 -31.61 -23.38 -17.54
C GLU E 339 -32.24 -22.19 -18.27
N VAL E 340 -32.73 -22.37 -19.49
CA VAL E 340 -33.35 -21.28 -20.23
C VAL E 340 -34.82 -21.51 -20.53
N THR E 341 -35.32 -22.74 -20.48
CA THR E 341 -36.72 -23.04 -20.73
C THR E 341 -37.54 -23.12 -19.45
N THR E 342 -36.92 -22.94 -18.29
CA THR E 342 -37.60 -23.04 -17.01
C THR E 342 -37.17 -21.89 -16.10
N HIS E 343 -38.05 -21.54 -15.17
CA HIS E 343 -37.76 -20.49 -14.20
C HIS E 343 -36.89 -21.06 -13.09
N SER E 344 -35.61 -20.71 -13.09
CA SER E 344 -34.65 -21.22 -12.12
C SER E 344 -34.33 -20.16 -11.08
N PHE E 345 -34.24 -20.59 -9.83
CA PHE E 345 -33.97 -19.67 -8.72
C PHE E 345 -33.42 -20.48 -7.55
N ASN E 346 -33.06 -19.77 -6.48
CA ASN E 346 -32.55 -20.36 -5.26
C ASN E 346 -33.52 -20.09 -4.12
N CYS E 347 -33.89 -21.14 -3.39
CA CYS E 347 -34.83 -21.03 -2.28
C CYS E 347 -34.25 -21.77 -1.08
N GLY E 348 -33.52 -21.04 -0.23
CA GLY E 348 -32.99 -21.62 0.99
C GLY E 348 -31.81 -22.54 0.81
N GLY E 349 -31.21 -22.59 -0.37
CA GLY E 349 -30.06 -23.45 -0.62
C GLY E 349 -30.31 -24.57 -1.61
N GLU E 350 -31.55 -24.78 -2.05
CA GLU E 350 -31.86 -25.76 -3.08
C GLU E 350 -32.29 -25.05 -4.36
N PHE E 351 -31.77 -25.52 -5.48
CA PHE E 351 -31.96 -24.85 -6.77
C PHE E 351 -33.17 -25.46 -7.47
N PHE E 352 -34.21 -24.65 -7.66
CA PHE E 352 -35.44 -25.09 -8.29
C PHE E 352 -35.39 -24.83 -9.79
N TYR E 353 -36.18 -25.61 -10.54
CA TYR E 353 -36.35 -25.43 -11.98
C TYR E 353 -37.83 -25.65 -12.29
N CYS E 354 -38.62 -24.58 -12.25
CA CYS E 354 -40.06 -24.66 -12.29
C CYS E 354 -40.60 -24.50 -13.71
N ASN E 355 -41.73 -25.15 -13.97
CA ASN E 355 -42.37 -25.16 -15.28
C ASN E 355 -43.35 -24.00 -15.37
N THR E 356 -42.95 -22.91 -16.01
CA THR E 356 -43.82 -21.77 -16.21
C THR E 356 -44.52 -21.89 -17.56
N SER E 357 -45.38 -22.90 -17.66
CA SER E 357 -46.14 -23.15 -18.86
C SER E 357 -47.61 -22.80 -18.74
N GLY E 358 -48.15 -22.75 -17.51
CA GLY E 358 -49.50 -22.27 -17.29
C GLY E 358 -49.61 -20.80 -17.05
N LEU E 359 -48.49 -20.10 -16.86
CA LEU E 359 -48.53 -18.66 -16.67
C LEU E 359 -48.80 -17.93 -17.98
N PHE E 360 -48.26 -18.43 -19.08
CA PHE E 360 -48.42 -17.81 -20.40
C PHE E 360 -49.26 -18.77 -21.26
N ASN E 361 -50.57 -18.67 -21.12
CA ASN E 361 -51.52 -19.53 -21.81
C ASN E 361 -52.76 -18.73 -22.22
N SER E 362 -52.56 -17.53 -22.74
CA SER E 362 -53.67 -16.63 -23.00
C SER E 362 -53.55 -15.99 -24.37
N THR E 363 -54.71 -15.68 -24.96
CA THR E 363 -54.82 -14.92 -26.19
C THR E 363 -55.80 -13.78 -25.95
N TRP E 364 -55.35 -12.55 -26.21
CA TRP E 364 -56.11 -11.35 -25.87
C TRP E 364 -56.68 -10.72 -27.13
N ILE E 365 -57.98 -10.42 -27.09
CA ILE E 365 -58.71 -9.86 -28.22
C ILE E 365 -58.70 -8.34 -28.08
N SER E 366 -58.80 -7.64 -29.22
CA SER E 366 -58.61 -6.19 -29.24
C SER E 366 -59.66 -5.46 -28.43
N ASN E 367 -60.91 -5.91 -28.46
CA ASN E 367 -61.99 -5.21 -27.78
C ASN E 367 -61.87 -5.30 -26.26
N ASN E 379 -60.30 -17.21 -4.54
CA ASN E 379 -59.42 -18.15 -3.85
C ASN E 379 -59.02 -19.30 -4.77
N ASP E 380 -58.19 -18.98 -5.77
CA ASP E 380 -57.71 -19.98 -6.71
C ASP E 380 -56.24 -19.71 -6.99
N SER E 381 -55.51 -20.77 -7.31
CA SER E 381 -54.07 -20.70 -7.51
C SER E 381 -53.65 -21.52 -8.71
N ILE E 382 -52.49 -21.17 -9.26
CA ILE E 382 -51.88 -21.90 -10.38
C ILE E 382 -50.67 -22.63 -9.83
N THR E 383 -50.63 -23.95 -9.99
CA THR E 383 -49.56 -24.78 -9.46
C THR E 383 -48.56 -25.10 -10.57
N LEU E 384 -47.30 -24.74 -10.34
CA LEU E 384 -46.24 -24.96 -11.31
C LEU E 384 -45.31 -26.07 -10.82
N PRO E 385 -45.21 -27.18 -11.54
CA PRO E 385 -44.30 -28.26 -11.09
C PRO E 385 -42.85 -27.84 -11.22
N CYS E 386 -42.07 -28.12 -10.18
CA CYS E 386 -40.66 -27.77 -10.14
C CYS E 386 -39.81 -29.02 -9.96
N ARG E 387 -38.54 -28.91 -10.37
CA ARG E 387 -37.57 -29.98 -10.27
C ARG E 387 -36.31 -29.44 -9.63
N ILE E 388 -35.65 -30.28 -8.83
CA ILE E 388 -34.50 -29.88 -8.03
C ILE E 388 -33.26 -30.63 -8.51
N LYS E 389 -32.15 -29.92 -8.59
CA LYS E 389 -30.88 -30.46 -9.06
C LYS E 389 -29.78 -30.11 -8.06
N GLN E 390 -28.71 -30.90 -8.07
CA GLN E 390 -27.60 -30.70 -7.14
C GLN E 390 -26.27 -30.40 -7.81
N ILE E 391 -26.01 -30.94 -8.99
CA ILE E 391 -24.81 -30.63 -9.76
C ILE E 391 -25.19 -29.57 -10.78
N ILE E 392 -24.74 -28.34 -10.57
CA ILE E 392 -25.21 -27.20 -11.36
C ILE E 392 -24.01 -26.48 -11.97
N ASN E 393 -24.23 -25.96 -13.18
CA ASN E 393 -23.28 -25.11 -13.87
C ASN E 393 -23.90 -23.72 -14.00
N MET E 394 -23.20 -22.70 -13.51
CA MET E 394 -23.73 -21.35 -13.47
C MET E 394 -22.94 -20.42 -14.38
N TRP E 395 -23.64 -19.39 -14.85
CA TRP E 395 -23.07 -18.32 -15.68
C TRP E 395 -22.50 -18.84 -16.99
N GLN E 396 -23.10 -19.91 -17.51
CA GLN E 396 -22.80 -20.44 -18.85
C GLN E 396 -21.32 -20.78 -19.01
N ARG E 397 -20.72 -21.34 -17.97
CA ARG E 397 -19.33 -21.74 -17.97
C ARG E 397 -19.22 -23.25 -18.04
N ILE E 398 -18.20 -23.72 -18.77
CA ILE E 398 -17.99 -25.14 -19.01
C ILE E 398 -16.75 -25.58 -18.25
N GLY E 399 -16.89 -26.64 -17.45
CA GLY E 399 -15.79 -27.20 -16.71
C GLY E 399 -15.69 -26.78 -15.26
N GLN E 400 -16.68 -26.07 -14.73
CA GLN E 400 -16.70 -25.63 -13.33
C GLN E 400 -18.11 -25.79 -12.79
N CYS E 401 -18.40 -26.94 -12.17
CA CYS E 401 -19.67 -27.16 -11.50
C CYS E 401 -19.53 -26.91 -10.00
N MET E 402 -20.58 -27.27 -9.25
CA MET E 402 -20.58 -27.18 -7.80
C MET E 402 -21.67 -28.09 -7.26
N TYR E 403 -21.35 -28.81 -6.20
CA TYR E 403 -22.28 -29.75 -5.57
C TYR E 403 -22.90 -29.09 -4.36
N ALA E 404 -24.21 -28.87 -4.39
CA ALA E 404 -24.93 -28.28 -3.27
C ALA E 404 -25.30 -29.37 -2.26
N PRO E 405 -24.85 -29.28 -1.01
CA PRO E 405 -25.19 -30.30 -0.02
C PRO E 405 -26.66 -30.26 0.34
N PRO E 406 -27.22 -31.36 0.81
CA PRO E 406 -28.65 -31.39 1.15
C PRO E 406 -28.97 -30.49 2.34
N ILE E 407 -30.22 -30.02 2.37
CA ILE E 407 -30.73 -29.18 3.45
C ILE E 407 -31.69 -30.01 4.28
N GLN E 408 -31.49 -30.02 5.60
CA GLN E 408 -32.32 -30.81 6.50
C GLN E 408 -33.58 -30.04 6.86
N GLY E 409 -34.73 -30.65 6.64
CA GLY E 409 -36.02 -30.08 7.02
C GLY E 409 -36.88 -29.76 5.82
N VAL E 410 -37.90 -28.94 6.07
CA VAL E 410 -38.85 -28.52 5.06
C VAL E 410 -38.56 -27.06 4.71
N ILE E 411 -38.51 -26.76 3.41
CA ILE E 411 -38.08 -25.46 2.91
C ILE E 411 -39.28 -24.74 2.33
N ARG E 412 -39.46 -23.47 2.72
CA ARG E 412 -40.51 -22.61 2.17
C ARG E 412 -39.96 -21.20 2.05
N CYS E 413 -40.29 -20.53 0.94
CA CYS E 413 -39.85 -19.17 0.71
C CYS E 413 -40.96 -18.38 0.03
N VAL E 414 -40.96 -17.07 0.25
CA VAL E 414 -41.96 -16.15 -0.31
C VAL E 414 -41.22 -15.04 -1.04
N SER E 415 -41.63 -14.77 -2.28
CA SER E 415 -40.95 -13.80 -3.13
C SER E 415 -41.98 -12.92 -3.85
N ASN E 416 -41.48 -11.84 -4.44
CA ASN E 416 -42.27 -10.94 -5.25
C ASN E 416 -41.83 -11.03 -6.71
N ILE E 417 -42.80 -11.04 -7.62
CA ILE E 417 -42.52 -10.96 -9.05
C ILE E 417 -42.64 -9.51 -9.47
N THR E 418 -41.55 -8.91 -9.92
CA THR E 418 -41.49 -7.48 -10.24
C THR E 418 -40.97 -7.26 -11.65
N GLY E 419 -41.33 -8.13 -12.58
CA GLY E 419 -40.95 -7.93 -13.97
C GLY E 419 -40.83 -9.24 -14.71
N LEU E 420 -40.73 -9.11 -16.03
CA LEU E 420 -40.59 -10.25 -16.94
C LEU E 420 -39.49 -9.94 -17.95
N ILE E 421 -38.96 -10.98 -18.55
CA ILE E 421 -38.03 -10.87 -19.68
C ILE E 421 -38.67 -11.61 -20.85
N LEU E 422 -39.30 -10.87 -21.75
CA LEU E 422 -40.02 -11.46 -22.87
C LEU E 422 -39.17 -11.46 -24.13
N THR E 423 -39.68 -12.14 -25.16
CA THR E 423 -39.02 -12.21 -26.46
C THR E 423 -40.08 -12.43 -27.53
N ARG E 424 -40.08 -11.57 -28.53
CA ARG E 424 -41.05 -11.66 -29.62
C ARG E 424 -40.60 -12.69 -30.65
N ASP E 425 -41.56 -13.43 -31.19
CA ASP E 425 -41.24 -14.48 -32.16
C ASP E 425 -40.88 -13.88 -33.51
N GLY E 426 -41.82 -13.18 -34.13
CA GLY E 426 -41.57 -12.57 -35.42
C GLY E 426 -42.62 -12.90 -36.46
N GLY E 427 -42.22 -12.98 -37.72
CA GLY E 427 -43.14 -13.27 -38.80
C GLY E 427 -43.81 -12.02 -39.36
N SER E 428 -44.49 -12.21 -40.49
CA SER E 428 -45.19 -11.13 -41.15
C SER E 428 -46.57 -10.94 -40.52
N THR E 429 -47.40 -10.11 -41.16
CA THR E 429 -48.77 -9.80 -40.73
C THR E 429 -48.79 -9.30 -39.28
N ASN E 430 -48.15 -8.13 -39.11
CA ASN E 430 -48.00 -7.54 -37.78
C ASN E 430 -49.34 -7.13 -37.19
N SER E 431 -50.26 -6.62 -38.02
CA SER E 431 -51.55 -6.16 -37.52
C SER E 431 -52.50 -7.29 -37.19
N THR E 432 -52.16 -8.54 -37.53
CA THR E 432 -53.06 -9.65 -37.27
C THR E 432 -52.76 -10.33 -35.93
N THR E 433 -51.53 -10.80 -35.74
CA THR E 433 -51.18 -11.49 -34.50
C THR E 433 -49.69 -11.31 -34.19
N GLU E 434 -49.38 -11.19 -32.91
CA GLU E 434 -48.01 -11.16 -32.41
C GLU E 434 -47.93 -12.07 -31.20
N THR E 435 -46.93 -12.93 -31.17
CA THR E 435 -46.76 -13.91 -30.10
C THR E 435 -45.50 -13.59 -29.30
N PHE E 436 -45.64 -13.54 -27.97
CA PHE E 436 -44.54 -13.29 -27.06
C PHE E 436 -44.32 -14.52 -26.19
N ARG E 437 -43.07 -14.95 -26.09
CA ARG E 437 -42.69 -16.11 -25.30
C ARG E 437 -41.54 -15.75 -24.38
N PRO E 438 -41.42 -16.41 -23.22
CA PRO E 438 -40.39 -16.02 -22.25
C PRO E 438 -38.98 -16.25 -22.76
N GLY E 439 -38.06 -15.43 -22.26
CA GLY E 439 -36.66 -15.53 -22.61
C GLY E 439 -35.78 -15.60 -21.38
N GLY E 440 -34.49 -15.66 -21.63
CA GLY E 440 -33.52 -15.78 -20.56
C GLY E 440 -32.12 -15.95 -21.12
N GLY E 441 -31.22 -16.40 -20.25
CA GLY E 441 -29.85 -16.61 -20.68
C GLY E 441 -28.84 -15.78 -19.89
N ASP E 442 -28.25 -14.79 -20.55
CA ASP E 442 -27.26 -13.93 -19.93
C ASP E 442 -27.87 -13.18 -18.75
N MET E 443 -27.12 -13.14 -17.65
CA MET E 443 -27.58 -12.51 -16.41
C MET E 443 -27.33 -11.01 -16.38
N ARG E 444 -26.71 -10.45 -17.42
CA ARG E 444 -26.52 -9.01 -17.49
C ARG E 444 -27.81 -8.23 -17.72
N ASP E 445 -28.88 -8.90 -18.15
CA ASP E 445 -30.18 -8.26 -18.28
C ASP E 445 -30.95 -8.20 -16.96
N ASN E 446 -30.55 -8.99 -15.97
CA ASN E 446 -31.16 -8.90 -14.65
C ASN E 446 -30.68 -7.68 -13.89
N TRP E 447 -29.43 -7.28 -14.07
CA TRP E 447 -28.85 -6.11 -13.41
C TRP E 447 -28.89 -4.86 -14.26
N ARG E 448 -29.29 -4.96 -15.53
CA ARG E 448 -29.55 -3.79 -16.35
C ARG E 448 -30.89 -3.16 -16.02
N SER E 449 -31.78 -3.89 -15.36
CA SER E 449 -33.08 -3.37 -14.94
C SER E 449 -32.99 -2.56 -13.65
N GLU E 450 -31.85 -2.55 -13.00
CA GLU E 450 -31.61 -1.76 -11.79
C GLU E 450 -30.72 -0.55 -12.04
N LEU E 451 -29.64 -0.72 -12.80
CA LEU E 451 -28.74 0.37 -13.14
C LEU E 451 -29.10 0.98 -14.49
N TYR E 452 -30.34 1.45 -14.61
CA TYR E 452 -30.80 2.09 -15.83
C TYR E 452 -30.90 3.60 -15.73
N LYS E 453 -30.88 4.16 -14.53
CA LYS E 453 -30.94 5.61 -14.33
C LYS E 453 -29.62 6.21 -13.93
N TYR E 454 -28.55 5.43 -13.88
CA TYR E 454 -27.25 5.89 -13.42
C TYR E 454 -26.27 6.05 -14.57
N LYS E 455 -25.34 6.98 -14.41
CA LYS E 455 -24.33 7.27 -15.43
C LYS E 455 -23.10 7.85 -14.75
N VAL E 456 -21.93 7.53 -15.28
CA VAL E 456 -20.65 7.96 -14.70
C VAL E 456 -20.01 8.97 -15.66
N VAL E 457 -19.58 10.10 -15.11
CA VAL E 457 -18.97 11.18 -15.89
C VAL E 457 -17.65 11.57 -15.25
N LYS E 458 -16.81 12.24 -16.03
CA LYS E 458 -15.50 12.70 -15.60
C LYS E 458 -15.46 14.22 -15.56
N ILE E 459 -15.07 14.77 -14.42
CA ILE E 459 -15.05 16.22 -14.23
C ILE E 459 -13.79 16.81 -14.86
N GLU E 460 -13.98 17.81 -15.71
CA GLU E 460 -12.86 18.55 -16.30
C GLU E 460 -12.87 19.98 -15.75
N PRO E 461 -11.94 20.35 -14.87
CA PRO E 461 -12.07 21.58 -14.10
C PRO E 461 -11.36 22.82 -14.65
N LEU E 462 -10.72 22.75 -15.81
CA LEU E 462 -9.92 23.86 -16.30
C LEU E 462 -10.54 24.42 -17.58
N GLY E 463 -10.64 25.75 -17.63
CA GLY E 463 -11.21 26.40 -18.79
C GLY E 463 -10.79 27.86 -18.87
N VAL E 464 -10.95 28.43 -20.07
CA VAL E 464 -10.56 29.80 -20.33
C VAL E 464 -11.79 30.57 -20.82
N ALA E 465 -11.74 31.89 -20.66
CA ALA E 465 -12.85 32.76 -21.00
C ALA E 465 -12.32 34.18 -21.15
N PRO E 466 -12.97 35.02 -21.99
CA PRO E 466 -12.50 36.41 -22.14
C PRO E 466 -12.93 37.30 -20.99
N THR E 467 -11.99 38.09 -20.49
CA THR E 467 -12.21 38.98 -19.34
C THR E 467 -11.29 40.18 -19.50
N ARG E 468 -11.69 41.32 -18.93
CA ARG E 468 -10.96 42.58 -19.06
C ARG E 468 -9.88 42.73 -18.00
N CYS E 469 -9.33 41.63 -17.49
CA CYS E 469 -8.30 41.66 -16.46
C CYS E 469 -6.95 41.51 -17.13
N LYS E 470 -6.01 42.39 -16.77
CA LYS E 470 -4.66 42.37 -17.29
C LYS E 470 -3.66 42.21 -16.15
N ARG E 471 -2.50 41.67 -16.48
CA ARG E 471 -1.45 41.42 -15.49
C ARG E 471 -0.69 42.73 -15.26
N ARG E 472 0.43 42.69 -14.54
CA ARG E 472 1.23 43.88 -14.15
C ARG E 472 0.41 44.82 -13.27
N VAL E 473 -0.09 44.28 -12.15
CA VAL E 473 -0.84 45.06 -11.19
C VAL E 473 0.10 45.65 -10.14
N ALA F 1 -23.83 35.35 12.32
CA ALA F 1 -22.43 35.67 12.10
C ALA F 1 -21.54 34.51 12.52
N VAL F 2 -22.15 33.40 12.91
CA VAL F 2 -21.41 32.21 13.31
C VAL F 2 -21.39 31.13 12.23
N GLY F 3 -22.35 31.13 11.31
CA GLY F 3 -22.32 30.18 10.21
C GLY F 3 -23.43 29.16 10.23
N ILE F 4 -24.16 29.06 9.13
CA ILE F 4 -25.19 28.04 8.93
C ILE F 4 -24.81 27.22 7.71
N GLY F 5 -24.81 25.90 7.86
CA GLY F 5 -24.42 25.03 6.78
C GLY F 5 -25.45 24.80 5.70
N ALA F 6 -26.67 25.31 5.88
CA ALA F 6 -27.70 25.15 4.88
C ALA F 6 -27.45 26.00 3.65
N VAL F 7 -26.75 27.12 3.80
CA VAL F 7 -26.42 27.98 2.66
C VAL F 7 -25.10 27.46 2.10
N PHE F 8 -25.21 26.38 1.32
CA PHE F 8 -24.04 25.74 0.73
C PHE F 8 -24.50 24.98 -0.51
N LEU F 9 -24.14 25.49 -1.68
CA LEU F 9 -24.39 24.78 -2.92
C LEU F 9 -23.34 23.67 -3.05
N GLY F 10 -23.79 22.42 -3.11
CA GLY F 10 -22.90 21.29 -3.04
C GLY F 10 -22.06 21.04 -4.28
N PHE F 11 -21.58 19.81 -4.44
CA PHE F 11 -20.80 19.44 -5.61
C PHE F 11 -21.63 19.56 -6.86
N LEU F 12 -21.10 20.31 -7.84
CA LEU F 12 -21.75 20.57 -9.13
C LEU F 12 -23.11 21.24 -8.99
N GLY F 13 -23.35 21.94 -7.88
CA GLY F 13 -24.64 22.54 -7.63
C GLY F 13 -24.92 23.79 -8.44
N ALA F 14 -23.89 24.37 -9.07
CA ALA F 14 -24.05 25.52 -9.94
C ALA F 14 -23.81 25.18 -11.40
N ALA F 15 -24.09 23.93 -11.77
CA ALA F 15 -23.87 23.47 -13.14
C ALA F 15 -24.94 23.96 -14.11
N GLY F 16 -26.05 24.49 -13.62
CA GLY F 16 -27.07 25.03 -14.48
C GLY F 16 -27.15 26.53 -14.47
N SER F 17 -26.35 27.16 -13.60
CA SER F 17 -26.31 28.61 -13.50
C SER F 17 -25.50 29.20 -14.65
N THR F 18 -25.55 30.52 -14.76
CA THR F 18 -24.80 31.23 -15.78
C THR F 18 -23.32 31.20 -15.45
N MET F 19 -22.51 31.63 -16.42
CA MET F 19 -21.06 31.61 -16.25
C MET F 19 -20.60 32.62 -15.21
N GLY F 20 -21.29 33.76 -15.11
CA GLY F 20 -20.93 34.76 -14.12
C GLY F 20 -21.32 34.43 -12.70
N ALA F 21 -22.20 33.44 -12.51
CA ALA F 21 -22.59 32.99 -11.18
C ALA F 21 -21.90 31.70 -10.76
N ALA F 22 -21.58 30.82 -11.69
CA ALA F 22 -20.89 29.58 -11.37
C ALA F 22 -19.40 29.78 -11.13
N SER F 23 -18.88 30.98 -11.35
CA SER F 23 -17.47 31.28 -11.17
C SER F 23 -17.10 31.62 -9.72
N MET F 24 -18.08 31.72 -8.83
CA MET F 24 -17.81 31.97 -7.42
C MET F 24 -17.88 30.70 -6.57
N THR F 25 -18.01 29.54 -7.21
CA THR F 25 -18.13 28.26 -6.51
C THR F 25 -17.07 27.28 -7.00
N LEU F 26 -15.87 27.77 -7.28
CA LEU F 26 -14.82 26.93 -7.83
C LEU F 26 -14.18 26.01 -6.80
N THR F 27 -14.19 26.40 -5.53
CA THR F 27 -13.51 25.62 -4.49
C THR F 27 -14.17 24.26 -4.28
N VAL F 28 -15.50 24.20 -4.43
CA VAL F 28 -16.23 22.96 -4.20
C VAL F 28 -15.80 21.88 -5.18
N GLN F 29 -15.68 22.21 -6.46
CA GLN F 29 -15.18 21.26 -7.45
C GLN F 29 -13.66 21.15 -7.45
N ALA F 30 -12.94 22.11 -6.86
CA ALA F 30 -11.49 22.02 -6.78
C ALA F 30 -11.03 21.06 -5.68
N ARG F 31 -11.73 21.00 -4.55
CA ARG F 31 -11.31 20.14 -3.45
C ARG F 31 -11.63 18.67 -3.67
N ASN F 32 -12.47 18.33 -4.64
CA ASN F 32 -12.94 16.96 -4.82
C ASN F 32 -11.99 16.19 -5.73
N LEU F 33 -11.01 16.86 -6.33
CA LEU F 33 -10.06 16.21 -7.21
C LEU F 33 -8.98 15.44 -6.45
N LEU F 34 -8.91 15.60 -5.13
CA LEU F 34 -7.82 15.03 -4.35
C LEU F 34 -8.30 14.22 -3.16
N SER F 35 -9.59 13.94 -3.06
CA SER F 35 -10.10 13.16 -1.94
C SER F 35 -9.72 11.69 -2.09
N GLY F 36 -10.00 10.92 -1.04
CA GLY F 36 -9.70 9.50 -1.04
C GLY F 36 -10.62 8.69 -1.94
N THR F 58 -3.27 -9.13 -4.15
CA THR F 58 -4.06 -10.04 -4.98
C THR F 58 -5.04 -9.27 -5.86
N VAL F 59 -5.97 -10.00 -6.47
CA VAL F 59 -6.99 -9.37 -7.30
C VAL F 59 -7.93 -8.56 -6.42
N TRP F 60 -8.55 -7.53 -7.02
CA TRP F 60 -9.46 -6.59 -6.34
C TRP F 60 -8.77 -5.82 -5.22
N GLY F 61 -7.45 -5.69 -5.29
CA GLY F 61 -6.70 -4.87 -4.37
C GLY F 61 -5.61 -4.11 -5.09
N ILE F 62 -5.51 -4.33 -6.40
CA ILE F 62 -4.57 -3.64 -7.25
C ILE F 62 -5.25 -2.62 -8.15
N LYS F 63 -6.46 -2.94 -8.63
CA LYS F 63 -7.20 -2.03 -9.49
C LYS F 63 -7.56 -0.74 -8.76
N GLN F 64 -7.94 -0.84 -7.48
CA GLN F 64 -8.20 0.36 -6.70
C GLN F 64 -6.91 1.16 -6.48
N LEU F 65 -5.80 0.47 -6.22
CA LEU F 65 -4.52 1.15 -6.08
C LEU F 65 -4.09 1.79 -7.39
N GLN F 66 -4.31 1.09 -8.51
CA GLN F 66 -4.01 1.66 -9.81
C GLN F 66 -4.84 2.90 -10.10
N ALA F 67 -6.13 2.86 -9.74
CA ALA F 67 -7.00 4.01 -9.93
C ALA F 67 -6.55 5.19 -9.07
N ARG F 68 -6.15 4.92 -7.82
CA ARG F 68 -5.66 6.00 -6.96
C ARG F 68 -4.37 6.61 -7.50
N VAL F 69 -3.45 5.76 -7.98
CA VAL F 69 -2.19 6.26 -8.53
C VAL F 69 -2.44 7.08 -9.79
N LEU F 70 -3.33 6.61 -10.66
CA LEU F 70 -3.69 7.36 -11.86
C LEU F 70 -4.39 8.67 -11.54
N ALA F 71 -5.20 8.71 -10.48
CA ALA F 71 -5.81 9.96 -10.04
C ALA F 71 -4.81 10.95 -9.46
N VAL F 72 -3.77 10.47 -8.78
CA VAL F 72 -2.74 11.36 -8.25
C VAL F 72 -1.90 11.98 -9.36
N GLU F 73 -1.47 11.18 -10.34
CA GLU F 73 -0.60 11.69 -11.39
C GLU F 73 -1.34 12.52 -12.44
N ARG F 74 -2.67 12.53 -12.41
CA ARG F 74 -3.45 13.32 -13.35
C ARG F 74 -3.72 14.72 -12.81
N TYR F 75 -3.89 14.83 -11.48
CA TYR F 75 -4.02 16.14 -10.86
C TYR F 75 -2.72 16.93 -10.93
N LEU F 76 -1.58 16.24 -10.87
CA LEU F 76 -0.29 16.92 -10.95
C LEU F 76 0.00 17.48 -12.33
N ARG F 77 -0.54 16.87 -13.39
CA ARG F 77 -0.31 17.36 -14.75
C ARG F 77 -1.05 18.66 -15.04
N ASP F 78 -2.11 18.96 -14.29
CA ASP F 78 -2.77 20.26 -14.39
C ASP F 78 -2.06 21.32 -13.56
N GLN F 79 -1.55 20.95 -12.38
CA GLN F 79 -0.78 21.89 -11.57
C GLN F 79 0.56 22.23 -12.21
N GLN F 80 1.15 21.30 -12.96
CA GLN F 80 2.37 21.62 -13.71
C GLN F 80 2.06 22.53 -14.89
N LEU F 81 0.92 22.31 -15.56
CA LEU F 81 0.50 23.20 -16.64
C LEU F 81 0.20 24.60 -16.11
N LEU F 82 -0.28 24.69 -14.86
CA LEU F 82 -0.42 25.99 -14.22
C LEU F 82 0.91 26.48 -13.66
N GLY F 83 1.91 25.61 -13.54
CA GLY F 83 3.23 26.06 -13.12
C GLY F 83 3.88 26.97 -14.14
N ILE F 84 3.89 26.55 -15.41
CA ILE F 84 4.11 27.49 -16.49
C ILE F 84 2.87 28.36 -16.61
N TRP F 85 2.98 29.42 -17.43
CA TRP F 85 2.06 30.58 -17.47
C TRP F 85 2.30 31.37 -16.20
N GLY F 86 1.36 32.20 -15.79
CA GLY F 86 1.58 32.99 -14.59
C GLY F 86 0.56 32.78 -13.50
N CYS F 87 0.05 31.54 -13.37
CA CYS F 87 -1.06 31.23 -12.46
C CYS F 87 -0.67 30.04 -11.60
N SER F 88 0.03 30.29 -10.50
CA SER F 88 0.47 29.24 -9.58
C SER F 88 -0.23 29.45 -8.25
N GLY F 89 -0.91 28.41 -7.77
CA GLY F 89 -1.67 28.50 -6.55
C GLY F 89 -2.83 29.47 -6.62
N LYS F 90 -3.48 29.57 -7.78
CA LYS F 90 -4.58 30.50 -7.98
C LYS F 90 -5.67 29.84 -8.80
N LEU F 91 -6.92 30.12 -8.44
CA LEU F 91 -8.08 29.62 -9.16
C LEU F 91 -8.61 30.58 -10.21
N ILE F 92 -8.59 31.88 -9.93
CA ILE F 92 -8.96 32.91 -10.90
C ILE F 92 -7.70 33.69 -11.21
N CYS F 93 -7.19 33.56 -12.42
CA CYS F 93 -5.95 34.20 -12.84
C CYS F 93 -6.11 34.75 -14.25
N CYS F 94 -5.71 36.00 -14.44
CA CYS F 94 -5.84 36.69 -15.72
C CYS F 94 -4.46 36.96 -16.29
N THR F 95 -4.36 36.82 -17.61
CA THR F 95 -3.11 36.97 -18.34
C THR F 95 -3.21 38.15 -19.31
N ASN F 96 -2.17 38.30 -20.12
CA ASN F 96 -2.13 39.39 -21.10
C ASN F 96 -2.04 38.86 -22.53
N VAL F 97 -2.81 37.81 -22.82
CA VAL F 97 -2.88 37.23 -24.15
C VAL F 97 -4.11 37.80 -24.84
N PRO F 98 -3.94 38.45 -26.00
CA PRO F 98 -5.08 39.04 -26.70
C PRO F 98 -6.03 37.98 -27.26
N TRP F 99 -7.30 38.39 -27.39
CA TRP F 99 -8.38 37.55 -27.90
C TRP F 99 -8.85 38.14 -29.23
N ASN F 100 -8.79 37.35 -30.31
CA ASN F 100 -9.26 37.88 -31.59
C ASN F 100 -10.73 37.54 -31.75
N SER F 101 -11.42 38.28 -32.62
CA SER F 101 -12.84 38.07 -32.86
C SER F 101 -13.15 36.77 -33.60
N SER F 102 -12.13 36.05 -34.07
CA SER F 102 -12.31 34.82 -34.84
C SER F 102 -12.50 33.60 -33.94
N TRP F 103 -12.40 33.78 -32.62
CA TRP F 103 -12.62 32.70 -31.67
C TRP F 103 -14.07 32.62 -31.21
N SER F 104 -14.59 33.70 -30.64
CA SER F 104 -16.01 33.77 -30.30
C SER F 104 -16.41 35.25 -30.36
N ASN F 105 -17.01 35.64 -31.48
CA ASN F 105 -17.43 37.03 -31.68
C ASN F 105 -18.70 37.28 -30.86
N ARG F 106 -18.51 37.63 -29.60
CA ARG F 106 -19.63 37.82 -28.68
C ARG F 106 -19.28 38.92 -27.70
N ASN F 107 -20.32 39.51 -27.12
CA ASN F 107 -20.16 40.58 -26.14
C ASN F 107 -19.90 39.98 -24.77
N LEU F 108 -19.72 40.84 -23.77
CA LEU F 108 -19.59 40.38 -22.38
C LEU F 108 -20.93 40.27 -21.68
N SER F 109 -22.01 40.74 -22.29
CA SER F 109 -23.34 40.63 -21.71
C SER F 109 -24.10 39.41 -22.20
N GLU F 110 -23.50 38.62 -23.09
CA GLU F 110 -24.13 37.39 -23.58
C GLU F 110 -23.26 36.16 -23.37
N ILE F 111 -22.10 36.30 -22.74
CA ILE F 111 -21.28 35.15 -22.35
C ILE F 111 -21.36 34.90 -20.86
N TRP F 112 -21.22 35.95 -20.05
CA TRP F 112 -21.21 35.83 -18.61
C TRP F 112 -22.61 35.93 -17.99
N ASP F 113 -23.63 36.26 -18.78
CA ASP F 113 -24.97 36.44 -18.25
C ASP F 113 -26.03 35.63 -18.99
N ASN F 114 -25.71 34.98 -20.11
CA ASN F 114 -26.69 34.23 -20.86
C ASN F 114 -26.13 32.90 -21.37
N MET F 115 -25.12 32.37 -20.70
CA MET F 115 -24.49 31.14 -21.15
C MET F 115 -23.98 30.36 -19.95
N THR F 116 -23.99 29.03 -20.08
CA THR F 116 -23.54 28.11 -19.04
C THR F 116 -22.13 27.64 -19.37
N TRP F 117 -21.38 27.26 -18.33
CA TRP F 117 -20.02 26.75 -18.51
C TRP F 117 -19.99 25.50 -19.37
N LEU F 118 -21.06 24.68 -19.33
CA LEU F 118 -21.14 23.51 -20.20
C LEU F 118 -21.35 23.90 -21.66
N GLN F 119 -22.13 24.95 -21.93
CA GLN F 119 -22.35 25.40 -23.29
C GLN F 119 -21.16 26.16 -23.87
N TRP F 120 -20.27 26.68 -23.03
CA TRP F 120 -19.09 27.38 -23.51
C TRP F 120 -17.95 26.44 -23.86
N ASP F 121 -17.89 25.28 -23.22
CA ASP F 121 -16.82 24.31 -23.46
C ASP F 121 -17.06 23.48 -24.71
N LYS F 122 -18.22 23.62 -25.36
CA LYS F 122 -18.47 22.96 -26.64
C LYS F 122 -18.42 23.92 -27.82
N GLU F 123 -18.43 25.24 -27.57
CA GLU F 123 -18.20 26.23 -28.62
C GLU F 123 -16.71 26.51 -28.77
N ILE F 124 -16.05 26.89 -27.69
CA ILE F 124 -14.57 26.98 -27.69
C ILE F 124 -14.08 25.61 -27.23
N SER F 125 -14.03 24.69 -28.17
CA SER F 125 -13.56 23.34 -27.93
C SER F 125 -12.48 22.92 -28.91
N ASN F 126 -12.59 23.35 -30.17
CA ASN F 126 -11.58 23.06 -31.18
C ASN F 126 -10.65 24.24 -31.41
N TYR F 127 -10.71 25.24 -30.53
CA TYR F 127 -9.83 26.40 -30.58
C TYR F 127 -8.98 26.51 -29.32
N THR F 128 -8.94 25.46 -28.51
CA THR F 128 -8.28 25.52 -27.21
C THR F 128 -6.81 25.15 -27.27
N GLN F 129 -6.40 24.31 -28.22
CA GLN F 129 -5.01 23.93 -28.36
C GLN F 129 -4.12 25.09 -28.80
N ILE F 130 -4.66 26.02 -29.58
CA ILE F 130 -3.91 27.23 -29.92
C ILE F 130 -3.77 28.13 -28.70
N ILE F 131 -4.83 28.23 -27.89
CA ILE F 131 -4.79 29.07 -26.70
C ILE F 131 -3.87 28.46 -25.65
N TYR F 132 -3.96 27.13 -25.47
CA TYR F 132 -3.20 26.45 -24.44
C TYR F 132 -1.70 26.40 -24.75
N GLY F 133 -1.33 26.75 -25.98
CA GLY F 133 0.03 26.55 -26.43
C GLY F 133 0.91 27.78 -26.42
N LEU F 134 1.43 28.15 -27.59
CA LEU F 134 2.45 29.19 -27.66
C LEU F 134 1.89 30.56 -27.34
N LEU F 135 0.58 30.77 -27.53
CA LEU F 135 -0.01 32.06 -27.24
C LEU F 135 -0.01 32.38 -25.74
N GLU F 136 -0.27 31.39 -24.89
CA GLU F 136 -0.30 31.62 -23.46
C GLU F 136 1.02 31.30 -22.77
N GLU F 137 1.91 30.54 -23.42
CA GLU F 137 3.27 30.34 -22.89
C GLU F 137 4.18 31.51 -23.30
N SER F 138 3.73 32.71 -22.95
CA SER F 138 4.48 33.93 -23.17
C SER F 138 5.28 34.32 -21.93
N GLN F 139 5.28 33.46 -20.90
CA GLN F 139 6.11 33.69 -19.74
C GLN F 139 7.60 33.60 -20.04
N ASN F 140 7.96 32.86 -21.10
CA ASN F 140 9.35 32.84 -21.54
C ASN F 140 9.82 34.23 -21.99
N GLN F 141 8.89 35.04 -22.48
CA GLN F 141 9.15 36.44 -22.77
C GLN F 141 8.98 37.34 -21.55
N GLN F 142 8.64 36.75 -20.39
CA GLN F 142 8.53 37.54 -19.16
C GLN F 142 9.52 37.11 -18.09
N GLU F 143 10.22 35.98 -18.25
CA GLU F 143 11.28 35.59 -17.34
C GLU F 143 12.66 36.03 -17.81
N LYS F 144 12.87 36.19 -19.12
CA LYS F 144 14.10 36.76 -19.64
C LYS F 144 14.03 38.27 -19.77
N ASN F 145 12.82 38.85 -19.69
CA ASN F 145 12.63 40.30 -19.69
C ASN F 145 12.68 40.83 -18.25
N GLU F 146 12.70 39.92 -17.27
CA GLU F 146 12.75 40.31 -15.87
C GLU F 146 14.11 40.11 -15.22
N GLN F 147 14.86 39.07 -15.57
CA GLN F 147 16.21 38.91 -15.05
C GLN F 147 17.19 39.90 -15.64
N ASP F 148 16.89 40.44 -16.83
CA ASP F 148 17.75 41.48 -17.40
C ASP F 148 17.57 42.79 -16.65
N LEU F 149 16.34 43.09 -16.23
CA LEU F 149 16.08 44.30 -15.45
C LEU F 149 16.76 44.24 -14.09
N LEU F 150 16.74 43.05 -13.46
CA LEU F 150 17.40 42.88 -12.17
C LEU F 150 18.92 42.95 -12.29
N ALA F 151 19.48 42.68 -13.47
CA ALA F 151 20.92 42.78 -13.68
C ALA F 151 21.29 44.17 -14.20
N LEU F 152 20.77 45.20 -13.55
CA LEU F 152 21.07 46.58 -13.91
C LEU F 152 20.84 47.50 -12.72
N ASP F 153 21.92 47.91 -12.05
CA ASP F 153 21.79 48.77 -10.87
C ASP F 153 22.70 49.98 -10.98
N GLU G 1 -21.03 48.27 17.31
CA GLU G 1 -22.35 47.79 17.72
C GLU G 1 -23.23 47.51 16.50
N VAL G 2 -23.86 46.35 16.48
CA VAL G 2 -24.72 45.94 15.38
C VAL G 2 -26.17 46.24 15.77
N LYS G 3 -26.84 47.04 14.95
CA LYS G 3 -28.24 47.41 15.17
C LYS G 3 -29.06 47.05 13.95
N LEU G 4 -30.18 46.37 14.17
CA LEU G 4 -31.11 46.02 13.11
C LEU G 4 -32.49 46.57 13.44
N VAL G 5 -33.05 47.35 12.52
CA VAL G 5 -34.35 48.00 12.72
C VAL G 5 -35.26 47.61 11.57
N GLU G 6 -36.45 47.12 11.91
CA GLU G 6 -37.47 46.80 10.93
C GLU G 6 -38.53 47.89 10.89
N SER G 7 -39.08 48.12 9.69
CA SER G 7 -40.07 49.16 9.50
C SER G 7 -40.96 48.80 8.32
N GLY G 8 -42.09 49.50 8.23
CA GLY G 8 -43.05 49.28 7.16
C GLY G 8 -44.23 48.42 7.50
N GLY G 9 -44.39 48.02 8.77
CA GLY G 9 -45.52 47.21 9.15
C GLY G 9 -46.81 47.99 9.26
N GLY G 10 -47.90 47.25 9.40
CA GLY G 10 -49.22 47.87 9.50
C GLY G 10 -50.31 46.85 9.22
N LEU G 11 -51.46 47.36 8.79
CA LEU G 11 -52.62 46.55 8.46
C LEU G 11 -52.87 46.63 6.97
N VAL G 12 -53.08 45.47 6.35
CA VAL G 12 -53.31 45.38 4.91
C VAL G 12 -54.51 44.47 4.68
N GLN G 13 -55.20 44.70 3.56
CA GLN G 13 -56.36 43.91 3.20
C GLN G 13 -55.95 42.49 2.82
N PRO G 14 -56.86 41.52 2.92
CA PRO G 14 -56.52 40.14 2.54
C PRO G 14 -56.33 39.99 1.04
N GLY G 15 -55.14 40.32 0.55
CA GLY G 15 -54.86 40.31 -0.87
C GLY G 15 -54.23 41.60 -1.34
N GLY G 16 -53.70 42.38 -0.40
CA GLY G 16 -53.00 43.60 -0.71
C GLY G 16 -51.51 43.39 -0.84
N SER G 17 -50.75 44.47 -0.63
CA SER G 17 -49.30 44.43 -0.75
C SER G 17 -48.67 45.25 0.36
N LEU G 18 -47.47 44.85 0.78
CA LEU G 18 -46.72 45.55 1.80
C LEU G 18 -45.24 45.36 1.54
N ARG G 19 -44.42 46.26 2.05
CA ARG G 19 -42.98 46.25 1.82
C ARG G 19 -42.25 46.58 3.12
N LEU G 20 -41.79 45.54 3.80
CA LEU G 20 -40.95 45.72 4.99
C LEU G 20 -39.52 46.05 4.57
N SER G 21 -38.79 46.68 5.48
CA SER G 21 -37.42 47.13 5.20
C SER G 21 -36.58 46.99 6.45
N CYS G 22 -35.55 46.15 6.39
CA CYS G 22 -34.55 46.05 7.44
C CYS G 22 -33.41 47.02 7.16
N LYS G 23 -32.70 47.39 8.23
CA LYS G 23 -31.60 48.34 8.11
C LYS G 23 -30.47 47.90 9.04
N ALA G 24 -29.24 47.95 8.53
CA ALA G 24 -28.07 47.52 9.27
C ALA G 24 -27.04 48.63 9.31
N SER G 25 -26.25 48.65 10.38
CA SER G 25 -25.18 49.62 10.55
C SER G 25 -24.11 49.04 11.47
N GLY G 26 -22.92 49.61 11.38
CA GLY G 26 -21.80 49.20 12.21
C GLY G 26 -20.93 48.11 11.61
N PHE G 27 -21.31 47.55 10.47
CA PHE G 27 -20.53 46.50 9.82
C PHE G 27 -20.77 46.57 8.32
N THR G 28 -20.07 45.71 7.58
CA THR G 28 -20.20 45.65 6.13
C THR G 28 -21.42 44.80 5.79
N PHE G 29 -22.44 45.42 5.19
CA PHE G 29 -23.68 44.73 4.88
C PHE G 29 -23.52 43.72 3.74
N SER G 30 -22.52 43.89 2.89
CA SER G 30 -22.35 43.03 1.72
C SER G 30 -21.64 41.72 2.02
N ASP G 31 -21.20 41.49 3.25
CA ASP G 31 -20.41 40.31 3.60
C ASP G 31 -21.18 39.34 4.49
N PHE G 32 -22.50 39.41 4.51
CA PHE G 32 -23.30 38.57 5.39
C PHE G 32 -24.60 38.16 4.72
N HIS G 33 -25.02 36.92 4.95
CA HIS G 33 -26.34 36.48 4.52
C HIS G 33 -27.41 37.08 5.43
N ILE G 34 -28.61 37.23 4.89
CA ILE G 34 -29.74 37.82 5.61
C ILE G 34 -30.85 36.78 5.70
N TYR G 35 -31.33 36.53 6.91
CA TYR G 35 -32.40 35.59 7.17
C TYR G 35 -33.63 36.32 7.72
N TRP G 36 -34.81 35.81 7.39
CA TRP G 36 -36.06 36.39 7.84
C TRP G 36 -36.87 35.34 8.60
N PHE G 37 -37.40 35.73 9.76
CA PHE G 37 -38.19 34.84 10.61
C PHE G 37 -39.47 35.55 11.02
N ARG G 38 -40.39 34.78 11.59
CA ARG G 38 -41.65 35.33 12.06
C ARG G 38 -42.15 34.54 13.26
N ARG G 39 -43.02 35.18 14.05
CA ARG G 39 -43.60 34.57 15.24
C ARG G 39 -45.11 34.75 15.23
N PRO G 40 -45.88 33.71 14.88
CA PRO G 40 -47.33 33.81 15.01
C PRO G 40 -47.74 33.93 16.46
N PRO G 41 -48.84 34.63 16.76
CA PRO G 41 -49.26 34.82 18.15
C PRO G 41 -49.73 33.51 18.77
N GLY G 42 -49.01 33.04 19.78
CA GLY G 42 -49.33 31.81 20.47
C GLY G 42 -48.48 30.63 20.08
N ARG G 43 -47.74 30.71 18.98
CA ARG G 43 -46.89 29.64 18.50
C ARG G 43 -45.42 30.06 18.55
N GLY G 44 -44.55 29.14 18.16
CA GLY G 44 -43.12 29.38 18.18
C GLY G 44 -42.63 30.07 16.93
N LEU G 45 -41.31 30.24 16.85
CA LEU G 45 -40.70 30.89 15.70
C LEU G 45 -40.77 29.99 14.47
N GLU G 46 -40.85 30.64 13.31
CA GLU G 46 -40.89 29.95 12.04
C GLU G 46 -39.98 30.66 11.04
N TRP G 47 -39.53 29.91 10.03
CA TRP G 47 -38.68 30.44 9.00
C TRP G 47 -39.51 30.95 7.84
N VAL G 48 -39.12 32.11 7.30
CA VAL G 48 -39.84 32.77 6.21
C VAL G 48 -39.04 32.72 4.91
N GLY G 49 -37.85 33.31 4.90
CA GLY G 49 -37.06 33.39 3.69
C GLY G 49 -35.58 33.46 3.94
N LEU G 50 -34.81 33.70 2.86
CA LEU G 50 -33.35 33.66 2.92
C LEU G 50 -32.80 34.27 1.64
N ILE G 51 -31.76 35.10 1.79
CA ILE G 51 -31.03 35.65 0.66
C ILE G 51 -29.54 35.60 0.96
N ARG G 52 -28.74 35.22 -0.02
CA ARG G 52 -27.30 35.09 0.14
C ARG G 52 -26.61 36.43 -0.13
N ARG G 53 -25.31 36.47 0.16
CA ARG G 53 -24.51 37.65 -0.12
C ARG G 53 -24.28 37.78 -1.62
N ASN G 54 -23.88 38.99 -2.03
CA ASN G 54 -23.71 39.27 -3.46
C ASN G 54 -22.46 38.61 -4.06
N SER G 55 -21.55 38.11 -3.24
CA SER G 55 -20.37 37.40 -3.73
C SER G 55 -20.53 35.89 -3.66
N TYR G 56 -21.73 35.40 -3.36
CA TYR G 56 -22.04 33.98 -3.34
C TYR G 56 -23.32 33.70 -4.12
N THR G 57 -23.35 34.25 -5.34
CA THR G 57 -24.37 34.08 -6.38
C THR G 57 -25.67 34.82 -6.08
N GLY G 58 -25.81 35.37 -4.89
CA GLY G 58 -26.95 36.21 -4.53
C GLY G 58 -28.31 35.57 -4.69
N THR G 59 -28.39 34.25 -4.57
CA THR G 59 -29.65 33.55 -4.80
C THR G 59 -30.53 33.61 -3.56
N THR G 60 -31.76 33.10 -3.70
CA THR G 60 -32.76 33.14 -2.65
C THR G 60 -33.37 31.76 -2.44
N ASN G 61 -33.78 31.51 -1.20
CA ASN G 61 -34.53 30.31 -0.85
C ASN G 61 -35.70 30.70 0.04
N TYR G 62 -36.88 30.16 -0.26
CA TYR G 62 -38.10 30.51 0.46
C TYR G 62 -38.71 29.27 1.09
N ALA G 63 -39.54 29.49 2.10
CA ALA G 63 -40.25 28.41 2.77
C ALA G 63 -41.36 27.89 1.88
N ALA G 64 -41.85 26.68 2.22
CA ALA G 64 -42.90 26.06 1.42
C ALA G 64 -44.22 26.82 1.53
N SER G 65 -44.53 27.34 2.72
CA SER G 65 -45.80 28.02 2.92
C SER G 65 -45.86 29.39 2.26
N VAL G 66 -44.71 29.99 1.96
CA VAL G 66 -44.66 31.32 1.36
C VAL G 66 -43.99 31.29 -0.02
N GLU G 67 -43.97 30.13 -0.66
CA GLU G 67 -43.34 30.00 -1.96
C GLU G 67 -44.15 30.71 -3.03
N GLY G 68 -43.49 31.57 -3.80
CA GLY G 68 -44.11 32.33 -4.87
C GLY G 68 -44.74 33.64 -4.44
N ARG G 69 -45.39 33.65 -3.27
CA ARG G 69 -46.04 34.88 -2.81
C ARG G 69 -45.02 35.88 -2.29
N PHE G 70 -43.98 35.42 -1.61
CA PHE G 70 -43.02 36.29 -0.95
C PHE G 70 -41.72 36.35 -1.76
N THR G 71 -41.15 37.54 -1.86
CA THR G 71 -39.88 37.75 -2.55
C THR G 71 -38.99 38.66 -1.71
N ILE G 72 -37.70 38.35 -1.68
CA ILE G 72 -36.71 39.11 -0.94
C ILE G 72 -35.67 39.66 -1.90
N SER G 73 -35.31 40.92 -1.70
CA SER G 73 -34.27 41.57 -2.50
C SER G 73 -33.38 42.38 -1.59
N ARG G 74 -32.15 42.61 -2.05
CA ARG G 74 -31.15 43.37 -1.32
C ARG G 74 -30.91 44.72 -1.98
N ASP G 75 -30.16 45.56 -1.27
CA ASP G 75 -29.76 46.86 -1.79
C ASP G 75 -28.45 47.23 -1.10
N ASP G 76 -27.33 47.05 -1.81
CA ASP G 76 -26.02 47.28 -1.21
C ASP G 76 -25.70 48.77 -1.06
N SER G 77 -26.42 49.65 -1.76
CA SER G 77 -26.16 51.07 -1.67
C SER G 77 -26.72 51.65 -0.37
N LYS G 78 -28.02 51.48 -0.14
CA LYS G 78 -28.66 51.98 1.06
C LYS G 78 -28.51 51.06 2.26
N SER G 79 -27.92 49.87 2.07
CA SER G 79 -27.77 48.86 3.12
C SER G 79 -29.13 48.49 3.73
N ILE G 80 -30.13 48.35 2.88
CA ILE G 80 -31.51 48.11 3.31
C ILE G 80 -32.00 46.85 2.63
N ALA G 81 -32.39 45.86 3.43
CA ALA G 81 -33.04 44.66 2.90
C ALA G 81 -34.51 44.95 2.63
N TYR G 82 -35.09 44.16 1.72
CA TYR G 82 -36.47 44.37 1.31
C TYR G 82 -37.22 43.04 1.30
N LEU G 83 -38.38 43.02 1.95
CA LEU G 83 -39.29 41.88 1.91
C LEU G 83 -40.57 42.33 1.22
N HIS G 84 -40.93 41.64 0.15
CA HIS G 84 -42.11 41.97 -0.65
C HIS G 84 -43.17 40.89 -0.43
N MET G 85 -44.30 41.27 0.14
CA MET G 85 -45.41 40.35 0.39
C MET G 85 -46.64 40.83 -0.37
N SER G 86 -47.29 39.91 -1.07
CA SER G 86 -48.50 40.22 -1.82
C SER G 86 -49.37 38.98 -1.89
N SER G 87 -50.66 39.21 -2.14
CA SER G 87 -51.68 38.15 -2.18
C SER G 87 -51.68 37.33 -0.89
N VAL G 88 -51.60 38.01 0.24
CA VAL G 88 -51.49 37.36 1.54
C VAL G 88 -52.82 36.76 1.93
N LYS G 89 -52.76 35.74 2.78
CA LYS G 89 -53.94 35.10 3.33
C LYS G 89 -54.21 35.63 4.74
N THR G 90 -55.18 35.05 5.42
CA THR G 90 -55.52 35.48 6.77
C THR G 90 -54.65 34.85 7.84
N GLU G 91 -53.80 33.89 7.47
CA GLU G 91 -52.90 33.23 8.42
C GLU G 91 -51.53 33.91 8.52
N ASP G 92 -51.29 34.95 7.72
CA ASP G 92 -50.00 35.63 7.71
C ASP G 92 -49.96 36.82 8.66
N THR G 93 -50.32 36.58 9.92
CA THR G 93 -50.24 37.59 10.97
C THR G 93 -49.19 37.15 11.98
N ALA G 94 -48.13 37.94 12.10
CA ALA G 94 -46.99 37.58 12.94
C ALA G 94 -46.12 38.82 13.12
N ILE G 95 -45.04 38.67 13.87
CA ILE G 95 -44.02 39.69 14.04
C ILE G 95 -42.78 39.23 13.29
N TYR G 96 -42.41 39.97 12.25
CA TYR G 96 -41.33 39.56 11.36
C TYR G 96 -40.00 40.11 11.85
N TYR G 97 -38.99 39.26 11.90
CA TYR G 97 -37.68 39.59 12.42
C TYR G 97 -36.64 39.58 11.30
N CYS G 98 -35.68 40.49 11.39
CA CYS G 98 -34.54 40.56 10.50
C CYS G 98 -33.28 40.18 11.28
N SER G 99 -32.55 39.18 10.80
CA SER G 99 -31.42 38.63 11.55
C SER G 99 -30.27 38.31 10.62
N ASP G 100 -29.08 38.18 11.21
CA ASP G 100 -27.86 37.78 10.53
C ASP G 100 -27.17 36.64 11.27
N ASP G 101 -27.99 35.70 11.78
CA ASP G 101 -27.62 34.42 12.38
C ASP G 101 -27.05 34.63 13.79
N GLU G 102 -26.75 35.88 14.16
CA GLU G 102 -26.27 36.14 15.51
C GLU G 102 -27.13 37.20 16.20
N TYR G 103 -27.36 38.31 15.52
CA TYR G 103 -28.05 39.47 16.07
C TYR G 103 -29.40 39.62 15.38
N TRP G 104 -30.45 39.73 16.18
CA TRP G 104 -31.81 39.85 15.66
C TRP G 104 -32.27 41.30 15.76
N GLY G 105 -33.44 41.58 15.18
CA GLY G 105 -34.06 42.88 15.24
C GLY G 105 -35.18 42.93 16.26
N GLN G 106 -35.67 44.14 16.49
CA GLN G 106 -36.78 44.33 17.42
C GLN G 106 -38.06 43.72 16.87
N GLY G 107 -38.26 43.79 15.56
CA GLY G 107 -39.44 43.24 14.93
C GLY G 107 -40.57 44.25 14.82
N VAL G 108 -41.47 43.98 13.88
CA VAL G 108 -42.63 44.83 13.62
C VAL G 108 -43.84 43.93 13.44
N LEU G 109 -44.99 44.37 13.96
CA LEU G 109 -46.21 43.59 13.91
C LEU G 109 -46.93 43.80 12.58
N VAL G 110 -47.30 42.69 11.94
CA VAL G 110 -48.09 42.72 10.71
C VAL G 110 -49.38 41.96 10.97
N THR G 111 -50.51 42.63 10.78
CA THR G 111 -51.82 42.04 11.02
C THR G 111 -52.68 42.22 9.77
N VAL G 112 -53.31 41.15 9.33
CA VAL G 112 -54.20 41.17 8.16
C VAL G 112 -55.63 41.01 8.65
N SER G 113 -56.53 41.82 8.11
CA SER G 113 -57.94 41.77 8.48
C SER G 113 -58.76 42.40 7.36
N SER G 114 -60.05 42.07 7.35
CA SER G 114 -60.97 42.62 6.36
C SER G 114 -61.49 43.98 6.80
N ASP H 1 -38.21 17.20 5.45
CA ASP H 1 -37.68 18.08 6.49
C ASP H 1 -37.35 17.32 7.77
N ILE H 2 -36.77 18.02 8.73
CA ILE H 2 -36.36 17.44 10.00
C ILE H 2 -37.14 18.11 11.11
N VAL H 3 -37.80 17.30 11.95
CA VAL H 3 -38.63 17.82 13.03
C VAL H 3 -37.81 17.87 14.31
N MET H 4 -38.17 18.80 15.19
CA MET H 4 -37.50 18.98 16.48
C MET H 4 -38.50 18.80 17.61
N THR H 5 -38.12 18.02 18.62
CA THR H 5 -38.96 17.78 19.78
C THR H 5 -38.25 18.34 21.02
N GLN H 6 -38.96 19.17 21.78
CA GLN H 6 -38.43 19.78 22.99
C GLN H 6 -39.17 19.26 24.20
N THR H 7 -38.42 18.74 25.17
CA THR H 7 -38.98 18.23 26.42
C THR H 7 -38.25 18.88 27.58
N PRO H 8 -38.96 19.39 28.60
CA PRO H 8 -40.42 19.43 28.68
C PRO H 8 -41.01 20.67 28.00
N ILE H 9 -42.28 20.95 28.28
CA ILE H 9 -42.96 22.12 27.75
C ILE H 9 -42.93 23.29 28.75
N SER H 10 -43.20 23.01 30.02
CA SER H 10 -43.13 24.02 31.07
C SER H 10 -42.24 23.49 32.18
N LEU H 11 -41.18 24.24 32.49
CA LEU H 11 -40.21 23.83 33.51
C LEU H 11 -40.13 24.90 34.60
N PRO H 12 -40.82 24.72 35.73
CA PRO H 12 -40.68 25.68 36.84
C PRO H 12 -39.33 25.52 37.51
N VAL H 13 -38.58 26.62 37.60
CA VAL H 13 -37.22 26.62 38.11
C VAL H 13 -37.14 27.56 39.30
N THR H 14 -36.60 27.08 40.40
CA THR H 14 -36.41 27.91 41.58
C THR H 14 -35.28 28.92 41.33
N PRO H 15 -35.42 30.15 41.82
CA PRO H 15 -34.35 31.15 41.63
C PRO H 15 -33.07 30.81 42.37
N GLY H 16 -32.24 29.96 41.77
CA GLY H 16 -31.00 29.56 42.41
C GLY H 16 -30.78 28.06 42.51
N GLU H 17 -31.43 27.32 41.62
CA GLU H 17 -31.24 25.88 41.52
C GLU H 17 -30.87 25.51 40.09
N PRO H 18 -30.14 24.40 39.90
CA PRO H 18 -29.81 23.98 38.53
C PRO H 18 -31.04 23.56 37.75
N ALA H 19 -30.98 23.75 36.43
CA ALA H 19 -32.06 23.40 35.53
C ALA H 19 -31.48 22.81 34.26
N SER H 20 -32.29 22.00 33.58
CA SER H 20 -31.85 21.33 32.35
C SER H 20 -33.04 21.06 31.45
N MET H 21 -32.84 21.27 30.16
CA MET H 21 -33.83 20.96 29.12
C MET H 21 -33.20 20.01 28.10
N SER H 22 -33.95 19.73 27.03
CA SER H 22 -33.47 18.82 26.01
C SER H 22 -34.11 19.14 24.68
N CYS H 23 -33.45 18.69 23.61
CA CYS H 23 -33.96 18.83 22.25
C CYS H 23 -33.45 17.64 21.43
N ARG H 24 -34.31 17.10 20.58
CA ARG H 24 -33.98 15.92 19.78
C ARG H 24 -34.38 16.14 18.34
N SER H 25 -33.67 15.45 17.44
CA SER H 25 -33.87 15.57 16.00
C SER H 25 -34.14 14.21 15.39
N SER H 26 -34.93 14.20 14.33
CA SER H 26 -35.27 12.96 13.65
C SER H 26 -34.13 12.41 12.80
N GLN H 27 -33.18 13.26 12.41
CA GLN H 27 -32.05 12.86 11.59
C GLN H 27 -30.77 13.40 12.19
N SER H 28 -29.64 12.86 11.72
CA SER H 28 -28.34 13.33 12.18
C SER H 28 -28.09 14.74 11.68
N LEU H 29 -27.53 15.58 12.56
CA LEU H 29 -27.27 16.98 12.24
C LEU H 29 -25.85 17.22 11.75
N LEU H 30 -25.06 16.18 11.56
CA LEU H 30 -23.70 16.34 11.06
C LEU H 30 -23.72 16.81 9.61
N HIS H 31 -22.85 17.77 9.31
CA HIS H 31 -22.76 18.35 7.98
C HIS H 31 -21.49 17.85 7.29
N SER H 32 -21.42 18.05 5.97
CA SER H 32 -20.32 17.53 5.17
C SER H 32 -18.97 18.12 5.56
N ASP H 33 -18.95 19.35 6.08
CA ASP H 33 -17.72 19.99 6.50
C ASP H 33 -17.33 19.66 7.95
N GLY H 34 -17.88 18.58 8.51
CA GLY H 34 -17.54 18.17 9.85
C GLY H 34 -17.98 19.10 10.96
N ARG H 35 -19.20 19.63 10.87
CA ARG H 35 -19.77 20.45 11.93
C ARG H 35 -21.19 19.98 12.23
N THR H 36 -21.61 20.19 13.48
CA THR H 36 -22.98 19.94 13.90
C THR H 36 -23.63 21.28 14.20
N TYR H 37 -24.73 21.58 13.50
CA TYR H 37 -25.37 22.89 13.55
C TYR H 37 -26.57 22.83 14.49
N LEU H 38 -26.38 23.35 15.71
CA LEU H 38 -27.47 23.54 16.66
C LEU H 38 -27.37 24.93 17.27
N PHE H 39 -28.51 25.59 17.39
CA PHE H 39 -28.58 26.94 17.95
C PHE H 39 -29.61 26.97 19.06
N TRP H 40 -29.23 27.53 20.20
CA TRP H 40 -30.13 27.72 21.33
C TRP H 40 -30.48 29.20 21.43
N TYR H 41 -31.75 29.52 21.32
CA TYR H 41 -32.22 30.90 21.30
C TYR H 41 -33.06 31.17 22.54
N LEU H 42 -32.75 32.27 23.22
CA LEU H 42 -33.53 32.74 24.36
C LEU H 42 -34.48 33.83 23.90
N LEU H 43 -35.77 33.62 24.14
CA LEU H 43 -36.81 34.54 23.69
C LEU H 43 -37.45 35.17 24.92
N ARG H 44 -36.84 36.24 25.42
CA ARG H 44 -37.41 36.97 26.54
C ARG H 44 -38.64 37.75 26.08
N PRO H 45 -39.63 37.92 26.95
CA PRO H 45 -40.84 38.67 26.56
C PRO H 45 -40.52 40.14 26.35
N ALA H 46 -41.06 40.68 25.25
CA ALA H 46 -40.91 42.10 24.90
C ALA H 46 -39.45 42.52 24.81
N GLN H 47 -38.62 41.67 24.21
CA GLN H 47 -37.20 41.96 24.05
C GLN H 47 -36.68 41.21 22.84
N ALA H 48 -35.52 41.66 22.35
CA ALA H 48 -34.92 41.06 21.17
C ALA H 48 -34.41 39.65 21.48
N PRO H 49 -34.46 38.75 20.49
CA PRO H 49 -33.95 37.40 20.71
C PRO H 49 -32.44 37.39 20.92
N GLN H 50 -31.98 36.38 21.66
CA GLN H 50 -30.57 36.24 22.01
C GLN H 50 -30.09 34.85 21.64
N LEU H 51 -28.89 34.77 21.08
CA LEU H 51 -28.25 33.49 20.77
C LEU H 51 -27.38 33.09 21.95
N LEU H 52 -27.79 32.03 22.66
CA LEU H 52 -27.03 31.59 23.83
C LEU H 52 -25.86 30.69 23.43
N VAL H 53 -26.16 29.55 22.84
CA VAL H 53 -25.15 28.55 22.49
C VAL H 53 -25.29 28.21 21.02
N HIS H 54 -24.20 28.34 20.27
CA HIS H 54 -24.14 27.94 18.88
C HIS H 54 -23.16 26.78 18.72
N ASP H 55 -23.40 25.98 17.68
CA ASP H 55 -22.57 24.81 17.37
C ASP H 55 -22.50 23.86 18.56
N VAL H 56 -23.69 23.44 19.01
CA VAL H 56 -23.89 22.43 20.06
C VAL H 56 -23.35 22.87 21.40
N SER H 57 -22.03 23.04 21.52
CA SER H 57 -21.38 23.24 22.81
C SER H 57 -20.33 24.34 22.73
N LYS H 58 -20.68 25.47 22.13
CA LYS H 58 -19.77 26.61 22.05
C LYS H 58 -20.51 27.86 22.50
N ARG H 59 -19.92 28.60 23.43
CA ARG H 59 -20.56 29.79 23.97
C ARG H 59 -20.49 30.94 22.96
N ALA H 60 -21.60 31.64 22.79
CA ALA H 60 -21.71 32.74 21.84
C ALA H 60 -21.37 34.05 22.54
N SER H 61 -21.66 35.17 21.88
CA SER H 61 -21.41 36.48 22.47
C SER H 61 -22.34 36.72 23.65
N GLY H 62 -21.86 37.47 24.63
CA GLY H 62 -22.62 37.63 25.86
C GLY H 62 -22.52 36.36 26.68
N VAL H 63 -23.67 35.89 27.17
CA VAL H 63 -23.82 34.67 27.96
C VAL H 63 -22.85 34.73 29.14
N PRO H 64 -23.15 35.51 30.17
CA PRO H 64 -22.16 35.78 31.22
C PRO H 64 -21.82 34.57 32.08
N GLU H 65 -21.11 33.61 31.49
CA GLU H 65 -20.51 32.47 32.21
C GLU H 65 -21.54 31.63 32.95
N ARG H 66 -22.77 31.54 32.42
CA ARG H 66 -23.83 30.79 33.07
C ARG H 66 -24.36 29.65 32.23
N PHE H 67 -24.69 29.91 30.96
CA PHE H 67 -25.30 28.90 30.10
C PHE H 67 -24.23 28.03 29.44
N SER H 68 -24.53 26.74 29.35
CA SER H 68 -23.63 25.79 28.69
C SER H 68 -24.45 24.64 28.14
N GLY H 69 -23.98 24.08 27.02
CA GLY H 69 -24.69 22.99 26.39
C GLY H 69 -23.74 21.84 26.08
N SER H 70 -24.34 20.68 25.84
CA SER H 70 -23.58 19.47 25.54
C SER H 70 -24.45 18.54 24.70
N GLY H 71 -23.78 17.62 23.99
CA GLY H 71 -24.48 16.66 23.17
C GLY H 71 -23.61 16.17 22.02
N SER H 72 -23.84 14.93 21.58
CA SER H 72 -23.08 14.34 20.48
C SER H 72 -23.84 14.40 19.16
N ASP H 73 -25.01 13.77 19.11
CA ASP H 73 -25.84 13.74 17.90
C ASP H 73 -27.22 13.25 18.27
N THR H 74 -28.25 13.92 17.71
CA THR H 74 -29.66 13.61 17.87
C THR H 74 -30.14 13.66 19.32
N ASP H 75 -29.33 14.19 20.24
CA ASP H 75 -29.72 14.31 21.64
C ASP H 75 -28.84 15.39 22.26
N PHE H 76 -29.44 16.53 22.59
CA PHE H 76 -28.71 17.68 23.11
C PHE H 76 -29.40 18.20 24.36
N THR H 77 -28.61 18.75 25.28
CA THR H 77 -29.13 19.29 26.52
C THR H 77 -28.49 20.64 26.81
N LEU H 78 -29.26 21.53 27.44
CA LEU H 78 -28.77 22.82 27.91
C LEU H 78 -28.81 22.85 29.43
N LYS H 79 -27.75 23.37 30.04
CA LYS H 79 -27.61 23.39 31.48
C LYS H 79 -27.44 24.83 31.98
N ILE H 80 -28.21 25.19 33.00
CA ILE H 80 -28.09 26.46 33.68
C ILE H 80 -27.75 26.18 35.14
N SER H 81 -26.71 26.84 35.64
CA SER H 81 -26.19 26.54 36.98
C SER H 81 -26.83 27.41 38.06
N ARG H 82 -26.66 28.73 37.95
CA ARG H 82 -27.16 29.68 38.94
C ARG H 82 -28.26 30.52 38.29
N VAL H 83 -29.50 30.02 38.39
CA VAL H 83 -30.62 30.69 37.74
C VAL H 83 -30.97 31.96 38.48
N GLU H 84 -31.06 33.07 37.74
CA GLU H 84 -31.44 34.36 38.27
C GLU H 84 -32.86 34.71 37.83
N ALA H 85 -33.31 35.91 38.18
CA ALA H 85 -34.66 36.33 37.86
C ALA H 85 -34.84 36.68 36.39
N GLU H 86 -33.77 37.06 35.70
CA GLU H 86 -33.88 37.49 34.31
C GLU H 86 -34.03 36.33 33.33
N ASP H 87 -33.85 35.09 33.78
CA ASP H 87 -33.91 33.92 32.90
C ASP H 87 -35.34 33.38 32.82
N VAL H 88 -36.24 34.25 32.37
CA VAL H 88 -37.66 33.91 32.19
C VAL H 88 -38.00 34.16 30.73
N GLY H 89 -38.52 33.14 30.06
CA GLY H 89 -38.86 33.26 28.66
C GLY H 89 -38.99 31.89 28.02
N SER H 90 -38.87 31.87 26.70
CA SER H 90 -39.00 30.64 25.91
C SER H 90 -37.67 30.29 25.27
N TYR H 91 -37.41 29.00 25.14
CA TYR H 91 -36.18 28.48 24.58
C TYR H 91 -36.49 27.61 23.37
N TYR H 92 -35.72 27.80 22.30
CA TYR H 92 -35.92 27.07 21.05
C TYR H 92 -34.60 26.52 20.54
N CYS H 93 -34.66 25.36 19.90
CA CYS H 93 -33.52 24.74 19.25
C CYS H 93 -33.76 24.73 17.75
N MET H 94 -32.78 25.20 16.98
CA MET H 94 -32.89 25.33 15.54
C MET H 94 -31.74 24.62 14.86
N GLN H 95 -32.03 23.91 13.78
CA GLN H 95 -31.01 23.28 12.97
C GLN H 95 -30.53 24.24 11.87
N GLY H 96 -29.38 23.92 11.30
CA GLY H 96 -28.85 24.69 10.19
C GLY H 96 -28.14 23.82 9.17
N THR H 97 -28.22 22.50 9.35
CA THR H 97 -27.49 21.57 8.50
C THR H 97 -28.22 21.20 7.22
N GLN H 98 -29.50 21.56 7.09
CA GLN H 98 -30.27 21.19 5.91
C GLN H 98 -31.49 22.08 5.82
N LEU H 99 -31.73 22.62 4.61
CA LEU H 99 -32.94 23.41 4.39
C LEU H 99 -34.16 22.49 4.37
N PRO H 100 -35.32 22.94 4.88
CA PRO H 100 -35.57 24.23 5.52
C PRO H 100 -35.08 24.30 6.96
N LEU H 101 -34.87 25.51 7.47
CA LEU H 101 -34.48 25.69 8.86
C LEU H 101 -35.70 25.53 9.74
N THR H 102 -35.72 24.46 10.54
CA THR H 102 -36.86 24.11 11.37
C THR H 102 -36.55 24.40 12.83
N PHE H 103 -37.44 25.12 13.50
CA PHE H 103 -37.26 25.46 14.91
C PHE H 103 -37.76 24.31 15.79
N GLY H 104 -37.75 24.55 17.10
CA GLY H 104 -38.23 23.58 18.06
C GLY H 104 -39.62 23.92 18.57
N GLY H 105 -40.09 23.09 19.51
CA GLY H 105 -41.39 23.29 20.11
C GLY H 105 -41.46 24.49 21.02
N GLY H 106 -40.71 24.47 22.10
CA GLY H 106 -40.68 25.56 23.06
C GLY H 106 -40.61 25.03 24.48
N THR H 107 -40.06 25.84 25.38
CA THR H 107 -39.92 25.47 26.78
C THR H 107 -40.08 26.74 27.61
N ASN H 108 -41.25 26.90 28.23
CA ASN H 108 -41.52 28.07 29.05
C ASN H 108 -40.97 27.85 30.46
N VAL H 109 -40.19 28.82 30.94
CA VAL H 109 -39.58 28.78 32.26
C VAL H 109 -40.14 29.92 33.09
N GLU H 110 -40.69 29.58 34.26
CA GLU H 110 -41.29 30.56 35.15
C GLU H 110 -40.83 30.30 36.58
N ILE H 111 -40.85 31.37 37.38
CA ILE H 111 -40.41 31.28 38.77
C ILE H 111 -41.49 30.58 39.60
N LYS H 112 -41.08 29.54 40.32
CA LYS H 112 -42.01 28.80 41.17
C LYS H 112 -41.72 29.07 42.65
N GLU I 2 -5.75 43.70 20.87
CA GLU I 2 -4.90 44.78 20.42
C GLU I 2 -4.35 44.50 19.02
N ASN I 3 -5.26 44.45 18.05
CA ASN I 3 -4.92 44.20 16.64
C ASN I 3 -4.17 42.87 16.47
N LEU I 4 -4.86 41.79 16.81
CA LEU I 4 -4.32 40.43 16.70
C LEU I 4 -5.00 39.72 15.53
N TRP I 5 -4.19 39.07 14.70
CA TRP I 5 -4.66 38.42 13.49
C TRP I 5 -4.12 37.00 13.43
N VAL I 6 -4.60 36.23 12.44
CA VAL I 6 -4.30 34.81 12.33
C VAL I 6 -3.08 34.62 11.45
N THR I 7 -2.15 33.79 11.91
CA THR I 7 -0.93 33.47 11.19
C THR I 7 -0.80 31.96 11.02
N VAL I 8 -0.48 31.53 9.81
CA VAL I 8 -0.37 30.11 9.48
C VAL I 8 1.10 29.74 9.44
N TYR I 9 1.47 28.72 10.23
CA TYR I 9 2.81 28.16 10.20
C TYR I 9 2.74 26.74 9.68
N TYR I 10 3.74 26.35 8.88
CA TYR I 10 3.81 25.02 8.30
C TYR I 10 5.11 24.36 8.71
N GLY I 11 5.01 23.26 9.47
CA GLY I 11 6.20 22.54 9.90
C GLY I 11 6.40 22.57 11.40
N VAL I 12 5.32 22.71 12.16
CA VAL I 12 5.40 22.81 13.61
C VAL I 12 5.64 21.44 14.21
N PRO I 13 6.33 21.34 15.36
CA PRO I 13 6.57 20.03 16.02
C PRO I 13 5.41 19.56 16.90
N VAL I 14 4.36 19.06 16.25
CA VAL I 14 3.17 18.55 16.93
C VAL I 14 2.92 17.13 16.45
N TRP I 15 2.64 16.22 17.38
CA TRP I 15 2.34 14.83 17.03
C TRP I 15 1.13 14.36 17.80
N LYS I 16 0.49 13.30 17.28
CA LYS I 16 -0.62 12.64 17.96
C LYS I 16 -0.51 11.14 17.73
N ASP I 17 -1.16 10.38 18.61
CA ASP I 17 -1.08 8.93 18.54
C ASP I 17 -1.86 8.40 17.33
N ALA I 18 -1.28 7.41 16.65
CA ALA I 18 -1.90 6.81 15.48
C ALA I 18 -1.34 5.41 15.29
N GLU I 19 -2.04 4.64 14.46
CA GLU I 19 -1.66 3.26 14.14
C GLU I 19 -1.33 3.16 12.65
N THR I 20 -0.21 2.53 12.34
CA THR I 20 0.22 2.35 10.96
C THR I 20 0.95 1.02 10.84
N THR I 21 1.59 0.80 9.70
CA THR I 21 2.37 -0.40 9.44
C THR I 21 3.84 -0.03 9.31
N LEU I 22 4.70 -0.95 9.72
CA LEU I 22 6.14 -0.73 9.72
C LEU I 22 6.83 -1.79 8.87
N PHE I 23 7.98 -1.43 8.32
CA PHE I 23 8.73 -2.30 7.43
C PHE I 23 9.97 -2.83 8.13
N CYS I 24 10.72 -3.68 7.41
CA CYS I 24 11.84 -4.42 7.97
C CYS I 24 13.09 -3.56 8.07
N ALA I 25 14.06 -4.10 8.80
CA ALA I 25 15.46 -3.69 8.71
C ALA I 25 16.26 -4.84 9.31
N SER I 26 17.18 -5.41 8.54
CA SER I 26 17.93 -6.58 8.96
C SER I 26 19.42 -6.29 8.95
N ASP I 27 20.13 -6.95 9.87
CA ASP I 27 21.56 -6.73 10.00
C ASP I 27 22.31 -7.28 8.79
N ALA I 28 23.36 -6.58 8.39
CA ALA I 28 24.15 -6.96 7.22
C ALA I 28 25.36 -7.79 7.65
N LYS I 29 25.07 -9.00 8.10
CA LYS I 29 26.09 -9.98 8.48
C LYS I 29 25.64 -11.33 7.93
N ALA I 30 26.30 -11.78 6.85
CA ALA I 30 25.86 -12.94 6.06
C ALA I 30 24.41 -12.79 5.63
N TYR I 31 24.04 -11.58 5.22
CA TYR I 31 22.66 -11.25 4.90
C TYR I 31 22.22 -11.79 3.54
N GLU I 32 23.08 -11.72 2.53
CA GLU I 32 22.71 -12.07 1.16
C GLU I 32 23.31 -13.40 0.71
N THR I 33 23.88 -14.16 1.64
CA THR I 33 24.49 -15.44 1.28
C THR I 33 23.43 -16.53 1.19
N GLU I 34 23.87 -17.78 1.05
CA GLU I 34 22.97 -18.91 0.90
C GLU I 34 22.41 -19.42 2.23
N LYS I 35 22.51 -18.62 3.29
CA LYS I 35 21.91 -19.00 4.55
C LYS I 35 20.39 -18.92 4.47
N HIS I 36 19.71 -19.97 4.90
CA HIS I 36 18.25 -20.04 4.86
C HIS I 36 17.71 -20.25 6.26
N ASN I 37 16.78 -19.38 6.67
CA ASN I 37 16.06 -19.49 7.93
C ASN I 37 14.57 -19.40 7.64
N VAL I 38 13.77 -19.91 8.57
CA VAL I 38 12.31 -19.83 8.41
C VAL I 38 11.84 -18.39 8.48
N TRP I 39 12.58 -17.52 9.19
CA TRP I 39 12.33 -16.08 9.16
C TRP I 39 13.18 -15.48 8.04
N ALA I 40 12.56 -15.31 6.88
CA ALA I 40 13.26 -14.93 5.65
C ALA I 40 13.81 -13.52 5.72
N THR I 41 14.81 -13.22 4.88
CA THR I 41 15.46 -11.92 4.86
C THR I 41 15.39 -11.30 3.47
N HIS I 42 14.89 -12.06 2.50
CA HIS I 42 14.86 -11.58 1.12
C HIS I 42 13.80 -10.50 0.90
N ALA I 43 12.79 -10.45 1.76
CA ALA I 43 11.71 -9.48 1.63
C ALA I 43 11.90 -8.24 2.51
N CYS I 44 13.09 -8.08 3.11
CA CYS I 44 13.35 -7.00 4.03
C CYS I 44 14.57 -6.20 3.57
N VAL I 45 14.52 -4.89 3.79
CA VAL I 45 15.61 -4.00 3.36
C VAL I 45 16.75 -4.10 4.37
N PRO I 46 18.01 -4.00 3.94
CA PRO I 46 19.12 -3.90 4.91
C PRO I 46 19.03 -2.62 5.75
N THR I 47 19.54 -2.70 6.96
CA THR I 47 19.46 -1.59 7.90
C THR I 47 20.61 -0.62 7.69
N ASP I 48 20.51 0.54 8.34
CA ASP I 48 21.57 1.53 8.29
C ASP I 48 22.78 1.05 9.08
N PRO I 49 23.99 1.51 8.72
CA PRO I 49 25.17 1.15 9.52
C PRO I 49 25.11 1.61 10.96
N ASN I 50 24.48 2.77 11.22
CA ASN I 50 24.31 3.27 12.58
C ASN I 50 22.94 3.92 12.73
N PRO I 51 22.38 3.90 13.93
CA PRO I 51 21.11 4.59 14.17
C PRO I 51 21.33 6.07 14.44
N GLN I 52 20.22 6.81 14.45
CA GLN I 52 20.22 8.24 14.73
C GLN I 52 19.19 8.50 15.83
N GLU I 53 19.67 8.66 17.06
CA GLU I 53 18.81 8.92 18.22
C GLU I 53 18.92 10.39 18.62
N ILE I 54 17.77 11.05 18.73
CA ILE I 54 17.70 12.46 19.07
C ILE I 54 16.99 12.59 20.41
N HIS I 55 17.65 13.22 21.37
CA HIS I 55 17.08 13.43 22.69
C HIS I 55 16.19 14.67 22.68
N LEU I 56 15.08 14.59 23.40
CA LEU I 56 14.11 15.68 23.47
C LEU I 56 14.06 16.22 24.89
N GLU I 57 14.07 17.54 25.02
CA GLU I 57 14.08 18.22 26.30
C GLU I 57 12.67 18.68 26.67
N ASN I 58 12.32 18.53 27.95
CA ASN I 58 11.02 18.95 28.51
C ASN I 58 9.85 18.32 27.77
N VAL I 59 9.99 17.05 27.39
CA VAL I 59 8.94 16.33 26.69
C VAL I 59 8.48 15.18 27.59
N THR I 60 7.20 15.19 27.94
CA THR I 60 6.58 14.15 28.75
C THR I 60 5.49 13.48 27.94
N GLU I 61 5.57 12.15 27.82
CA GLU I 61 4.62 11.38 27.03
C GLU I 61 4.07 10.25 27.88
N GLU I 62 2.82 9.87 27.60
CA GLU I 62 2.15 8.79 28.31
C GLU I 62 2.24 7.52 27.49
N PHE I 63 2.76 6.46 28.10
CA PHE I 63 2.95 5.18 27.44
C PHE I 63 1.97 4.15 28.01
N ASN I 64 1.61 3.18 27.17
CA ASN I 64 0.71 2.10 27.60
C ASN I 64 1.12 0.85 26.83
N MET I 65 1.86 -0.04 27.49
CA MET I 65 2.37 -1.24 26.85
C MET I 65 1.29 -2.31 26.64
N TRP I 66 0.14 -2.18 27.28
CA TRP I 66 -0.93 -3.16 27.17
C TRP I 66 -1.93 -2.81 26.09
N LYS I 67 -1.77 -1.68 25.42
CA LYS I 67 -2.63 -1.27 24.31
C LYS I 67 -1.79 -0.77 23.15
N ASN I 68 -0.74 -1.50 22.83
CA ASN I 68 0.18 -1.15 21.76
C ASN I 68 -0.09 -2.01 20.54
N ASN I 69 -0.28 -1.35 19.38
CA ASN I 69 -0.54 -2.09 18.15
C ASN I 69 0.72 -2.77 17.62
N MET I 70 1.89 -2.37 18.11
CA MET I 70 3.15 -2.98 17.66
C MET I 70 3.25 -4.45 18.03
N VAL I 71 2.54 -4.89 19.07
CA VAL I 71 2.60 -6.30 19.44
C VAL I 71 1.51 -7.10 18.71
N GLU I 72 0.45 -6.43 18.26
CA GLU I 72 -0.56 -7.09 17.44
C GLU I 72 -0.22 -7.09 15.96
N GLN I 73 0.79 -6.34 15.54
CA GLN I 73 1.27 -6.40 14.17
C GLN I 73 2.38 -7.43 13.96
N MET I 74 3.36 -7.46 14.87
CA MET I 74 4.52 -8.33 14.67
C MET I 74 4.15 -9.80 14.89
N HIS I 75 3.12 -10.07 15.70
CA HIS I 75 2.60 -11.43 15.83
C HIS I 75 2.09 -11.96 14.49
N THR I 76 1.23 -11.19 13.82
CA THR I 76 0.72 -11.58 12.51
C THR I 76 1.80 -11.56 11.44
N ASP I 77 2.85 -10.76 11.62
CA ASP I 77 3.99 -10.83 10.72
C ASP I 77 4.80 -12.12 10.89
N ILE I 78 5.02 -12.55 12.14
CA ILE I 78 5.79 -13.76 12.39
C ILE I 78 5.01 -15.01 11.95
N ILE I 79 3.70 -15.01 12.21
CA ILE I 79 2.84 -16.10 11.73
C ILE I 79 2.86 -16.18 10.21
N SER I 80 2.91 -15.02 9.54
CA SER I 80 2.97 -14.97 8.09
C SER I 80 4.28 -15.51 7.53
N LEU I 81 5.42 -15.23 8.16
CA LEU I 81 6.69 -15.78 7.70
C LEU I 81 6.86 -17.25 8.04
N TRP I 82 6.22 -17.73 9.11
CA TRP I 82 6.23 -19.16 9.38
C TRP I 82 5.50 -19.93 8.29
N ASP I 83 4.39 -19.39 7.79
CA ASP I 83 3.54 -20.08 6.83
C ASP I 83 4.06 -20.02 5.39
N GLN I 84 4.99 -19.12 5.08
CA GLN I 84 5.54 -19.02 3.73
C GLN I 84 6.74 -19.92 3.51
N SER I 85 7.46 -20.29 4.56
CA SER I 85 8.63 -21.15 4.42
C SER I 85 8.28 -22.63 4.51
N LEU I 86 7.02 -22.96 4.80
CA LEU I 86 6.57 -24.34 4.85
C LEU I 86 5.94 -24.82 3.54
N LYS I 87 5.86 -23.96 2.53
CA LYS I 87 5.24 -24.30 1.25
C LYS I 87 6.11 -25.15 0.34
N PRO I 88 7.38 -24.76 -0.02
CA PRO I 88 8.12 -25.47 -1.07
C PRO I 88 8.91 -26.68 -0.59
N CYS I 89 8.26 -27.56 0.18
CA CYS I 89 8.82 -28.87 0.48
C CYS I 89 7.67 -29.85 0.69
N VAL I 90 8.01 -31.06 1.16
CA VAL I 90 7.14 -32.21 1.04
C VAL I 90 5.93 -32.09 1.95
N LYS I 91 4.76 -32.46 1.42
CA LYS I 91 3.54 -32.62 2.21
C LYS I 91 3.31 -34.11 2.42
N LEU I 92 3.20 -34.52 3.67
CA LEU I 92 3.16 -35.94 4.02
C LEU I 92 1.73 -36.47 4.10
N THR I 93 1.02 -36.34 2.97
CA THR I 93 -0.32 -36.90 2.88
C THR I 93 -0.42 -38.43 2.74
N PRO I 94 0.50 -39.17 2.12
CA PRO I 94 0.30 -40.62 2.03
C PRO I 94 0.78 -41.41 3.25
N LEU I 95 1.23 -40.74 4.30
CA LEU I 95 1.76 -41.40 5.48
C LEU I 95 0.66 -41.93 6.41
N CYS I 96 -0.58 -41.51 6.20
CA CYS I 96 -1.70 -41.97 7.02
C CYS I 96 -2.05 -43.40 6.62
N VAL I 97 -1.36 -44.36 7.23
CA VAL I 97 -1.57 -45.78 7.01
C VAL I 97 -1.76 -46.46 8.35
N THR I 98 -1.94 -47.78 8.32
CA THR I 98 -2.11 -48.59 9.51
C THR I 98 -0.74 -49.05 9.98
N LEU I 99 -0.30 -48.54 11.13
CA LEU I 99 1.01 -48.88 11.66
C LEU I 99 0.93 -50.13 12.51
N GLN I 100 1.89 -51.03 12.36
CA GLN I 100 2.02 -52.22 13.19
C GLN I 100 3.25 -52.03 14.07
N CYS I 101 3.06 -51.39 15.21
CA CYS I 101 4.14 -51.03 16.10
C CYS I 101 4.36 -52.10 17.16
N THR I 102 5.52 -52.02 17.81
CA THR I 102 5.84 -52.88 18.94
C THR I 102 6.80 -52.13 19.85
N ASN I 103 6.84 -52.56 21.11
CA ASN I 103 7.69 -51.90 22.09
C ASN I 103 9.16 -52.23 21.84
N VAL I 104 10.02 -51.25 22.14
CA VAL I 104 11.46 -51.43 22.03
C VAL I 104 12.02 -51.45 23.45
N THR I 105 12.73 -52.52 23.78
CA THR I 105 13.39 -52.73 25.06
C THR I 105 14.75 -53.38 24.86
N ASN I 106 15.42 -53.04 23.76
CA ASN I 106 16.61 -53.77 23.33
C ASN I 106 17.89 -53.23 23.95
N ASN I 107 18.20 -51.95 23.73
CA ASN I 107 19.51 -51.41 24.09
C ASN I 107 19.77 -51.44 25.59
N ILE I 108 19.08 -50.59 26.35
CA ILE I 108 19.13 -50.68 27.81
C ILE I 108 17.72 -50.63 28.37
N THR I 109 17.01 -49.54 28.08
CA THR I 109 15.67 -49.24 28.60
C THR I 109 15.65 -49.36 30.13
N ASP I 110 16.42 -48.48 30.78
CA ASP I 110 16.57 -48.53 32.22
C ASP I 110 15.40 -47.86 32.94
N ASP I 111 15.23 -46.57 32.72
CA ASP I 111 14.13 -45.81 33.33
C ASP I 111 13.18 -45.22 32.31
N MET I 112 13.65 -44.92 31.10
CA MET I 112 12.79 -44.48 30.02
C MET I 112 11.93 -45.66 29.59
N ARG I 113 10.67 -45.66 30.02
CA ARG I 113 9.77 -46.78 29.77
C ARG I 113 9.31 -46.70 28.32
N GLY I 114 8.30 -47.50 27.94
CA GLY I 114 7.87 -47.55 26.56
C GLY I 114 7.42 -46.21 26.02
N GLU I 115 8.29 -45.60 25.23
CA GLU I 115 8.03 -44.32 24.58
C GLU I 115 8.40 -44.32 23.11
N LEU I 116 9.37 -45.13 22.69
CA LEU I 116 9.70 -45.29 21.28
C LEU I 116 9.02 -46.56 20.78
N LYS I 117 8.45 -46.48 19.58
CA LYS I 117 7.71 -47.58 18.99
C LYS I 117 8.35 -47.97 17.66
N ASN I 118 8.59 -49.27 17.48
CA ASN I 118 9.17 -49.80 16.25
C ASN I 118 8.02 -50.17 15.33
N CYS I 119 7.67 -49.25 14.43
CA CYS I 119 6.48 -49.38 13.58
C CYS I 119 6.89 -49.73 12.16
N SER I 120 6.23 -50.74 11.59
CA SER I 120 6.44 -51.15 10.21
C SER I 120 5.17 -50.93 9.41
N PHE I 121 5.31 -50.43 8.19
CA PHE I 121 4.16 -50.08 7.38
C PHE I 121 4.49 -50.23 5.91
N ASN I 122 3.48 -50.05 5.07
CA ASN I 122 3.62 -50.13 3.61
C ASN I 122 3.65 -48.72 3.04
N MET I 123 4.63 -48.45 2.18
CA MET I 123 4.83 -47.12 1.63
C MET I 123 4.92 -47.20 0.11
N THR I 124 4.54 -46.11 -0.54
CA THR I 124 4.63 -46.02 -1.99
C THR I 124 6.05 -45.67 -2.43
N THR I 125 6.32 -45.90 -3.70
CA THR I 125 7.62 -45.61 -4.29
C THR I 125 7.43 -44.64 -5.46
N GLU I 126 8.53 -44.42 -6.21
CA GLU I 126 8.47 -43.53 -7.37
C GLU I 126 7.51 -44.07 -8.42
N LEU I 127 7.57 -45.37 -8.70
CA LEU I 127 6.64 -45.99 -9.63
C LEU I 127 5.26 -46.10 -8.99
N ARG I 128 4.23 -45.85 -9.80
CA ARG I 128 2.87 -45.75 -9.27
C ARG I 128 2.30 -47.11 -8.88
N ASP I 129 2.72 -48.17 -9.55
CA ASP I 129 2.13 -49.50 -9.36
C ASP I 129 2.96 -50.40 -8.46
N LYS I 130 3.93 -49.85 -7.74
CA LYS I 130 4.77 -50.63 -6.84
C LYS I 130 4.71 -50.03 -5.44
N LYS I 131 4.95 -50.88 -4.44
CA LYS I 131 4.92 -50.48 -3.04
C LYS I 131 6.12 -51.04 -2.31
N GLN I 132 6.48 -50.39 -1.21
CA GLN I 132 7.63 -50.74 -0.39
C GLN I 132 7.17 -51.42 0.90
N LYS I 133 8.14 -51.68 1.78
CA LYS I 133 7.85 -52.14 3.14
C LYS I 133 9.00 -51.64 4.02
N VAL I 134 8.75 -50.53 4.72
CA VAL I 134 9.80 -49.87 5.50
C VAL I 134 9.41 -49.85 6.98
N TYR I 135 10.28 -49.31 7.82
CA TYR I 135 10.00 -49.19 9.24
C TYR I 135 10.62 -47.91 9.76
N SER I 136 10.13 -47.45 10.91
CA SER I 136 10.62 -46.24 11.54
C SER I 136 10.37 -46.31 13.03
N LEU I 137 11.03 -45.43 13.77
CA LEU I 137 10.91 -45.35 15.22
C LEU I 137 10.07 -44.13 15.56
N PHE I 138 8.83 -44.37 16.00
CA PHE I 138 7.89 -43.30 16.33
C PHE I 138 7.77 -43.15 17.83
N TYR I 139 7.64 -41.91 18.28
CA TYR I 139 7.45 -41.63 19.70
C TYR I 139 6.04 -42.02 20.13
N ARG I 140 5.88 -42.24 21.44
CA ARG I 140 4.57 -42.62 21.97
C ARG I 140 3.57 -41.48 21.93
N LEU I 141 4.04 -40.23 21.89
CA LEU I 141 3.16 -39.08 21.88
C LEU I 141 2.62 -38.75 20.50
N ASP I 142 2.97 -39.52 19.47
CA ASP I 142 2.53 -39.26 18.10
C ASP I 142 1.73 -40.41 17.50
N VAL I 143 1.43 -41.45 18.28
CA VAL I 143 0.68 -42.60 17.79
C VAL I 143 -0.49 -42.86 18.73
N VAL I 144 -1.55 -43.45 18.19
CA VAL I 144 -2.74 -43.82 18.96
C VAL I 144 -3.26 -45.15 18.43
N GLN I 145 -3.68 -46.02 19.34
CA GLN I 145 -4.18 -47.33 18.95
C GLN I 145 -5.52 -47.23 18.22
N ILE I 146 -5.74 -48.15 17.30
CA ILE I 146 -7.02 -48.34 16.63
C ILE I 146 -7.44 -49.79 16.81
N ASN I 147 -8.73 -50.01 17.06
CA ASN I 147 -9.24 -51.34 17.31
C ASN I 147 -10.01 -51.88 16.12
N SER I 157 4.58 -58.76 20.14
CA SER I 157 3.41 -58.93 19.29
C SER I 157 3.33 -57.80 18.26
N ASN I 158 2.16 -57.65 17.65
CA ASN I 158 1.93 -56.62 16.64
C ASN I 158 0.51 -56.09 16.81
N LYS I 159 0.38 -54.84 17.20
CA LYS I 159 -0.91 -54.18 17.35
C LYS I 159 -1.01 -53.02 16.37
N GLU I 160 -2.23 -52.76 15.90
CA GLU I 160 -2.44 -51.73 14.89
C GLU I 160 -2.47 -50.35 15.52
N TYR I 161 -1.65 -49.45 14.99
CA TYR I 161 -1.56 -48.06 15.43
C TYR I 161 -1.83 -47.13 14.26
N ARG I 162 -1.88 -45.83 14.54
CA ARG I 162 -2.03 -44.82 13.51
C ARG I 162 -1.50 -43.51 14.04
N LEU I 163 -1.19 -42.59 13.12
CA LEU I 163 -0.72 -41.28 13.52
C LEU I 163 -1.86 -40.48 14.15
N ILE I 164 -1.48 -39.55 15.04
CA ILE I 164 -2.47 -38.81 15.82
C ILE I 164 -3.22 -37.78 15.00
N ASN I 165 -2.66 -37.33 13.88
CA ASN I 165 -3.25 -36.25 13.08
C ASN I 165 -4.08 -36.75 11.91
N CYS I 166 -4.28 -38.06 11.78
CA CYS I 166 -4.93 -38.62 10.59
C CYS I 166 -6.43 -38.42 10.56
N ASN I 167 -7.00 -37.66 11.50
CA ASN I 167 -8.42 -37.31 11.46
C ASN I 167 -8.66 -35.81 11.41
N THR I 168 -7.61 -34.99 11.36
CA THR I 168 -7.76 -33.54 11.31
C THR I 168 -7.21 -32.94 10.02
N SER I 169 -5.99 -33.32 9.62
CA SER I 169 -5.36 -32.79 8.42
C SER I 169 -4.19 -33.70 8.04
N ALA I 170 -3.42 -33.25 7.06
CA ALA I 170 -2.20 -33.93 6.65
C ALA I 170 -1.01 -33.03 6.99
N CYS I 171 -0.07 -33.56 7.76
CA CYS I 171 1.06 -32.76 8.21
C CYS I 171 2.01 -32.46 7.05
N THR I 172 2.60 -31.26 7.10
CA THR I 172 3.59 -30.84 6.13
C THR I 172 4.98 -31.04 6.73
N GLN I 173 5.82 -31.77 6.01
CA GLN I 173 7.18 -32.01 6.48
C GLN I 173 7.97 -30.70 6.44
N ALA I 174 8.66 -30.40 7.54
CA ALA I 174 9.48 -29.20 7.59
C ALA I 174 10.62 -29.31 6.59
N CYS I 175 10.91 -28.19 5.93
CA CYS I 175 11.96 -28.15 4.92
C CYS I 175 13.30 -28.41 5.57
N PRO I 176 14.06 -29.44 5.15
CA PRO I 176 15.30 -29.77 5.85
C PRO I 176 16.42 -28.74 5.70
N LYS I 177 16.42 -27.95 4.63
CA LYS I 177 17.49 -26.99 4.42
C LYS I 177 17.39 -25.79 5.36
N VAL I 178 16.18 -25.32 5.63
CA VAL I 178 16.01 -24.16 6.49
C VAL I 178 16.20 -24.56 7.96
N SER I 179 16.39 -23.55 8.81
CA SER I 179 16.63 -23.76 10.23
C SER I 179 15.74 -22.85 11.05
N PHE I 180 15.61 -23.17 12.34
CA PHE I 180 14.77 -22.44 13.27
C PHE I 180 15.60 -21.56 14.20
N GLU I 181 16.70 -21.00 13.70
CA GLU I 181 17.54 -20.14 14.51
C GLU I 181 16.99 -18.72 14.47
N PRO I 182 16.63 -18.13 15.61
CA PRO I 182 16.12 -16.76 15.60
C PRO I 182 17.21 -15.75 15.26
N ILE I 183 16.83 -14.72 14.50
CA ILE I 183 17.75 -13.65 14.11
C ILE I 183 17.11 -12.31 14.47
N PRO I 184 17.88 -11.29 14.81
CA PRO I 184 17.28 -10.00 15.17
C PRO I 184 16.64 -9.31 13.98
N ILE I 185 15.57 -8.57 14.25
CA ILE I 185 14.88 -7.77 13.25
C ILE I 185 14.59 -6.40 13.83
N HIS I 186 14.45 -5.41 12.94
CA HIS I 186 14.16 -4.04 13.33
C HIS I 186 12.88 -3.59 12.63
N TYR I 187 11.99 -2.97 13.38
CA TYR I 187 10.71 -2.47 12.86
C TYR I 187 10.82 -0.96 12.75
N CYS I 188 10.68 -0.43 11.54
CA CYS I 188 10.91 0.99 11.30
C CYS I 188 9.71 1.64 10.61
N ALA I 189 9.39 2.85 11.05
CA ALA I 189 8.19 3.54 10.61
C ALA I 189 8.41 4.24 9.27
N PRO I 190 7.34 4.42 8.49
CA PRO I 190 7.48 5.10 7.19
C PRO I 190 7.59 6.61 7.33
N ALA I 191 7.61 7.31 6.20
CA ALA I 191 7.68 8.76 6.22
C ALA I 191 6.35 9.36 6.69
N GLY I 192 6.44 10.37 7.54
CA GLY I 192 5.28 10.99 8.13
C GLY I 192 4.97 10.53 9.55
N PHE I 193 5.63 9.48 10.02
CA PHE I 193 5.43 8.96 11.37
C PHE I 193 6.77 8.96 12.11
N ALA I 194 6.73 8.61 13.38
CA ALA I 194 7.93 8.59 14.20
C ALA I 194 7.77 7.57 15.32
N ILE I 195 8.89 7.14 15.87
CA ILE I 195 8.93 6.18 16.98
C ILE I 195 9.54 6.87 18.19
N LEU I 196 8.86 6.80 19.33
CA LEU I 196 9.30 7.45 20.56
C LEU I 196 9.80 6.39 21.53
N LYS I 197 10.93 6.66 22.17
CA LYS I 197 11.56 5.75 23.11
C LYS I 197 11.58 6.36 24.50
N CYS I 198 11.31 5.53 25.51
CA CYS I 198 11.33 5.94 26.91
C CYS I 198 12.63 5.46 27.53
N LYS I 199 13.48 6.40 27.93
CA LYS I 199 14.79 6.09 28.50
C LYS I 199 14.79 6.05 30.01
N ASP I 200 13.63 5.88 30.63
CA ASP I 200 13.55 5.78 32.08
C ASP I 200 13.92 4.37 32.53
N LYS I 201 14.82 4.28 33.51
CA LYS I 201 15.26 3.00 34.02
C LYS I 201 14.31 2.42 35.07
N LYS I 202 13.30 3.17 35.50
CA LYS I 202 12.30 2.71 36.44
C LYS I 202 10.94 3.00 35.79
N PHE I 203 10.47 2.07 34.96
CA PHE I 203 9.22 2.22 34.23
C PHE I 203 8.41 0.94 34.40
N ASN I 204 7.18 1.08 34.88
CA ASN I 204 6.31 -0.06 35.11
C ASN I 204 5.35 -0.32 33.97
N GLY I 205 5.49 0.39 32.85
CA GLY I 205 4.71 0.11 31.66
C GLY I 205 3.67 1.15 31.32
N THR I 206 2.97 1.66 32.33
CA THR I 206 1.91 2.63 32.14
C THR I 206 2.18 3.86 32.99
N GLY I 207 2.20 5.03 32.35
CA GLY I 207 2.42 6.27 33.05
C GLY I 207 3.28 7.24 32.25
N PRO I 208 3.43 8.45 32.76
CA PRO I 208 4.29 9.43 32.08
C PRO I 208 5.75 9.02 32.10
N CYS I 209 6.46 9.38 31.04
CA CYS I 209 7.89 9.11 30.91
C CYS I 209 8.65 10.43 30.85
N PRO I 210 9.37 10.81 31.92
CA PRO I 210 10.07 12.11 31.90
C PRO I 210 11.15 12.22 30.84
N SER I 211 11.84 11.12 30.51
CA SER I 211 12.95 11.14 29.56
C SER I 211 12.52 10.42 28.28
N VAL I 212 12.08 11.19 27.30
CA VAL I 212 11.60 10.65 26.02
C VAL I 212 12.54 11.14 24.92
N SER I 213 13.05 10.20 24.13
CA SER I 213 13.86 10.51 22.97
C SER I 213 13.31 9.76 21.76
N THR I 214 13.50 10.35 20.58
CA THR I 214 13.05 9.74 19.33
C THR I 214 14.22 9.01 18.69
N VAL I 215 13.95 7.84 18.13
CA VAL I 215 14.96 7.03 17.48
C VAL I 215 14.56 6.84 16.02
N GLN I 216 15.54 6.44 15.20
CA GLN I 216 15.22 6.08 13.83
C GLN I 216 14.28 4.89 13.78
N CYS I 217 14.65 3.80 14.45
CA CYS I 217 13.76 2.68 14.74
C CYS I 217 14.41 1.78 15.78
N THR I 218 13.73 0.67 16.09
CA THR I 218 14.00 -0.12 17.28
C THR I 218 15.29 -0.91 17.15
N HIS I 219 15.65 -1.60 18.23
CA HIS I 219 16.83 -2.44 18.28
C HIS I 219 16.47 -3.84 17.79
N GLY I 220 17.39 -4.79 17.95
CA GLY I 220 17.16 -6.14 17.48
C GLY I 220 16.34 -6.99 18.42
N ILE I 221 15.18 -7.45 17.96
CA ILE I 221 14.29 -8.29 18.75
C ILE I 221 14.33 -9.70 18.16
N LYS I 222 14.73 -10.66 18.98
CA LYS I 222 14.85 -12.04 18.53
C LYS I 222 13.53 -12.78 18.72
N PRO I 223 12.92 -13.31 17.67
CA PRO I 223 11.64 -14.02 17.84
C PRO I 223 11.81 -15.40 18.47
N VAL I 224 11.97 -15.43 19.79
CA VAL I 224 12.14 -16.67 20.53
C VAL I 224 10.79 -17.07 21.11
N VAL I 225 10.34 -18.29 20.81
CA VAL I 225 9.07 -18.80 21.29
C VAL I 225 9.33 -19.74 22.47
N SER I 226 8.61 -19.52 23.57
CA SER I 226 8.75 -20.33 24.77
C SER I 226 7.53 -20.10 25.66
N THR I 227 7.33 -21.01 26.61
CA THR I 227 6.27 -20.91 27.59
C THR I 227 6.88 -21.01 28.99
N GLN I 228 6.32 -20.24 29.92
CA GLN I 228 6.62 -20.23 31.35
C GLN I 228 7.98 -19.64 31.68
N LEU I 229 8.79 -19.34 30.65
CA LEU I 229 10.11 -18.78 30.84
C LEU I 229 10.46 -17.94 29.61
N LEU I 230 11.13 -16.81 29.83
CA LEU I 230 11.62 -15.97 28.75
C LEU I 230 13.10 -16.24 28.58
N LEU I 231 13.48 -16.75 27.41
CA LEU I 231 14.85 -17.21 27.17
C LEU I 231 15.64 -16.13 26.44
N ASN I 232 16.81 -15.80 27.01
CA ASN I 232 17.81 -14.86 26.47
C ASN I 232 17.22 -13.66 25.75
N GLY I 233 16.34 -12.95 26.45
CA GLY I 233 15.80 -11.72 25.94
C GLY I 233 16.64 -10.51 26.31
N SER I 234 16.03 -9.51 26.90
CA SER I 234 16.72 -8.30 27.34
C SER I 234 16.65 -8.20 28.85
N LEU I 235 17.76 -7.78 29.46
CA LEU I 235 17.89 -7.67 30.90
C LEU I 235 17.59 -6.25 31.35
N ALA I 236 17.15 -6.13 32.60
CA ALA I 236 16.94 -4.81 33.18
C ALA I 236 18.26 -4.21 33.63
N GLU I 237 18.28 -2.89 33.78
CA GLU I 237 19.46 -2.17 34.20
C GLU I 237 19.50 -1.89 35.70
N GLU I 238 18.32 -1.78 36.32
CA GLU I 238 18.24 -1.43 37.76
C GLU I 238 17.20 -2.29 38.49
N GLU I 239 17.63 -3.16 39.42
CA GLU I 239 16.70 -3.96 40.26
C GLU I 239 15.81 -4.91 39.44
N VAL I 240 14.72 -5.39 40.04
CA VAL I 240 13.79 -6.34 39.36
C VAL I 240 12.48 -5.59 39.05
N MET I 241 11.91 -5.81 37.87
CA MET I 241 10.70 -5.10 37.47
C MET I 241 9.53 -6.07 37.30
N ILE I 242 8.41 -5.76 37.93
CA ILE I 242 7.16 -6.50 37.79
C ILE I 242 6.14 -5.60 37.12
N ARG I 243 5.57 -6.07 36.01
CA ARG I 243 4.62 -5.30 35.22
C ARG I 243 3.32 -6.08 35.06
N SER I 244 2.20 -5.40 35.27
CA SER I 244 0.89 -6.02 35.11
C SER I 244 -0.14 -4.94 34.78
N GLU I 245 -1.19 -5.34 34.05
CA GLU I 245 -2.24 -4.41 33.69
C GLU I 245 -3.13 -4.07 34.88
N ASN I 246 -3.40 -5.06 35.74
CA ASN I 246 -4.23 -4.85 36.92
C ASN I 246 -3.72 -5.81 37.99
N ILE I 247 -2.93 -5.29 38.93
CA ILE I 247 -2.29 -6.14 39.93
C ILE I 247 -3.30 -6.68 40.94
N THR I 248 -4.46 -6.04 41.07
CA THR I 248 -5.50 -6.50 41.97
C THR I 248 -6.41 -7.55 41.34
N ASN I 249 -6.20 -7.88 40.07
CA ASN I 249 -6.98 -8.88 39.36
C ASN I 249 -6.17 -10.15 39.21
N ASN I 250 -6.79 -11.29 39.52
CA ASN I 250 -6.12 -12.57 39.42
C ASN I 250 -6.25 -13.21 38.04
N ALA I 251 -6.92 -12.55 37.11
CA ALA I 251 -7.09 -13.05 35.75
C ALA I 251 -6.12 -12.41 34.77
N LYS I 252 -5.13 -11.66 35.25
CA LYS I 252 -4.16 -11.00 34.41
C LYS I 252 -2.77 -11.56 34.67
N ASN I 253 -2.04 -11.82 33.60
CA ASN I 253 -0.71 -12.39 33.72
C ASN I 253 0.28 -11.36 34.26
N ILE I 254 1.36 -11.85 34.84
CA ILE I 254 2.39 -11.04 35.46
C ILE I 254 3.71 -11.29 34.73
N LEU I 255 4.35 -10.22 34.29
CA LEU I 255 5.64 -10.30 33.60
C LEU I 255 6.75 -9.83 34.52
N VAL I 256 7.82 -10.61 34.61
CA VAL I 256 8.95 -10.33 35.48
C VAL I 256 10.20 -10.20 34.61
N GLN I 257 11.03 -9.20 34.90
CA GLN I 257 12.31 -9.04 34.25
C GLN I 257 13.43 -9.26 35.27
N PHE I 258 14.44 -9.99 34.86
CA PHE I 258 15.55 -10.36 35.74
C PHE I 258 16.68 -9.34 35.63
N ASN I 259 17.26 -8.98 36.78
CA ASN I 259 18.43 -8.12 36.77
C ASN I 259 19.65 -8.85 36.24
N THR I 260 19.83 -10.11 36.64
CA THR I 260 20.93 -10.94 36.18
C THR I 260 20.37 -12.28 35.70
N PRO I 261 20.92 -12.84 34.62
CA PRO I 261 20.37 -14.09 34.09
C PRO I 261 20.84 -15.30 34.89
N VAL I 262 20.09 -16.39 34.75
CA VAL I 262 20.45 -17.69 35.29
C VAL I 262 20.56 -18.67 34.14
N GLN I 263 21.65 -19.44 34.13
CA GLN I 263 22.03 -20.26 33.00
C GLN I 263 21.37 -21.64 33.07
N ILE I 264 20.96 -22.15 31.90
CA ILE I 264 20.33 -23.45 31.78
C ILE I 264 21.02 -24.22 30.65
N ASN I 265 21.18 -25.54 30.84
CA ASN I 265 21.83 -26.40 29.87
C ASN I 265 20.92 -27.57 29.55
N CYS I 266 20.67 -27.81 28.26
CA CYS I 266 19.78 -28.87 27.82
C CYS I 266 20.49 -29.75 26.81
N THR I 267 20.11 -31.02 26.77
CA THR I 267 20.73 -31.98 25.87
C THR I 267 19.80 -33.15 25.61
N ARG I 268 20.11 -33.90 24.56
CA ARG I 268 19.47 -35.18 24.26
C ARG I 268 20.56 -36.23 24.15
N PRO I 269 20.68 -37.15 25.13
CA PRO I 269 21.85 -38.04 25.16
C PRO I 269 21.93 -39.04 24.01
N ASN I 270 20.83 -39.31 23.32
CA ASN I 270 20.79 -40.31 22.27
C ASN I 270 21.19 -39.69 20.94
N ASN I 271 22.15 -40.33 20.25
CA ASN I 271 22.48 -39.95 18.88
C ASN I 271 21.64 -40.78 17.92
N ASN I 272 20.77 -40.11 17.18
CA ASN I 272 19.84 -40.78 16.28
C ASN I 272 20.46 -40.96 14.91
N THR I 273 19.78 -41.75 14.08
CA THR I 273 20.16 -41.98 12.69
C THR I 273 18.99 -41.63 11.79
N ARG I 274 19.28 -40.94 10.69
CA ARG I 274 18.25 -40.47 9.76
C ARG I 274 18.32 -41.29 8.47
N LYS I 275 17.19 -41.83 8.06
CA LYS I 275 17.06 -42.58 6.82
C LYS I 275 16.29 -41.75 5.81
N SER I 276 16.53 -42.04 4.53
CA SER I 276 15.82 -41.38 3.43
C SER I 276 14.95 -42.42 2.73
N ILE I 277 13.65 -42.15 2.64
CA ILE I 277 12.70 -43.05 2.00
C ILE I 277 12.02 -42.28 0.88
N ARG I 278 12.16 -42.77 -0.35
CA ARG I 278 11.56 -42.13 -1.50
C ARG I 278 10.10 -42.54 -1.61
N ILE I 279 9.18 -41.58 -1.53
CA ILE I 279 7.76 -41.84 -1.54
C ILE I 279 7.08 -41.30 -2.78
N GLY I 280 7.82 -40.75 -3.72
CA GLY I 280 7.25 -40.21 -4.93
C GLY I 280 8.30 -39.67 -5.88
N PRO I 281 7.87 -39.12 -7.01
CA PRO I 281 8.83 -38.58 -7.98
C PRO I 281 9.46 -37.28 -7.50
N GLY I 282 10.49 -37.39 -6.67
CA GLY I 282 11.17 -36.23 -6.14
C GLY I 282 10.84 -35.88 -4.70
N GLN I 283 10.10 -36.74 -4.00
CA GLN I 283 9.72 -36.51 -2.62
C GLN I 283 10.36 -37.57 -1.74
N ALA I 284 10.90 -37.14 -0.60
CA ALA I 284 11.58 -38.03 0.32
C ALA I 284 11.04 -37.85 1.73
N PHE I 285 10.92 -38.96 2.45
CA PHE I 285 10.48 -38.97 3.84
C PHE I 285 11.66 -39.35 4.72
N TYR I 286 11.95 -38.53 5.73
CA TYR I 286 13.10 -38.71 6.59
C TYR I 286 12.65 -39.37 7.88
N ALA I 287 12.99 -40.65 8.04
CA ALA I 287 12.58 -41.45 9.17
C ALA I 287 13.76 -41.78 10.07
N THR I 288 13.45 -42.11 11.32
CA THR I 288 14.48 -42.44 12.30
C THR I 288 14.91 -43.89 12.15
N GLY I 289 16.21 -44.12 12.04
CA GLY I 289 16.73 -45.48 11.98
C GLY I 289 16.92 -46.06 13.36
N ASP I 290 18.08 -46.66 13.61
CA ASP I 290 18.40 -47.20 14.91
C ASP I 290 19.18 -46.19 15.74
N ILE I 291 19.29 -46.46 17.03
CA ILE I 291 20.03 -45.62 17.97
C ILE I 291 21.35 -46.31 18.29
N ILE I 292 22.46 -45.66 17.96
CA ILE I 292 23.79 -46.25 18.11
C ILE I 292 24.20 -46.07 19.58
N GLY I 293 24.04 -47.10 20.39
CA GLY I 293 24.51 -47.06 21.75
C GLY I 293 23.41 -47.23 22.80
N ASP I 294 23.27 -46.24 23.66
CA ASP I 294 22.36 -46.31 24.80
C ASP I 294 21.16 -45.39 24.60
N ILE I 295 20.10 -45.68 25.33
CA ILE I 295 18.86 -44.91 25.31
C ILE I 295 18.67 -44.29 26.68
N ARG I 296 18.57 -42.96 26.72
CA ARG I 296 18.44 -42.24 27.97
C ARG I 296 17.52 -41.04 27.77
N GLN I 297 16.95 -40.56 28.88
CA GLN I 297 16.02 -39.45 28.84
C GLN I 297 16.74 -38.12 28.66
N ALA I 298 16.02 -37.15 28.09
CA ALA I 298 16.53 -35.79 27.95
C ALA I 298 16.22 -34.99 29.21
N HIS I 299 17.09 -34.03 29.52
CA HIS I 299 16.96 -33.29 30.77
C HIS I 299 17.60 -31.91 30.61
N CYS I 300 17.26 -31.03 31.55
CA CYS I 300 17.89 -29.73 31.68
C CYS I 300 18.19 -29.47 33.15
N ASN I 301 19.22 -28.67 33.40
CA ASN I 301 19.60 -28.35 34.79
C ASN I 301 19.67 -26.85 34.99
N VAL I 302 19.37 -26.43 36.22
CA VAL I 302 19.51 -25.06 36.67
C VAL I 302 20.31 -25.08 37.97
N SER I 303 21.27 -24.16 38.09
CA SER I 303 22.07 -24.08 39.31
C SER I 303 21.18 -23.73 40.49
N LYS I 304 21.40 -24.44 41.61
CA LYS I 304 20.49 -24.33 42.75
C LYS I 304 20.65 -23.00 43.46
N ALA I 305 21.89 -22.57 43.72
CA ALA I 305 22.11 -21.33 44.47
C ALA I 305 21.70 -20.11 43.66
N THR I 306 22.03 -20.09 42.36
CA THR I 306 21.66 -18.96 41.52
C THR I 306 20.14 -18.84 41.38
N TRP I 307 19.45 -19.97 41.18
CA TRP I 307 17.99 -19.93 41.10
C TRP I 307 17.38 -19.54 42.44
N ASN I 308 17.96 -20.00 43.55
CA ASN I 308 17.44 -19.62 44.86
C ASN I 308 17.57 -18.12 45.12
N GLU I 309 18.72 -17.53 44.81
CA GLU I 309 18.86 -16.09 45.04
C GLU I 309 18.02 -15.29 44.04
N THR I 310 17.87 -15.77 42.81
CA THR I 310 17.02 -15.09 41.85
C THR I 310 15.56 -15.13 42.28
N LEU I 311 15.11 -16.26 42.83
CA LEU I 311 13.75 -16.33 43.35
C LEU I 311 13.56 -15.51 44.61
N GLY I 312 14.59 -15.40 45.45
CA GLY I 312 14.52 -14.54 46.61
C GLY I 312 14.50 -13.06 46.29
N LYS I 313 15.10 -12.67 45.16
CA LYS I 313 15.02 -11.28 44.73
C LYS I 313 13.66 -10.91 44.18
N VAL I 314 12.81 -11.89 43.87
CA VAL I 314 11.48 -11.61 43.35
C VAL I 314 10.46 -11.46 44.48
N VAL I 315 10.62 -12.22 45.56
CA VAL I 315 9.67 -12.15 46.68
C VAL I 315 9.71 -10.77 47.33
N LYS I 316 10.92 -10.21 47.49
CA LYS I 316 11.08 -8.88 48.08
C LYS I 316 10.37 -7.80 47.28
N GLN I 317 10.32 -7.93 45.95
CA GLN I 317 9.66 -6.95 45.11
C GLN I 317 8.19 -7.22 44.91
N LEU I 318 7.76 -8.48 45.01
CA LEU I 318 6.33 -8.80 45.04
C LEU I 318 5.67 -8.43 46.36
N ARG I 319 6.45 -8.29 47.44
CA ARG I 319 5.89 -7.85 48.71
C ARG I 319 5.52 -6.38 48.73
N LYS I 320 6.02 -5.58 47.79
CA LYS I 320 5.68 -4.16 47.75
C LYS I 320 4.24 -3.95 47.32
N HIS I 321 3.81 -4.63 46.26
CA HIS I 321 2.44 -4.47 45.77
C HIS I 321 1.44 -5.17 46.69
N PHE I 322 1.78 -6.35 47.18
CA PHE I 322 0.90 -7.12 48.05
C PHE I 322 1.18 -6.77 49.51
N GLY I 323 0.66 -7.58 50.43
CA GLY I 323 0.84 -7.32 51.84
C GLY I 323 2.28 -7.48 52.28
N ASN I 324 2.63 -6.78 53.37
CA ASN I 324 4.00 -6.75 53.85
C ASN I 324 4.35 -7.92 54.75
N ASN I 325 3.36 -8.68 55.21
CA ASN I 325 3.60 -9.86 56.04
C ASN I 325 2.95 -11.11 55.46
N THR I 326 2.55 -11.07 54.19
CA THR I 326 1.92 -12.21 53.56
C THR I 326 2.96 -13.26 53.19
N ILE I 327 2.52 -14.52 53.17
CA ILE I 327 3.39 -15.64 52.83
C ILE I 327 3.37 -15.82 51.32
N ILE I 328 4.54 -15.73 50.68
CA ILE I 328 4.66 -15.91 49.25
C ILE I 328 4.99 -17.38 48.99
N ARG I 329 4.14 -18.04 48.19
CA ARG I 329 4.28 -19.45 47.89
C ARG I 329 4.32 -19.66 46.39
N PHE I 330 5.14 -20.62 45.95
CA PHE I 330 5.26 -20.98 44.55
C PHE I 330 4.83 -22.43 44.37
N ALA I 331 3.98 -22.68 43.38
CA ALA I 331 3.49 -24.02 43.08
C ALA I 331 3.64 -24.27 41.58
N ASN I 332 3.45 -25.53 41.18
CA ASN I 332 3.58 -25.90 39.78
C ASN I 332 2.29 -25.55 39.03
N SER I 333 2.24 -25.92 37.76
CA SER I 333 1.11 -25.55 36.91
C SER I 333 -0.15 -26.28 37.33
N SER I 334 -1.30 -25.69 36.97
CA SER I 334 -2.58 -26.24 37.38
C SER I 334 -2.99 -27.41 36.51
N GLY I 335 -3.17 -27.18 35.21
CA GLY I 335 -3.56 -28.23 34.31
C GLY I 335 -3.88 -27.67 32.94
N GLY I 336 -4.20 -28.60 32.03
CA GLY I 336 -4.49 -28.23 30.66
C GLY I 336 -3.78 -29.09 29.64
N ASP I 337 -3.34 -28.48 28.55
CA ASP I 337 -2.63 -29.20 27.49
C ASP I 337 -1.16 -29.35 27.86
N LEU I 338 -0.40 -30.00 26.96
CA LEU I 338 1.02 -30.19 27.19
C LEU I 338 1.84 -28.95 26.85
N GLU I 339 1.27 -27.99 26.13
CA GLU I 339 1.97 -26.79 25.75
C GLU I 339 1.81 -25.65 26.74
N VAL I 340 0.98 -25.82 27.77
CA VAL I 340 0.77 -24.78 28.76
C VAL I 340 1.22 -25.18 30.16
N THR I 341 1.34 -26.47 30.46
CA THR I 341 1.79 -26.93 31.77
C THR I 341 3.26 -27.32 31.78
N THR I 342 3.95 -27.18 30.65
CA THR I 342 5.36 -27.53 30.54
C THR I 342 6.11 -26.41 29.85
N HIS I 343 7.41 -26.32 30.13
CA HIS I 343 8.27 -25.33 29.51
C HIS I 343 8.69 -25.86 28.14
N SER I 344 8.06 -25.34 27.09
CA SER I 344 8.30 -25.79 25.73
C SER I 344 9.18 -24.80 24.99
N PHE I 345 10.18 -25.33 24.27
CA PHE I 345 11.10 -24.50 23.51
C PHE I 345 11.65 -25.32 22.35
N ASN I 346 12.68 -24.79 21.70
CA ASN I 346 13.33 -25.46 20.57
C ASN I 346 14.83 -25.43 20.82
N CYS I 347 15.47 -26.59 20.69
CA CYS I 347 16.90 -26.75 20.97
C CYS I 347 17.54 -27.54 19.84
N GLY I 348 18.16 -26.83 18.89
CA GLY I 348 18.85 -27.50 17.80
C GLY I 348 17.96 -28.18 16.79
N GLY I 349 16.70 -27.75 16.67
CA GLY I 349 15.76 -28.38 15.78
C GLY I 349 14.84 -29.40 16.42
N GLU I 350 15.12 -29.79 17.67
CA GLU I 350 14.29 -30.72 18.40
C GLU I 350 13.42 -29.96 19.39
N PHE I 351 12.13 -30.29 19.43
CA PHE I 351 11.18 -29.59 20.28
C PHE I 351 11.07 -30.28 21.63
N PHE I 352 11.29 -29.53 22.70
CA PHE I 352 11.33 -30.05 24.05
C PHE I 352 10.08 -29.66 24.82
N TYR I 353 9.74 -30.46 25.82
CA TYR I 353 8.62 -30.18 26.73
C TYR I 353 9.09 -30.57 28.14
N CYS I 354 9.68 -29.62 28.85
CA CYS I 354 10.34 -29.90 30.11
C CYS I 354 9.40 -29.69 31.29
N ASN I 355 9.63 -30.45 32.36
CA ASN I 355 8.79 -30.46 33.55
C ASN I 355 9.35 -29.46 34.56
N THR I 356 8.76 -28.27 34.61
CA THR I 356 9.19 -27.25 35.57
C THR I 356 8.33 -27.34 36.83
N SER I 357 8.57 -28.41 37.59
CA SER I 357 7.91 -28.62 38.87
C SER I 357 8.87 -28.63 40.04
N GLY I 358 10.17 -28.68 39.80
CA GLY I 358 11.15 -28.59 40.87
C GLY I 358 11.66 -27.18 41.05
N LEU I 359 11.32 -26.31 40.10
CA LEU I 359 11.71 -24.91 40.21
C LEU I 359 10.71 -24.12 41.05
N PHE I 360 9.43 -24.27 40.76
CA PHE I 360 8.38 -23.55 41.48
C PHE I 360 7.81 -24.44 42.59
N ASN I 361 8.66 -24.68 43.59
CA ASN I 361 8.27 -25.49 44.76
C ASN I 361 9.07 -24.95 45.95
N SER I 362 8.46 -24.00 46.67
CA SER I 362 9.09 -23.36 47.81
C SER I 362 8.05 -22.54 48.56
N THR I 363 8.40 -22.16 49.78
CA THR I 363 7.63 -21.21 50.57
C THR I 363 8.58 -20.18 51.17
N TRP I 364 8.06 -18.97 51.39
CA TRP I 364 8.89 -17.85 51.83
C TRP I 364 8.26 -17.17 53.04
N ILE I 365 9.07 -16.95 54.07
CA ILE I 365 8.65 -16.31 55.31
C ILE I 365 9.51 -15.07 55.51
N SER I 366 8.89 -14.01 56.02
CA SER I 366 9.59 -12.73 56.19
C SER I 366 10.75 -12.86 57.17
N ASN I 367 10.55 -13.58 58.28
CA ASN I 367 11.54 -13.79 59.33
C ASN I 367 12.08 -12.47 59.89
N ASN I 379 28.01 -27.44 44.51
CA ASN I 379 27.55 -27.09 43.17
C ASN I 379 26.43 -28.02 42.73
N ASP I 380 25.31 -27.99 43.46
CA ASP I 380 24.18 -28.84 43.14
C ASP I 380 23.44 -28.32 41.91
N SER I 381 22.60 -29.18 41.35
CA SER I 381 21.81 -28.83 40.17
C SER I 381 20.40 -29.40 40.32
N ILE I 382 19.46 -28.76 39.63
CA ILE I 382 18.06 -29.18 39.64
C ILE I 382 17.75 -29.76 38.27
N THR I 383 17.58 -31.09 38.21
CA THR I 383 17.35 -31.78 36.96
C THR I 383 15.87 -31.78 36.61
N LEU I 384 15.55 -31.32 35.40
CA LEU I 384 14.18 -31.23 34.93
C LEU I 384 13.95 -32.24 33.81
N PRO I 385 13.08 -33.23 33.98
CA PRO I 385 12.80 -34.17 32.87
C PRO I 385 12.08 -33.48 31.73
N CYS I 386 12.37 -33.92 30.51
CA CYS I 386 11.78 -33.34 29.31
C CYS I 386 11.34 -34.44 28.37
N ARG I 387 10.38 -34.11 27.51
CA ARG I 387 9.85 -35.01 26.51
C ARG I 387 9.97 -34.37 25.13
N ILE I 388 10.07 -35.19 24.10
CA ILE I 388 10.33 -34.74 22.74
C ILE I 388 9.20 -35.23 21.84
N LYS I 389 8.67 -34.33 21.02
CA LYS I 389 7.61 -34.64 20.07
C LYS I 389 8.08 -34.30 18.66
N GLN I 390 7.40 -34.89 17.68
CA GLN I 390 7.70 -34.65 16.27
C GLN I 390 6.57 -33.96 15.53
N ILE I 391 5.32 -34.34 15.79
CA ILE I 391 4.16 -33.70 15.17
C ILE I 391 3.70 -32.59 16.11
N ILE I 392 3.94 -31.34 15.72
CA ILE I 392 3.64 -30.20 16.56
C ILE I 392 2.51 -29.39 15.93
N ASN I 393 1.89 -28.55 16.77
CA ASN I 393 0.78 -27.70 16.33
C ASN I 393 0.86 -26.42 17.15
N MET I 394 1.51 -25.39 16.60
CA MET I 394 1.76 -24.16 17.32
C MET I 394 0.84 -23.04 16.82
N TRP I 395 1.05 -21.85 17.38
CA TRP I 395 0.21 -20.67 17.18
C TRP I 395 -1.24 -20.89 17.59
N GLN I 396 -1.49 -21.90 18.43
CA GLN I 396 -2.82 -22.22 18.96
C GLN I 396 -3.85 -22.41 17.87
N ARG I 397 -3.45 -23.07 16.79
CA ARG I 397 -4.32 -23.33 15.64
C ARG I 397 -4.63 -24.81 15.55
N ILE I 398 -5.79 -25.12 14.96
CA ILE I 398 -6.25 -26.48 14.78
C ILE I 398 -6.41 -26.73 13.28
N GLY I 399 -5.75 -27.77 12.78
CA GLY I 399 -5.85 -28.16 11.40
C GLY I 399 -4.63 -27.88 10.56
N GLN I 400 -3.59 -27.27 11.13
CA GLN I 400 -2.33 -27.01 10.41
C GLN I 400 -1.18 -27.52 11.28
N CYS I 401 -0.75 -28.75 11.01
CA CYS I 401 0.36 -29.36 11.73
C CYS I 401 1.62 -29.33 10.88
N MET I 402 2.74 -29.70 11.50
CA MET I 402 4.02 -29.75 10.80
C MET I 402 4.85 -30.87 11.40
N TYR I 403 5.53 -31.62 10.54
CA TYR I 403 6.37 -32.74 10.95
C TYR I 403 7.83 -32.29 10.97
N ALA I 404 8.50 -32.50 12.10
CA ALA I 404 9.89 -32.09 12.26
C ALA I 404 10.80 -33.28 11.96
N PRO I 405 11.69 -33.18 10.98
CA PRO I 405 12.56 -34.31 10.65
C PRO I 405 13.58 -34.56 11.75
N PRO I 406 14.09 -35.78 11.87
CA PRO I 406 15.07 -36.09 12.91
C PRO I 406 16.39 -35.38 12.67
N ILE I 407 17.14 -35.18 13.76
CA ILE I 407 18.44 -34.54 13.73
C ILE I 407 19.48 -35.56 14.17
N GLN I 408 20.50 -35.76 13.34
CA GLN I 408 21.55 -36.72 13.65
C GLN I 408 22.46 -36.19 14.75
N GLY I 409 22.99 -37.12 15.54
CA GLY I 409 23.96 -36.79 16.57
C GLY I 409 23.34 -36.40 17.89
N VAL I 410 24.17 -35.78 18.72
CA VAL I 410 23.79 -35.36 20.07
C VAL I 410 23.71 -33.84 20.07
N ILE I 411 22.59 -33.31 20.58
CA ILE I 411 22.35 -31.88 20.59
C ILE I 411 22.69 -31.30 21.95
N ARG I 412 22.97 -30.00 21.98
CA ARG I 412 23.35 -29.29 23.19
C ARG I 412 22.90 -27.84 23.05
N CYS I 413 22.49 -27.25 24.17
CA CYS I 413 22.02 -25.87 24.18
C CYS I 413 22.43 -25.18 25.48
N VAL I 414 22.78 -23.90 25.36
CA VAL I 414 23.05 -23.04 26.50
C VAL I 414 22.23 -21.77 26.31
N SER I 415 21.39 -21.45 27.29
CA SER I 415 20.48 -20.32 27.16
C SER I 415 20.42 -19.55 28.48
N ASN I 416 20.02 -18.29 28.38
CA ASN I 416 19.83 -17.41 29.53
C ASN I 416 18.34 -17.33 29.85
N ILE I 417 18.00 -17.47 31.12
CA ILE I 417 16.62 -17.28 31.58
C ILE I 417 16.51 -15.83 32.07
N THR I 418 15.86 -14.98 31.28
CA THR I 418 15.78 -13.55 31.54
C THR I 418 14.34 -13.10 31.72
N GLY I 419 13.52 -13.89 32.39
CA GLY I 419 12.15 -13.48 32.64
C GLY I 419 11.30 -14.63 33.14
N LEU I 420 10.08 -14.27 33.53
CA LEU I 420 9.08 -15.21 34.02
C LEU I 420 7.71 -14.73 33.58
N ILE I 421 6.76 -15.67 33.53
CA ILE I 421 5.35 -15.37 33.28
C ILE I 421 4.56 -16.06 34.38
N LEU I 422 4.21 -15.32 35.43
CA LEU I 422 3.49 -15.85 36.57
C LEU I 422 2.00 -15.57 36.44
N THR I 423 1.22 -16.21 37.31
CA THR I 423 -0.23 -16.04 37.34
C THR I 423 -0.71 -16.25 38.76
N ARG I 424 -1.37 -15.24 39.33
CA ARG I 424 -1.86 -15.33 40.69
C ARG I 424 -3.08 -16.26 40.77
N ASP I 425 -3.29 -16.82 41.95
CA ASP I 425 -4.41 -17.71 42.21
C ASP I 425 -5.49 -16.98 43.00
N GLY I 426 -6.69 -17.55 42.97
CA GLY I 426 -7.81 -17.00 43.72
C GLY I 426 -7.58 -17.05 45.21
N GLY I 427 -7.39 -15.89 45.83
CA GLY I 427 -7.02 -15.84 47.22
C GLY I 427 -8.15 -16.22 48.15
N SER I 428 -7.76 -16.63 49.37
CA SER I 428 -8.70 -16.99 50.41
C SER I 428 -8.36 -16.22 51.68
N THR I 429 -9.39 -15.83 52.42
CA THR I 429 -9.34 -15.03 53.65
C THR I 429 -8.66 -13.68 53.45
N ASN I 430 -8.49 -13.23 52.19
CA ASN I 430 -8.02 -11.92 51.78
C ASN I 430 -6.57 -11.62 52.17
N SER I 431 -5.89 -12.53 52.84
CA SER I 431 -4.51 -12.30 53.30
C SER I 431 -3.91 -13.63 53.71
N THR I 432 -2.73 -13.57 54.33
CA THR I 432 -2.03 -14.64 55.06
C THR I 432 -1.43 -15.67 54.09
N THR I 433 -1.80 -15.62 52.81
CA THR I 433 -1.23 -16.53 51.83
C THR I 433 -1.43 -15.98 50.43
N GLU I 434 -0.41 -16.15 49.59
CA GLU I 434 -0.48 -15.83 48.17
C GLU I 434 0.32 -16.88 47.42
N THR I 435 -0.32 -17.58 46.48
CA THR I 435 0.32 -18.63 45.72
C THR I 435 0.44 -18.22 44.26
N PHE I 436 1.67 -18.27 43.74
CA PHE I 436 1.96 -17.92 42.35
C PHE I 436 2.41 -19.16 41.61
N ARG I 437 1.79 -19.43 40.46
CA ARG I 437 2.17 -20.56 39.62
C ARG I 437 2.36 -20.09 38.19
N PRO I 438 3.28 -20.70 37.46
CA PRO I 438 3.58 -20.23 36.10
C PRO I 438 2.43 -20.43 35.13
N GLY I 439 2.36 -19.56 34.15
CA GLY I 439 1.35 -19.65 33.10
C GLY I 439 1.96 -19.47 31.73
N GLY I 440 1.12 -19.15 30.74
CA GLY I 440 1.59 -18.92 29.39
C GLY I 440 0.59 -19.45 28.40
N GLY I 441 1.07 -19.70 27.19
CA GLY I 441 0.22 -20.21 26.12
C GLY I 441 -0.01 -19.20 25.03
N ASP I 442 -0.27 -17.95 25.42
CA ASP I 442 -0.45 -16.86 24.47
C ASP I 442 0.92 -16.26 24.14
N MET I 443 1.25 -16.22 22.85
CA MET I 443 2.58 -15.80 22.45
C MET I 443 2.72 -14.29 22.35
N ARG I 444 1.62 -13.54 22.44
CA ARG I 444 1.73 -12.07 22.41
C ARG I 444 2.39 -11.53 23.67
N ASP I 445 2.28 -12.24 24.79
CA ASP I 445 2.93 -11.80 26.02
C ASP I 445 4.44 -12.00 25.96
N ASN I 446 4.94 -12.79 25.01
CA ASN I 446 6.37 -12.97 24.88
C ASN I 446 7.05 -11.72 24.34
N TRP I 447 6.44 -11.06 23.35
CA TRP I 447 7.05 -9.87 22.78
C TRP I 447 6.47 -8.57 23.34
N ARG I 448 5.60 -8.64 24.35
CA ARG I 448 5.27 -7.44 25.09
C ARG I 448 6.38 -7.04 26.06
N SER I 449 7.29 -7.96 26.36
CA SER I 449 8.44 -7.65 27.21
C SER I 449 9.56 -6.97 26.44
N GLU I 450 9.46 -6.87 25.11
CA GLU I 450 10.46 -6.21 24.28
C GLU I 450 9.95 -4.90 23.71
N LEU I 451 8.74 -4.87 23.18
CA LEU I 451 8.13 -3.65 22.65
C LEU I 451 7.28 -2.95 23.69
N TYR I 452 7.85 -2.68 24.86
CA TYR I 452 7.14 -1.97 25.92
C TYR I 452 7.60 -0.53 26.07
N LYS I 453 8.72 -0.14 25.46
CA LYS I 453 9.26 1.21 25.56
C LYS I 453 9.09 2.01 24.27
N TYR I 454 8.34 1.50 23.30
CA TYR I 454 8.20 2.13 22.00
C TYR I 454 6.76 2.53 21.75
N LYS I 455 6.60 3.62 20.99
CA LYS I 455 5.28 4.13 20.63
C LYS I 455 5.37 4.74 19.24
N VAL I 456 4.24 4.76 18.54
CA VAL I 456 4.15 5.28 17.18
C VAL I 456 3.24 6.50 17.19
N VAL I 457 3.70 7.60 16.59
CA VAL I 457 2.96 8.85 16.56
C VAL I 457 2.89 9.35 15.12
N LYS I 458 1.94 10.26 14.89
CA LYS I 458 1.70 10.85 13.58
C LYS I 458 1.93 12.35 13.68
N ILE I 459 2.71 12.89 12.75
CA ILE I 459 3.13 14.30 12.79
C ILE I 459 2.08 15.16 12.10
N GLU I 460 1.64 16.22 12.79
CA GLU I 460 0.75 17.22 12.22
C GLU I 460 1.50 18.53 12.07
N PRO I 461 1.88 18.94 10.86
CA PRO I 461 2.80 20.08 10.69
C PRO I 461 2.16 21.44 10.45
N LEU I 462 0.85 21.59 10.62
CA LEU I 462 0.17 22.85 10.31
C LEU I 462 -0.50 23.38 11.57
N GLY I 463 -0.28 24.67 11.86
CA GLY I 463 -0.87 25.29 13.03
C GLY I 463 -1.09 26.77 12.81
N VAL I 464 -1.91 27.35 13.69
CA VAL I 464 -2.28 28.77 13.62
C VAL I 464 -2.06 29.41 14.99
N ALA I 465 -1.72 30.70 14.98
CA ALA I 465 -1.40 31.41 16.21
C ALA I 465 -1.61 32.91 16.00
N PRO I 466 -1.92 33.66 17.06
CA PRO I 466 -2.08 35.12 16.91
C PRO I 466 -0.75 35.83 16.71
N THR I 467 -0.73 36.75 15.74
CA THR I 467 0.44 37.56 15.46
C THR I 467 -0.02 38.85 14.81
N ARG I 468 0.69 39.93 15.09
CA ARG I 468 0.37 41.26 14.56
C ARG I 468 0.73 41.43 13.09
N CYS I 469 0.01 40.77 12.18
CA CYS I 469 0.15 41.04 10.75
C CYS I 469 -1.17 41.53 10.17
N LYS I 470 -1.11 42.58 9.38
CA LYS I 470 -2.15 42.85 8.41
C LYS I 470 -1.57 42.67 7.02
N ARG I 471 -2.14 41.74 6.26
CA ARG I 471 -1.64 41.45 4.91
C ARG I 471 -1.82 42.65 4.01
N ARG I 472 -0.79 42.94 3.21
CA ARG I 472 -0.81 44.09 2.32
C ARG I 472 -1.85 43.87 1.23
N VAL I 473 -2.95 44.59 1.32
CA VAL I 473 -4.04 44.47 0.37
C VAL I 473 -3.70 45.24 -0.92
N ALA J 1 35.99 30.98 16.33
CA ALA J 1 35.25 30.36 15.23
C ALA J 1 34.40 29.19 15.74
N VAL J 2 33.76 28.49 14.82
CA VAL J 2 32.90 27.36 15.15
C VAL J 2 33.41 26.14 14.38
N GLY J 3 33.48 25.00 15.08
CA GLY J 3 33.93 23.76 14.46
C GLY J 3 33.20 22.54 15.02
N ILE J 4 32.05 22.77 15.64
CA ILE J 4 31.31 21.71 16.31
C ILE J 4 30.03 21.43 15.53
N GLY J 5 29.44 20.26 15.80
CA GLY J 5 28.21 19.87 15.14
C GLY J 5 27.16 19.33 16.10
N ALA J 6 27.45 19.37 17.40
CA ALA J 6 26.50 18.88 18.38
C ALA J 6 25.38 19.88 18.65
N VAL J 7 25.54 21.12 18.17
CA VAL J 7 24.53 22.14 18.41
C VAL J 7 23.30 21.93 17.52
N PHE J 8 23.41 21.07 16.51
CA PHE J 8 22.29 20.78 15.63
C PHE J 8 21.19 20.04 16.40
N LEU J 9 19.99 20.61 16.40
CA LEU J 9 18.90 20.02 17.18
C LEU J 9 18.36 18.76 16.52
N GLY J 10 18.27 18.75 15.19
CA GLY J 10 17.77 17.59 14.49
C GLY J 10 16.28 17.59 14.32
N PHE J 11 15.77 16.45 13.84
CA PHE J 11 14.34 16.30 13.60
C PHE J 11 13.59 16.21 14.92
N LEU J 12 12.57 17.06 15.07
CA LEU J 12 11.74 17.17 16.28
C LEU J 12 12.55 17.53 17.52
N GLY J 13 13.73 18.13 17.33
CA GLY J 13 14.55 18.48 18.48
C GLY J 13 13.95 19.60 19.32
N ALA J 14 13.35 20.59 18.68
CA ALA J 14 12.75 21.72 19.38
C ALA J 14 11.26 21.46 19.65
N ALA J 15 10.96 20.32 20.25
CA ALA J 15 9.58 19.98 20.58
C ALA J 15 9.20 20.39 22.00
N GLY J 16 10.18 20.67 22.85
CA GLY J 16 9.90 21.12 24.20
C GLY J 16 10.22 22.58 24.43
N SER J 17 10.86 23.20 23.44
CA SER J 17 11.19 24.61 23.53
C SER J 17 9.95 25.46 23.24
N THR J 18 10.07 26.75 23.52
CA THR J 18 8.92 27.66 23.43
C THR J 18 8.57 27.94 21.97
N MET J 19 7.53 28.75 21.77
CA MET J 19 7.06 29.08 20.44
C MET J 19 8.10 29.89 19.66
N GLY J 20 8.76 30.84 20.34
CA GLY J 20 9.75 31.67 19.68
C GLY J 20 10.96 30.92 19.20
N ALA J 21 11.28 29.79 19.83
CA ALA J 21 12.37 28.94 19.38
C ALA J 21 11.94 27.89 18.35
N ALA J 22 10.78 27.29 18.52
CA ALA J 22 10.32 26.25 17.59
C ALA J 22 9.93 26.79 16.22
N SER J 23 9.83 28.11 16.07
CA SER J 23 9.45 28.71 14.79
C SER J 23 10.63 28.93 13.85
N MET J 24 11.87 28.72 14.32
CA MET J 24 13.05 28.85 13.48
C MET J 24 13.53 27.51 12.93
N THR J 25 12.84 26.41 13.23
CA THR J 25 13.24 25.08 12.77
C THR J 25 12.14 24.42 11.95
N LEU J 26 11.39 25.21 11.19
CA LEU J 26 10.29 24.65 10.41
C LEU J 26 10.78 23.78 9.26
N THR J 27 11.93 24.13 8.68
CA THR J 27 12.45 23.40 7.52
C THR J 27 12.84 21.97 7.89
N VAL J 28 13.28 21.74 9.12
CA VAL J 28 13.70 20.41 9.54
C VAL J 28 12.52 19.45 9.53
N GLN J 29 11.37 19.86 10.07
CA GLN J 29 10.19 19.02 10.04
C GLN J 29 9.44 19.09 8.71
N ALA J 30 9.74 20.08 7.87
CA ALA J 30 9.15 20.10 6.53
C ALA J 30 9.77 19.07 5.59
N ARG J 31 11.02 18.67 5.84
CA ARG J 31 11.67 17.65 5.02
C ARG J 31 11.10 16.26 5.20
N ASN J 32 10.75 15.87 6.42
CA ASN J 32 10.49 14.47 6.74
C ASN J 32 9.08 14.03 6.40
N LEU J 33 8.24 14.94 5.91
CA LEU J 33 6.94 14.54 5.38
C LEU J 33 7.06 13.86 4.03
N LEU J 34 8.19 14.03 3.34
CA LEU J 34 8.44 13.45 2.03
C LEU J 34 9.85 12.86 2.06
N SER J 35 9.97 11.60 2.47
CA SER J 35 11.25 10.93 2.61
C SER J 35 11.37 9.76 1.64
N GLY J 36 12.61 9.39 1.34
CA GLY J 36 12.89 8.30 0.43
C GLY J 36 14.37 8.10 0.20
N THR J 58 0.98 -8.89 -5.00
CA THR J 58 1.86 -9.73 -4.14
C THR J 58 1.87 -9.16 -2.71
N VAL J 59 1.80 -10.03 -1.70
CA VAL J 59 1.77 -9.58 -0.28
C VAL J 59 3.07 -8.85 0.05
N TRP J 60 3.06 -7.92 1.02
CA TRP J 60 4.25 -7.11 1.40
C TRP J 60 4.52 -6.03 0.35
N GLY J 61 4.65 -6.41 -0.92
CA GLY J 61 4.85 -5.42 -1.99
C GLY J 61 3.68 -4.45 -2.07
N ILE J 62 2.45 -4.96 -2.04
CA ILE J 62 1.23 -4.11 -2.09
C ILE J 62 1.14 -3.28 -0.79
N LYS J 63 1.50 -3.88 0.35
CA LYS J 63 1.39 -3.19 1.66
C LYS J 63 2.29 -1.94 1.67
N GLN J 64 3.55 -2.10 1.27
CA GLN J 64 4.52 -0.95 1.26
C GLN J 64 4.10 0.05 0.17
N LEU J 65 3.68 -0.44 -1.00
CA LEU J 65 3.29 0.45 -2.12
C LEU J 65 2.10 1.32 -1.69
N GLN J 66 1.11 0.72 -1.02
CA GLN J 66 -0.09 1.47 -0.57
C GLN J 66 0.33 2.57 0.41
N ALA J 67 1.26 2.27 1.31
CA ALA J 67 1.74 3.26 2.30
C ALA J 67 2.36 4.47 1.58
N ARG J 68 3.14 4.21 0.53
CA ARG J 68 3.78 5.32 -0.25
C ARG J 68 2.68 6.20 -0.89
N VAL J 69 1.65 5.57 -1.47
CA VAL J 69 0.55 6.33 -2.12
C VAL J 69 -0.15 7.20 -1.06
N LEU J 70 -0.45 6.63 0.11
CA LEU J 70 -1.16 7.38 1.18
C LEU J 70 -0.33 8.59 1.62
N ALA J 71 0.97 8.41 1.84
CA ALA J 71 1.85 9.52 2.26
C ALA J 71 1.79 10.65 1.23
N VAL J 72 1.85 10.30 -0.06
CA VAL J 72 1.79 11.30 -1.12
C VAL J 72 0.45 12.03 -1.12
N GLU J 73 -0.65 11.29 -0.93
CA GLU J 73 -1.97 11.91 -0.89
C GLU J 73 -2.12 12.88 0.28
N ARG J 74 -1.61 12.51 1.46
CA ARG J 74 -1.68 13.41 2.61
C ARG J 74 -0.91 14.70 2.36
N TYR J 75 0.30 14.59 1.81
CA TYR J 75 1.11 15.77 1.49
C TYR J 75 0.42 16.64 0.44
N LEU J 76 -0.17 16.02 -0.58
CA LEU J 76 -0.85 16.79 -1.62
C LEU J 76 -2.07 17.52 -1.07
N ARG J 77 -2.83 16.86 -0.19
CA ARG J 77 -3.98 17.52 0.43
C ARG J 77 -3.55 18.69 1.30
N ASP J 78 -2.47 18.51 2.07
CA ASP J 78 -1.97 19.61 2.90
C ASP J 78 -1.51 20.78 2.04
N GLN J 79 -0.79 20.51 0.95
CA GLN J 79 -0.34 21.58 0.07
C GLN J 79 -1.48 22.21 -0.71
N GLN J 80 -2.58 21.49 -0.93
CA GLN J 80 -3.74 22.12 -1.56
C GLN J 80 -4.47 23.04 -0.59
N LEU J 81 -4.62 22.61 0.67
CA LEU J 81 -5.20 23.49 1.69
C LEU J 81 -4.35 24.74 1.88
N LEU J 82 -3.03 24.56 1.97
CA LEU J 82 -2.10 25.69 2.03
C LEU J 82 -1.92 26.21 0.61
N GLY J 83 -2.85 27.05 0.18
CA GLY J 83 -2.89 27.49 -1.20
C GLY J 83 -4.28 27.71 -1.74
N ILE J 84 -5.29 27.05 -1.16
CA ILE J 84 -6.66 27.55 -1.32
C ILE J 84 -6.79 28.91 -0.65
N TRP J 85 -6.10 29.10 0.47
CA TRP J 85 -5.92 30.42 1.06
C TRP J 85 -4.87 31.19 0.25
N GLY J 86 -4.45 32.33 0.77
CA GLY J 86 -3.45 33.10 0.04
C GLY J 86 -2.02 32.67 0.23
N CYS J 87 -1.79 31.58 0.97
CA CYS J 87 -0.45 31.16 1.36
C CYS J 87 -0.07 29.96 0.49
N SER J 88 0.65 30.23 -0.61
CA SER J 88 0.91 29.21 -1.59
C SER J 88 2.21 28.45 -1.31
N GLY J 89 3.34 29.15 -1.26
CA GLY J 89 4.62 28.51 -1.07
C GLY J 89 5.46 29.11 0.04
N LYS J 90 4.82 29.50 1.13
CA LYS J 90 5.49 30.11 2.27
C LYS J 90 5.32 29.25 3.51
N LEU J 91 6.38 29.15 4.31
CA LEU J 91 6.34 28.42 5.56
C LEU J 91 5.78 29.26 6.71
N ILE J 92 6.07 30.55 6.73
CA ILE J 92 5.48 31.48 7.68
C ILE J 92 4.65 32.45 6.86
N CYS J 93 3.33 32.33 6.95
CA CYS J 93 2.43 33.16 6.17
C CYS J 93 1.32 33.71 7.05
N CYS J 94 1.31 35.03 7.20
CA CYS J 94 0.38 35.72 8.08
C CYS J 94 -0.63 36.53 7.27
N THR J 95 -1.90 36.40 7.65
CA THR J 95 -3.06 36.73 6.83
C THR J 95 -3.82 37.92 7.39
N ASN J 96 -5.05 38.08 6.88
CA ASN J 96 -5.91 39.24 7.08
C ASN J 96 -7.25 38.80 7.68
N VAL J 97 -7.20 38.04 8.77
CA VAL J 97 -8.38 37.63 9.53
C VAL J 97 -8.18 38.03 10.99
N PRO J 98 -9.12 38.77 11.58
CA PRO J 98 -8.97 39.15 13.00
C PRO J 98 -9.09 37.95 13.93
N TRP J 99 -8.59 38.09 15.15
CA TRP J 99 -8.54 36.98 16.11
C TRP J 99 -9.75 37.07 17.05
N ASN J 100 -10.85 36.47 16.62
CA ASN J 100 -12.00 36.24 17.48
C ASN J 100 -12.57 34.84 17.31
N SER J 101 -12.00 34.03 16.40
CA SER J 101 -12.57 32.72 16.09
C SER J 101 -12.49 31.78 17.29
N SER J 102 -11.34 31.75 17.95
CA SER J 102 -11.18 30.99 19.20
C SER J 102 -10.85 31.99 20.30
N TRP J 103 -11.81 32.25 21.17
CA TRP J 103 -11.66 33.30 22.18
C TRP J 103 -10.82 32.77 23.34
N SER J 104 -9.52 32.67 23.08
CA SER J 104 -8.53 32.40 24.12
C SER J 104 -8.03 33.75 24.64
N ASN J 105 -8.27 34.02 25.93
CA ASN J 105 -7.97 35.32 26.50
C ASN J 105 -6.48 35.53 26.76
N ARG J 106 -5.62 34.56 26.47
CA ARG J 106 -4.20 34.74 26.64
C ARG J 106 -3.66 35.75 25.64
N ASN J 107 -2.86 36.69 26.11
CA ASN J 107 -2.32 37.76 25.28
C ASN J 107 -1.04 37.29 24.59
N LEU J 108 -0.35 38.22 23.92
CA LEU J 108 0.78 37.85 23.07
C LEU J 108 2.01 37.47 23.88
N SER J 109 2.14 37.98 25.10
CA SER J 109 3.35 37.77 25.90
C SER J 109 3.43 36.40 26.53
N GLU J 110 2.31 35.81 26.94
CA GLU J 110 2.30 34.53 27.62
C GLU J 110 2.00 33.36 26.70
N ILE J 111 1.98 33.59 25.38
CA ILE J 111 1.80 32.53 24.40
C ILE J 111 3.11 32.20 23.70
N TRP J 112 3.81 33.22 23.20
CA TRP J 112 5.02 33.02 22.41
C TRP J 112 6.27 32.84 23.25
N ASP J 113 6.17 32.92 24.58
CA ASP J 113 7.33 32.76 25.46
C ASP J 113 7.12 31.78 26.60
N ASN J 114 5.87 31.48 26.98
CA ASN J 114 5.60 30.61 28.12
C ASN J 114 4.84 29.34 27.71
N MET J 115 4.81 29.02 26.42
CA MET J 115 4.04 27.86 25.97
C MET J 115 4.75 27.22 24.79
N THR J 116 4.40 25.96 24.56
CA THR J 116 4.91 25.17 23.44
C THR J 116 3.79 24.89 22.44
N TRP J 117 4.17 24.32 21.30
CA TRP J 117 3.18 23.98 20.28
C TRP J 117 2.29 22.81 20.70
N LEU J 118 2.82 21.86 21.47
CA LEU J 118 2.04 20.71 21.91
C LEU J 118 0.94 21.09 22.89
N GLN J 119 1.11 22.18 23.63
CA GLN J 119 0.05 22.69 24.50
C GLN J 119 -0.93 23.61 23.76
N TRP J 120 -0.45 24.34 22.76
CA TRP J 120 -1.35 25.13 21.92
C TRP J 120 -2.29 24.24 21.13
N ASP J 121 -1.77 23.12 20.59
CA ASP J 121 -2.61 22.18 19.87
C ASP J 121 -3.68 21.56 20.77
N LYS J 122 -3.37 21.36 22.04
CA LYS J 122 -4.37 20.90 23.00
C LYS J 122 -5.34 22.02 23.38
N GLU J 123 -4.89 23.27 23.34
CA GLU J 123 -5.76 24.39 23.70
C GLU J 123 -6.80 24.64 22.62
N ILE J 124 -6.36 24.94 21.40
CA ILE J 124 -7.27 25.11 20.27
C ILE J 124 -7.29 23.78 19.53
N SER J 125 -8.15 22.88 19.99
CA SER J 125 -8.30 21.57 19.37
C SER J 125 -9.62 21.40 18.64
N ASN J 126 -10.70 22.01 19.13
CA ASN J 126 -11.99 21.92 18.49
C ASN J 126 -12.50 23.27 17.99
N TYR J 127 -11.80 24.36 18.30
CA TYR J 127 -11.99 25.64 17.61
C TYR J 127 -11.03 25.75 16.43
N THR J 128 -10.99 24.73 15.57
CA THR J 128 -10.04 24.71 14.47
C THR J 128 -10.72 24.48 13.12
N GLN J 129 -11.98 24.08 13.11
CA GLN J 129 -12.74 23.97 11.88
C GLN J 129 -13.44 25.27 11.51
N ILE J 130 -13.66 26.16 12.48
CA ILE J 130 -14.26 27.46 12.21
C ILE J 130 -13.21 28.52 11.92
N ILE J 131 -11.93 28.23 12.14
CA ILE J 131 -10.85 29.05 11.63
C ILE J 131 -10.51 28.71 10.19
N TYR J 132 -10.59 27.44 9.80
CA TYR J 132 -10.29 26.99 8.44
C TYR J 132 -11.36 27.41 7.44
N GLY J 133 -12.48 27.95 7.92
CA GLY J 133 -13.54 28.37 7.03
C GLY J 133 -13.57 29.86 6.80
N LEU J 134 -12.92 30.62 7.69
CA LEU J 134 -12.77 32.06 7.50
C LEU J 134 -11.47 32.43 6.79
N LEU J 135 -10.68 31.42 6.41
CA LEU J 135 -9.47 31.65 5.64
C LEU J 135 -9.64 31.37 4.16
N GLU J 136 -10.67 30.63 3.76
CA GLU J 136 -10.94 30.34 2.35
C GLU J 136 -12.19 31.05 1.85
N GLU J 137 -12.87 31.81 2.70
CA GLU J 137 -14.10 32.49 2.31
C GLU J 137 -13.92 34.00 2.38
N SER J 138 -13.42 34.50 3.51
CA SER J 138 -13.28 35.93 3.72
C SER J 138 -11.85 36.42 3.52
N GLN J 139 -10.87 35.53 3.44
CA GLN J 139 -9.48 35.96 3.33
C GLN J 139 -9.03 36.03 1.87
N ASN J 140 -9.08 34.90 1.17
CA ASN J 140 -8.51 34.84 -0.17
C ASN J 140 -9.58 35.01 -1.24
N GLN J 141 -10.75 34.40 -1.03
CA GLN J 141 -11.81 34.44 -2.04
C GLN J 141 -12.32 35.86 -2.26
N GLN J 142 -12.48 36.62 -1.17
CA GLN J 142 -12.88 38.01 -1.31
C GLN J 142 -11.76 38.87 -1.89
N GLU J 143 -10.52 38.53 -1.56
CA GLU J 143 -9.38 39.34 -1.99
C GLU J 143 -9.13 39.21 -3.49
N LYS J 144 -9.17 37.98 -4.00
CA LYS J 144 -8.85 37.77 -5.42
C LYS J 144 -10.01 38.21 -6.31
N ASN J 145 -11.22 38.28 -5.76
CA ASN J 145 -12.35 38.81 -6.51
C ASN J 145 -12.22 40.32 -6.69
N GLU J 146 -11.78 41.02 -5.64
CA GLU J 146 -11.59 42.47 -5.74
C GLU J 146 -10.38 42.82 -6.60
N GLN J 147 -9.32 42.02 -6.51
CA GLN J 147 -8.13 42.25 -7.33
C GLN J 147 -8.45 42.04 -8.80
N ASP J 148 -9.25 41.01 -9.10
CA ASP J 148 -9.69 40.79 -10.47
C ASP J 148 -10.58 41.94 -10.97
N LEU J 149 -11.44 42.46 -10.08
CA LEU J 149 -12.30 43.57 -10.45
C LEU J 149 -11.55 44.89 -10.52
N LEU J 150 -10.44 45.03 -9.78
CA LEU J 150 -9.67 46.27 -9.81
C LEU J 150 -8.96 46.43 -11.15
N ALA J 151 -8.33 45.37 -11.64
CA ALA J 151 -7.69 45.44 -12.95
C ALA J 151 -8.72 45.53 -14.07
N LEU J 152 -9.91 44.96 -13.85
CA LEU J 152 -10.99 45.08 -14.82
C LEU J 152 -11.45 46.53 -14.95
N ASP J 153 -11.52 47.24 -13.81
CA ASP J 153 -11.93 48.64 -13.74
C ASP J 153 -13.31 48.88 -14.35
C1 NAG K . 13.44 -18.62 -37.59
C2 NAG K . 12.56 -19.61 -36.84
C3 NAG K . 11.65 -20.37 -37.82
C4 NAG K . 10.86 -19.38 -38.67
C5 NAG K . 11.80 -18.38 -39.33
C6 NAG K . 11.08 -17.28 -40.09
C7 NAG K . 13.89 -20.26 -34.88
C8 NAG K . 14.72 -21.34 -34.25
N2 NAG K . 13.38 -20.55 -36.09
O3 NAG K . 10.77 -21.20 -37.09
O4 NAG K . 10.14 -20.09 -39.67
O5 NAG K . 12.61 -17.73 -38.34
O6 NAG K . 10.53 -16.32 -39.19
O7 NAG K . 13.69 -19.19 -34.33
C1 NAG K . 8.73 -19.96 -39.41
C2 NAG K . 7.96 -20.21 -40.70
C3 NAG K . 6.46 -20.11 -40.44
C4 NAG K . 6.04 -21.02 -39.28
C5 NAG K . 6.91 -20.77 -38.05
C6 NAG K . 6.66 -21.75 -36.94
C7 NAG K . 8.80 -19.68 -42.94
C8 NAG K . 9.18 -18.59 -43.89
N2 NAG K . 8.36 -19.28 -41.74
O3 NAG K . 5.75 -20.46 -41.61
O4 NAG K . 4.69 -20.75 -38.93
O5 NAG K . 8.31 -20.89 -38.40
O6 NAG K . 7.81 -21.93 -36.13
O7 NAG K . 8.89 -20.86 -43.23
C1 BMA K . 3.84 -21.86 -39.30
C2 BMA K . 2.57 -21.74 -38.44
C3 BMA K . 1.53 -22.78 -38.88
C4 BMA K . 1.34 -22.80 -40.41
C5 BMA K . 2.70 -22.92 -41.12
C6 BMA K . 2.58 -22.83 -42.63
O2 BMA K . 1.96 -20.47 -38.61
O3 BMA K . 0.27 -22.55 -38.24
O4 BMA K . 0.51 -23.87 -40.78
O5 BMA K . 3.54 -21.84 -40.68
O6 BMA K . 2.60 -21.45 -42.98
C1 MAN K . 0.15 -23.37 -37.07
C2 MAN K . -1.35 -23.67 -36.85
C3 MAN K . -2.07 -22.38 -36.46
C4 MAN K . -1.40 -21.72 -35.25
C5 MAN K . 0.09 -21.48 -35.56
C6 MAN K . 0.86 -20.93 -34.38
O2 MAN K . -1.54 -24.57 -35.76
O3 MAN K . -3.45 -22.60 -36.20
O4 MAN K . -2.02 -20.48 -34.96
O5 MAN K . 0.71 -22.74 -35.93
O6 MAN K . 1.01 -21.97 -33.43
C1 MAN K . -2.29 -25.74 -36.17
C2 MAN K . -1.64 -26.96 -35.47
C3 MAN K . -1.62 -28.17 -36.41
C4 MAN K . -2.93 -28.26 -37.22
C5 MAN K . -3.06 -27.01 -38.12
C6 MAN K . -4.51 -26.55 -38.30
O2 MAN K . -2.41 -27.38 -34.33
O3 MAN K . -1.38 -29.39 -35.72
O4 MAN K . -2.92 -29.43 -38.03
O5 MAN K . -2.30 -25.89 -37.59
O6 MAN K . -4.51 -25.49 -39.25
C1 MAN K . 2.26 -21.32 -44.38
C2 MAN K . 3.53 -20.87 -45.15
C3 MAN K . 3.86 -19.40 -44.83
C4 MAN K . 2.63 -18.51 -45.01
C5 MAN K . 1.48 -19.03 -44.15
C6 MAN K . 0.21 -18.23 -44.30
O2 MAN K . 3.34 -20.92 -46.56
O3 MAN K . 4.94 -18.93 -45.62
O4 MAN K . 2.94 -17.18 -44.64
O5 MAN K . 1.19 -20.39 -44.54
O6 MAN K . -0.73 -18.69 -43.32
C1 NAG L . 18.64 -40.01 -12.91
C2 NAG L . 19.32 -40.97 -11.94
C3 NAG L . 19.80 -42.24 -12.66
C4 NAG L . 20.56 -41.91 -13.94
C5 NAG L . 19.85 -40.84 -14.75
C6 NAG L . 19.62 -41.24 -16.19
C7 NAG L . 20.43 -40.05 -9.93
C8 NAG L . 19.20 -40.45 -9.18
N2 NAG L . 20.43 -40.34 -11.25
O3 NAG L . 18.68 -43.06 -12.97
O4 NAG L . 21.88 -41.46 -13.62
O5 NAG L . 18.56 -40.59 -14.18
O6 NAG L . 19.28 -42.62 -16.30
O7 NAG L . 21.39 -39.51 -9.39
C1 NAG L . 22.81 -42.48 -14.06
C2 NAG L . 23.82 -41.84 -15.00
C3 NAG L . 24.85 -42.87 -15.46
C4 NAG L . 25.49 -43.55 -14.25
C5 NAG L . 24.41 -44.12 -13.32
C6 NAG L . 24.97 -44.69 -12.05
C7 NAG L . 23.37 -39.98 -16.54
C8 NAG L . 22.59 -39.52 -17.75
N2 NAG L . 23.16 -41.24 -16.16
O3 NAG L . 25.85 -42.24 -16.25
O4 NAG L . 26.34 -44.61 -14.68
O5 NAG L . 23.49 -43.07 -12.95
O6 NAG L . 26.30 -44.24 -11.81
O7 NAG L . 24.13 -39.22 -15.94
C1 NAG M . 19.45 -31.93 -47.81
C2 NAG M . 18.06 -32.17 -48.38
C3 NAG M . 17.88 -33.65 -48.71
C4 NAG M . 19.01 -34.15 -49.59
C5 NAG M . 20.37 -33.79 -48.98
C6 NAG M . 21.53 -34.12 -49.89
C7 NAG M . 16.61 -30.45 -47.40
C8 NAG M . 15.54 -30.16 -46.39
N2 NAG M . 17.02 -31.72 -47.47
O3 NAG M . 16.63 -33.84 -49.37
O4 NAG M . 18.93 -35.56 -49.72
O5 NAG M . 20.43 -32.38 -48.72
O6 NAG M . 22.77 -34.02 -49.20
O7 NAG M . 17.08 -29.57 -48.11
C1 NAG M . 18.57 -35.92 -51.08
C2 NAG M . 18.73 -37.45 -51.22
C3 NAG M . 18.30 -37.89 -52.62
C4 NAG M . 16.91 -37.37 -52.94
C5 NAG M . 16.83 -35.87 -52.73
C6 NAG M . 15.45 -35.31 -52.92
C7 NAG M . 21.20 -37.54 -51.57
C8 NAG M . 22.47 -38.14 -51.05
N2 NAG M . 20.08 -37.89 -50.91
O3 NAG M . 18.33 -39.31 -52.69
O4 NAG M . 16.58 -37.67 -54.29
O5 NAG M . 17.23 -35.54 -51.38
O6 NAG M . 14.69 -35.36 -51.71
O7 NAG M . 21.19 -36.76 -52.51
C1 NAG N . -37.19 -13.31 -0.99
C2 NAG N . -36.28 -14.52 -0.87
C3 NAG N . -36.66 -15.36 0.34
C4 NAG N . -36.70 -14.51 1.59
C5 NAG N . -37.58 -13.27 1.37
C6 NAG N . -37.54 -12.31 2.53
C7 NAG N . -35.56 -15.05 -3.17
C8 NAG N . -35.74 -15.99 -4.33
N2 NAG N . -36.32 -15.33 -2.09
O3 NAG N . -35.72 -16.42 0.49
O4 NAG N . -37.20 -15.26 2.68
O5 NAG N . -37.14 -12.56 0.22
O6 NAG N . -36.57 -11.28 2.31
O7 NAG N . -34.79 -14.11 -3.20
C1 NAG N . -36.13 -15.51 3.63
C2 NAG N . -36.73 -15.69 5.02
C3 NAG N . -35.63 -15.99 6.03
C4 NAG N . -34.76 -17.16 5.57
C5 NAG N . -34.28 -16.93 4.13
C6 NAG N . -33.54 -18.12 3.55
C7 NAG N . -38.80 -14.38 5.17
C8 NAG N . -39.43 -13.11 5.66
N2 NAG N . -37.50 -14.53 5.42
O3 NAG N . -36.21 -16.29 7.29
O4 NAG N . -33.62 -17.29 6.41
O5 NAG N . -35.39 -16.67 3.27
O6 NAG N . -34.41 -18.93 2.79
O7 NAG N . -39.44 -15.23 4.56
C1 BMA N . -33.74 -18.46 7.26
C2 BMA N . -32.32 -18.81 7.74
C3 BMA N . -32.35 -19.91 8.82
C4 BMA N . -33.42 -19.63 9.89
C5 BMA N . -34.78 -19.30 9.25
C6 BMA N . -35.81 -18.88 10.27
O2 BMA N . -31.70 -17.68 8.33
O3 BMA N . -31.07 -20.04 9.46
O4 BMA N . -33.56 -20.77 10.73
O5 BMA N . -34.61 -18.20 8.35
O6 BMA N . -35.52 -17.53 10.65
C1 MAN N . -30.22 -20.96 8.75
C2 MAN N . -29.30 -21.62 9.79
C3 MAN N . -28.53 -20.50 10.48
C4 MAN N . -27.71 -19.69 9.45
C5 MAN N . -28.63 -19.19 8.31
C6 MAN N . -27.85 -18.64 7.14
O2 MAN N . -28.31 -22.41 9.13
O3 MAN N . -27.67 -20.98 11.52
O4 MAN N . -27.10 -18.58 10.08
O5 MAN N . -29.44 -20.29 7.80
O6 MAN N . -27.07 -19.71 6.60
C1 MAN N . -28.08 -23.68 9.78
C2 MAN N . -28.00 -24.77 8.67
C3 MAN N . -28.66 -26.07 9.13
C4 MAN N . -28.34 -26.35 10.61
C5 MAN N . -28.93 -25.22 11.49
C6 MAN N . -28.07 -24.91 12.71
O2 MAN N . -26.65 -25.11 8.38
O3 MAN N . -28.29 -27.17 8.32
O4 MAN N . -28.89 -27.60 11.00
O5 MAN N . -29.10 -23.99 10.73
O6 MAN N . -28.83 -24.10 13.59
C1 MAN N . -36.25 -17.19 11.85
C2 MAN N . -37.39 -16.22 11.44
C3 MAN N . -36.84 -14.85 11.09
C4 MAN N . -35.91 -14.33 12.21
C5 MAN N . -34.79 -15.35 12.44
C6 MAN N . -33.85 -14.95 13.57
O2 MAN N . -38.31 -16.01 12.52
O3 MAN N . -37.87 -13.90 10.84
O4 MAN N . -35.34 -13.08 11.84
O5 MAN N . -35.38 -16.62 12.82
O6 MAN N . -32.68 -15.76 13.48
C1 NAG O . -22.15 -36.82 -21.52
C2 NAG O . -22.00 -36.29 -22.94
C3 NAG O . -23.28 -35.62 -23.41
C4 NAG O . -24.47 -36.57 -23.23
C5 NAG O . -24.52 -37.10 -21.80
C6 NAG O . -25.58 -38.15 -21.59
C7 NAG O . -19.71 -35.64 -23.59
C8 NAG O . -19.57 -37.01 -24.20
N2 NAG O . -20.88 -35.36 -23.02
O3 NAG O . -23.15 -35.26 -24.78
O4 NAG O . -25.68 -35.88 -23.50
O5 NAG O . -23.26 -37.72 -21.47
O6 NAG O . -25.03 -39.46 -21.60
O7 NAG O . -18.79 -34.82 -23.64
C1 NAG O . -26.24 -36.33 -24.75
C2 NAG O . -27.77 -36.37 -24.61
C3 NAG O . -28.40 -36.79 -25.95
C4 NAG O . -27.91 -35.89 -27.07
C5 NAG O . -26.39 -35.86 -27.10
C6 NAG O . -25.84 -34.88 -28.12
C7 NAG O . -29.25 -37.08 -22.79
C8 NAG O . -29.52 -38.11 -21.73
N2 NAG O . -28.18 -37.28 -23.55
O3 NAG O . -29.82 -36.72 -25.84
O4 NAG O . -28.41 -36.35 -28.32
O5 NAG O . -25.88 -35.45 -25.82
O6 NAG O . -26.84 -34.50 -29.06
O7 NAG O . -29.99 -36.10 -22.94
C1 NAG P . -51.12 -24.85 -2.89
C2 NAG P . -50.59 -25.12 -1.49
C3 NAG P . -50.77 -26.59 -1.12
C4 NAG P . -52.22 -27.02 -1.33
C5 NAG P . -52.67 -26.68 -2.75
C6 NAG P . -54.13 -26.96 -3.00
C7 NAG P . -48.79 -23.55 -0.93
C8 NAG P . -47.31 -23.33 -0.88
N2 NAG P . -49.19 -24.74 -1.38
O3 NAG P . -50.40 -26.79 0.24
O4 NAG P . -52.34 -28.43 -1.12
O5 NAG P . -52.48 -25.28 -2.98
O6 NAG P . -54.58 -26.34 -4.19
O7 NAG P . -49.58 -22.69 -0.57
C1 NAG P . -53.14 -28.66 0.06
C2 NAG P . -53.56 -30.13 0.08
C3 NAG P . -54.36 -30.45 1.34
C4 NAG P . -53.58 -30.03 2.57
C5 NAG P . -53.16 -28.57 2.47
C6 NAG P . -52.29 -28.11 3.62
C7 NAG P . -55.47 -29.97 -1.52
C8 NAG P . -56.02 -30.52 -2.80
N2 NAG P . -54.30 -30.50 -1.12
O3 NAG P . -54.64 -31.84 1.38
O4 NAG P . -54.38 -30.20 3.74
O5 NAG P . -52.40 -28.35 1.27
O6 NAG P . -50.90 -28.24 3.30
O7 NAG P . -56.04 -29.09 -0.89
C1 NAG Q . 19.92 -19.38 21.86
C2 NAG Q . 19.50 -20.83 21.57
C3 NAG Q . 20.70 -21.77 21.67
C4 NAG Q . 21.96 -21.05 21.19
C5 NAG Q . 22.29 -19.93 22.18
C6 NAG Q . 23.06 -18.79 21.54
C7 NAG Q . 17.16 -20.96 22.29
C8 NAG Q . 16.21 -21.49 23.33
N2 NAG Q . 18.45 -21.27 22.48
O3 NAG Q . 20.47 -22.92 20.87
O4 NAG Q . 23.05 -21.96 21.10
O5 NAG Q . 21.09 -19.37 22.73
O6 NAG Q . 22.70 -18.60 20.19
O7 NAG Q . 16.78 -20.28 21.35
C1 NAG Q . 23.48 -21.98 19.73
C2 NAG Q . 24.92 -22.46 19.67
C3 NAG Q . 25.40 -22.52 18.21
C4 NAG Q . 24.43 -23.32 17.35
C5 NAG Q . 22.98 -22.85 17.55
C6 NAG Q . 21.96 -23.72 16.87
C7 NAG Q . 26.10 -21.84 21.73
C8 NAG Q . 27.01 -20.85 22.38
N2 NAG Q . 25.80 -21.60 20.45
O3 NAG Q . 26.70 -23.10 18.16
O4 NAG Q . 24.77 -23.13 15.99
O5 NAG Q . 22.66 -22.84 18.96
O6 NAG Q . 20.66 -23.49 17.39
O7 NAG Q . 25.66 -22.80 22.34
C1 BMA Q . 25.14 -24.36 15.31
C2 BMA Q . 24.47 -24.26 13.95
C3 BMA Q . 24.68 -25.57 13.15
C4 BMA Q . 25.98 -26.35 13.51
C5 BMA Q . 27.09 -25.49 14.26
C6 BMA Q . 28.07 -24.79 13.32
O2 BMA Q . 25.03 -23.21 13.17
O3 BMA Q . 24.61 -25.33 11.73
O4 BMA Q . 25.67 -27.50 14.29
O5 BMA Q . 26.54 -24.48 15.20
O6 BMA Q . 28.12 -23.41 13.68
C1 MAN Q . 23.29 -25.70 11.24
C2 MAN Q . 23.38 -25.90 9.68
C3 MAN Q . 23.42 -24.55 8.96
C4 MAN Q . 22.33 -23.60 9.46
C5 MAN Q . 22.49 -23.42 10.97
C6 MAN Q . 21.48 -22.48 11.59
O2 MAN Q . 22.23 -26.58 9.18
O3 MAN Q . 23.33 -24.70 7.54
O4 MAN Q . 22.43 -22.34 8.82
O5 MAN Q . 22.31 -24.72 11.59
O6 MAN Q . 21.98 -21.14 11.44
C1 MAN Q . 22.60 -27.79 8.47
C2 MAN Q . 21.88 -28.98 9.17
C3 MAN Q . 22.84 -30.17 9.31
C4 MAN Q . 23.63 -30.40 8.02
C5 MAN Q . 24.50 -29.15 7.72
C6 MAN Q . 24.57 -28.81 6.24
O2 MAN Q . 20.79 -29.47 8.38
O3 MAN Q . 22.14 -31.35 9.69
O4 MAN Q . 24.46 -31.54 8.16
O5 MAN Q . 24.02 -27.98 8.44
O6 MAN Q . 25.60 -27.84 6.06
C1 MAN Q . 29.50 -22.98 13.69
C2 MAN Q . 29.71 -22.12 14.98
C3 MAN Q . 29.07 -20.74 14.82
C4 MAN Q . 29.48 -20.08 13.49
C5 MAN Q . 29.11 -21.01 12.33
C6 MAN Q . 29.50 -20.45 10.98
O2 MAN Q . 31.11 -21.87 15.21
O3 MAN Q . 29.38 -19.88 15.91
O4 MAN Q . 28.81 -18.83 13.33
O5 MAN Q . 29.81 -22.26 12.51
O6 MAN Q . 28.83 -21.20 9.97
C1 NAG R . -8.32 -35.20 17.04
C2 NAG R . -9.77 -35.35 17.48
C3 NAG R . -9.86 -35.30 19.00
C4 NAG R . -8.92 -36.32 19.63
C5 NAG R . -7.51 -36.16 19.07
C6 NAG R . -6.56 -37.24 19.54
C7 NAG R . -11.62 -34.58 16.05
C8 NAG R . -11.88 -36.03 15.75
N2 NAG R . -10.60 -34.32 16.88
O3 NAG R . -11.21 -35.56 19.39
O4 NAG R . -8.88 -36.15 21.04
O5 NAG R . -7.53 -36.22 17.64
O6 NAG R . -7.06 -38.54 19.23
O7 NAG R . -12.31 -33.68 15.57
C1 NAG R . -9.56 -37.25 21.67
C2 NAG R . -8.95 -37.47 23.05
C3 NAG R . -9.68 -38.59 23.79
C4 NAG R . -11.18 -38.32 23.82
C5 NAG R . -11.71 -38.06 22.42
C6 NAG R . -13.17 -37.64 22.40
C7 NAG R . -6.57 -36.86 23.18
C8 NAG R . -5.16 -37.34 23.03
N2 NAG R . -7.53 -37.77 22.95
O3 NAG R . -9.17 -38.72 25.11
O4 NAG R . -11.87 -39.43 24.39
O5 NAG R . -10.97 -36.98 21.81
O6 NAG R . -13.39 -36.58 21.50
O7 NAG R . -6.84 -35.70 23.50
C1 NAG S . 22.30 -31.40 32.06
C2 NAG S . 23.69 -31.50 31.45
C3 NAG S . 24.26 -32.90 31.70
C4 NAG S . 24.23 -33.23 33.18
C5 NAG S . 22.82 -33.01 33.76
C6 NAG S . 22.76 -33.14 35.26
C7 NAG S . 24.42 -30.23 29.49
C8 NAG S . 24.27 -30.04 28.02
N2 NAG S . 23.67 -31.19 30.04
O3 NAG S . 25.60 -32.95 31.21
O4 NAG S . 24.56 -34.61 33.37
O5 NAG S . 22.36 -31.68 33.45
O6 NAG S . 22.19 -32.00 35.87
O7 NAG S . 25.20 -29.55 30.16
C1 NAG S . 25.90 -34.73 33.88
C2 NAG S . 26.02 -36.04 34.67
C3 NAG S . 27.46 -36.25 35.15
C4 NAG S . 28.43 -36.14 33.98
C5 NAG S . 28.22 -34.82 33.25
C6 NAG S . 29.08 -34.69 32.00
C7 NAG S . 25.04 -35.26 36.82
C8 NAG S . 23.97 -35.53 37.84
N2 NAG S . 25.08 -36.10 35.78
O3 NAG S . 27.57 -37.53 35.76
O4 NAG S . 29.77 -36.19 34.46
O5 NAG S . 26.86 -34.71 32.81
O6 NAG S . 28.45 -33.90 31.01
O7 NAG S . 25.81 -34.32 36.95
C1 NAG T . 37.40 -1.79 -28.08
C2 NAG T . 38.58 -2.49 -27.44
C3 NAG T . 39.34 -1.54 -26.52
C4 NAG T . 39.72 -0.26 -27.27
C5 NAG T . 38.49 0.35 -27.92
C6 NAG T . 38.82 1.54 -28.80
C7 NAG T . 38.78 -4.86 -26.81
C8 NAG T . 38.21 -5.96 -25.98
N2 NAG T . 38.16 -3.67 -26.71
O3 NAG T . 40.51 -2.18 -26.02
O4 NAG T . 40.29 0.68 -26.37
O5 NAG T . 37.85 -0.61 -28.77
O6 NAG T . 37.94 2.62 -28.55
O7 NAG T . 39.75 -5.02 -27.54
C1 NAG U . 42.49 -10.05 -19.11
C2 NAG U . 42.48 -9.57 -17.64
C3 NAG U . 43.90 -9.46 -17.06
C4 NAG U . 44.67 -10.74 -17.30
C5 NAG U . 44.64 -11.11 -18.78
C6 NAG U . 45.32 -12.42 -19.08
C7 NAG U . 41.77 -7.09 -17.83
C8 NAG U . 42.90 -6.74 -18.77
N2 NAG U . 41.67 -8.36 -17.39
O3 NAG U . 43.82 -9.19 -15.66
O4 NAG U . 46.02 -10.57 -16.89
O5 NAG U . 43.27 -11.25 -19.21
O6 NAG U . 44.70 -13.50 -18.39
O7 NAG U . 40.97 -6.23 -17.47
C1 NAG V . 36.85 -24.03 -48.58
C2 NAG V . 38.02 -23.04 -48.74
C3 NAG V . 39.36 -23.78 -48.66
C4 NAG V . 39.44 -24.61 -47.38
C5 NAG V . 38.23 -25.54 -47.28
C6 NAG V . 38.18 -26.31 -45.99
C7 NAG V . 38.08 -20.97 -50.06
C8 NAG V . 37.93 -20.38 -51.43
N2 NAG V . 37.92 -22.30 -49.98
O3 NAG V . 40.42 -22.83 -48.70
O4 NAG V . 40.63 -25.37 -47.38
O5 NAG V . 37.01 -24.78 -47.36
O6 NAG V . 37.87 -27.68 -46.21
O7 NAG V . 38.32 -20.29 -49.07
C1 NAG W . 50.14 -8.08 -41.42
C2 NAG W . 49.85 -6.69 -40.86
C3 NAG W . 49.21 -5.82 -41.94
C4 NAG W . 50.09 -5.79 -43.18
C5 NAG W . 50.40 -7.21 -43.65
C6 NAG W . 51.37 -7.26 -44.81
C7 NAG W . 49.38 -6.52 -38.45
C8 NAG W . 50.82 -6.15 -38.28
N2 NAG W . 48.96 -6.78 -39.70
O3 NAG W . 49.05 -4.49 -41.43
O4 NAG W . 49.43 -5.09 -44.23
O5 NAG W . 50.98 -7.96 -42.58
O6 NAG W . 51.66 -8.61 -45.17
O7 NAG W . 48.61 -6.61 -37.49
C1 NAG X . 34.24 -34.38 -32.17
C2 NAG X . 33.17 -35.30 -31.58
C3 NAG X . 33.79 -36.58 -31.07
C4 NAG X . 34.63 -37.25 -32.16
C5 NAG X . 35.65 -36.26 -32.71
C6 NAG X . 36.43 -36.81 -33.87
C7 NAG X . 31.20 -34.12 -30.68
C8 NAG X . 30.60 -33.47 -29.47
N2 NAG X . 32.43 -34.63 -30.52
O3 NAG X . 32.77 -37.47 -30.64
O4 NAG X . 35.31 -38.38 -31.64
O5 NAG X . 34.97 -35.08 -33.18
O6 NAG X . 37.72 -36.21 -33.96
O7 NAG X . 30.62 -34.19 -31.75
C1 NAG Y . 28.08 -36.23 -33.69
C2 NAG Y . 27.68 -37.36 -32.74
C3 NAG Y . 28.92 -38.05 -32.17
C4 NAG Y . 29.84 -38.51 -33.30
C5 NAG Y . 30.16 -37.34 -34.22
C6 NAG Y . 30.96 -37.75 -35.43
C7 NAG Y . 27.10 -35.99 -30.74
C8 NAG Y . 26.02 -35.68 -29.75
N2 NAG Y . 26.80 -36.91 -31.67
O3 NAG Y . 28.52 -39.18 -31.38
O4 NAG Y . 31.05 -39.03 -32.77
O5 NAG Y . 28.94 -36.75 -34.72
O6 NAG Y . 30.40 -37.24 -36.63
O7 NAG Y . 28.19 -35.42 -30.70
C1 NAG Z . 37.00 -33.21 -41.13
C2 NAG Z . 36.54 -34.48 -40.41
C3 NAG Z . 37.42 -35.67 -40.81
C4 NAG Z . 37.45 -35.82 -42.33
C5 NAG Z . 37.88 -34.50 -42.98
C6 NAG Z . 37.81 -34.54 -44.48
C7 NAG Z . 35.62 -34.78 -38.15
C8 NAG Z . 35.80 -34.49 -36.70
N2 NAG Z . 36.57 -34.29 -38.97
O3 NAG Z . 36.90 -36.85 -40.22
O4 NAG Z . 38.36 -36.84 -42.70
O5 NAG Z . 37.01 -33.44 -42.55
O6 NAG Z . 36.50 -34.87 -44.94
O7 NAG Z . 34.66 -35.40 -38.57
C1 NAG AA . 17.22 -13.49 -43.58
C2 NAG AA . 15.84 -12.93 -43.24
C3 NAG AA . 15.21 -12.30 -44.48
C4 NAG AA . 16.16 -11.25 -45.08
C5 NAG AA . 17.53 -11.88 -45.35
C6 NAG AA . 18.54 -10.86 -45.82
C7 NAG AA . 14.39 -13.88 -41.50
C8 NAG AA . 14.67 -12.63 -40.70
N2 NAG AA . 14.97 -13.96 -42.70
O3 NAG AA . 13.98 -11.68 -44.12
O4 NAG AA . 15.62 -10.76 -46.30
O5 NAG AA . 18.04 -12.45 -44.14
O6 NAG AA . 19.71 -11.50 -46.31
O7 NAG AA . 13.66 -14.77 -41.07
C1 NAG BA . 3.22 -50.92 -31.59
C2 NAG BA . 2.97 -50.96 -33.11
C3 NAG BA . 1.49 -51.16 -33.38
C4 NAG BA . 0.96 -52.38 -32.64
C5 NAG BA . 1.28 -52.27 -31.16
C6 NAG BA . 0.89 -53.50 -30.37
C7 NAG BA . 4.48 -49.74 -34.61
C8 NAG BA . 4.84 -48.41 -35.19
N2 NAG BA . 3.45 -49.76 -33.75
O3 NAG BA . 1.27 -51.31 -34.78
O4 NAG BA . -0.45 -52.48 -32.80
O5 NAG BA . 2.69 -52.10 -30.98
O6 NAG BA . 1.07 -53.31 -28.98
O7 NAG BA . 5.09 -50.77 -34.91
C1 NAG CA . -1.40 -54.09 -16.74
C2 NAG CA . -0.10 -54.83 -17.10
C3 NAG CA . -0.38 -56.32 -17.31
C4 NAG CA . -1.11 -56.90 -16.12
C5 NAG CA . -2.37 -56.10 -15.82
C6 NAG CA . -3.08 -56.55 -14.57
C7 NAG CA . 1.77 -53.75 -18.28
C8 NAG CA . 2.51 -53.81 -16.98
N2 NAG CA . 0.52 -54.25 -18.27
O3 NAG CA . 0.85 -57.00 -17.52
O4 NAG CA . -1.48 -58.25 -16.39
O5 NAG CA . -2.02 -54.72 -15.62
O6 NAG CA . -4.28 -55.82 -14.35
O7 NAG CA . 2.27 -53.26 -19.29
C1 NAG DA . 16.48 -23.88 -48.46
C2 NAG DA . 17.68 -24.01 -49.41
C3 NAG DA . 17.62 -22.92 -50.47
C4 NAG DA . 16.28 -22.92 -51.18
C5 NAG DA . 15.15 -22.83 -50.16
C6 NAG DA . 13.78 -22.94 -50.78
C7 NAG DA . 19.88 -24.90 -48.77
C8 NAG DA . 21.11 -24.68 -47.96
N2 NAG DA . 18.93 -23.95 -48.68
O3 NAG DA . 18.67 -23.13 -51.42
O4 NAG DA . 16.19 -21.82 -52.08
O5 NAG DA . 15.27 -23.89 -49.21
O6 NAG DA . 12.75 -22.76 -49.82
O7 NAG DA . 19.73 -25.89 -49.50
C1 NAG EA . 0.69 -37.27 -43.66
C2 NAG EA . 0.61 -36.89 -45.14
C3 NAG EA . -0.69 -36.12 -45.41
C4 NAG EA . -1.89 -36.91 -44.92
C5 NAG EA . -1.71 -37.29 -43.45
C6 NAG EA . -2.81 -38.18 -42.92
C7 NAG EA . 2.59 -36.49 -46.52
C8 NAG EA . 3.73 -35.57 -46.80
N2 NAG EA . 1.76 -36.10 -45.55
O3 NAG EA . -0.81 -35.87 -46.80
O4 NAG EA . -3.07 -36.13 -45.05
O5 NAG EA . -0.48 -38.01 -43.28
O6 NAG EA . -2.69 -38.40 -41.52
O7 NAG EA . 2.44 -37.55 -47.13
C1 NAG FA . 30.47 20.69 -31.98
C2 NAG FA . 29.88 22.11 -31.93
C3 NAG FA . 30.38 22.95 -33.11
C4 NAG FA . 31.90 22.91 -33.18
C5 NAG FA . 32.39 21.48 -33.23
C6 NAG FA . 33.90 21.35 -33.21
C7 NAG FA . 27.66 22.97 -31.31
C8 NAG FA . 26.18 22.77 -31.42
N2 NAG FA . 28.43 22.07 -31.93
O3 NAG FA . 29.93 24.29 -32.97
O4 NAG FA . 32.35 23.60 -34.34
O5 NAG FA . 31.91 20.77 -32.08
O6 NAG FA . 34.48 22.24 -32.26
O7 NAG FA . 28.14 23.92 -30.69
C1 NAG GA . 33.52 30.85 2.19
C2 NAG GA . 32.96 29.66 2.96
C3 NAG GA . 33.94 29.23 4.05
C4 NAG GA . 35.31 28.95 3.43
C5 NAG GA . 35.79 30.15 2.63
C6 NAG GA . 37.08 29.89 1.89
C7 NAG GA . 30.67 29.08 3.62
C8 NAG GA . 29.40 29.56 4.26
N2 NAG GA . 31.66 29.97 3.55
O3 NAG GA . 33.45 28.06 4.70
O4 NAG GA . 36.26 28.67 4.47
O5 NAG GA . 34.81 30.50 1.64
O6 NAG GA . 37.69 28.68 2.33
O7 NAG GA . 30.79 27.93 3.21
C1 NAG HA . 38.35 36.51 -14.77
C2 NAG HA . 39.68 36.83 -14.06
C3 NAG HA . 40.81 36.87 -15.08
C4 NAG HA . 40.84 35.58 -15.89
C5 NAG HA . 39.47 35.31 -16.51
C6 NAG HA . 39.40 33.99 -17.24
C7 NAG HA . 39.77 38.16 -12.01
C8 NAG HA . 39.65 39.53 -11.41
N2 NAG HA . 39.59 38.08 -13.33
O3 NAG HA . 42.05 37.05 -14.39
O4 NAG HA . 41.80 35.69 -16.93
O5 NAG HA . 38.47 35.27 -15.48
O6 NAG HA . 38.65 34.10 -18.44
O7 NAG HA . 40.01 37.18 -11.32
C1 NAG IA . 34.75 16.14 -3.26
C2 NAG IA . 36.12 16.36 -3.94
C3 NAG IA . 36.56 15.11 -4.70
C4 NAG IA . 36.53 13.90 -3.79
C5 NAG IA . 35.14 13.74 -3.19
C6 NAG IA . 35.05 12.60 -2.19
C7 NAG IA . 37.16 18.25 -5.14
C8 NAG IA . 36.92 19.39 -6.07
N2 NAG IA . 36.08 17.52 -4.83
O3 NAG IA . 37.87 15.30 -5.21
O4 NAG IA . 36.85 12.72 -4.53
O5 NAG IA . 34.79 14.93 -2.48
O6 NAG IA . 36.00 12.77 -1.14
O7 NAG IA . 38.26 18.00 -4.67
C1 NAG JA . -37.67 6.06 -25.50
C2 NAG JA . -38.10 5.49 -26.85
C3 NAG JA . -37.49 6.32 -27.98
C4 NAG JA . -37.83 7.80 -27.80
C5 NAG JA . -37.44 8.27 -26.40
C6 NAG JA . -37.88 9.68 -26.11
C7 NAG JA . -38.57 3.09 -26.75
C8 NAG JA . -38.01 1.70 -26.93
N2 NAG JA . -37.72 4.09 -26.98
O3 NAG JA . -37.98 5.85 -29.22
O4 NAG JA . -37.13 8.58 -28.76
O5 NAG JA . -38.05 7.44 -25.40
O6 NAG JA . -38.97 9.72 -25.21
O7 NAG JA . -39.73 3.28 -26.42
C1 NAG KA . -33.85 -1.83 -35.67
C2 NAG KA . -32.59 -1.26 -36.37
C3 NAG KA . -32.84 -0.95 -37.85
C4 NAG KA . -33.49 -2.15 -38.54
C5 NAG KA . -34.73 -2.60 -37.79
C6 NAG KA . -35.38 -3.82 -38.38
C7 NAG KA . -32.33 1.09 -35.35
C8 NAG KA . -33.72 1.52 -35.76
N2 NAG KA . -31.92 -0.17 -35.66
O3 NAG KA . -31.62 -0.62 -38.48
O4 NAG KA . -33.85 -1.79 -39.88
O5 NAG KA . -34.37 -2.93 -36.43
O6 NAG KA . -35.89 -4.69 -37.37
O7 NAG KA . -31.59 1.85 -34.74
C1 NAG LA . -58.65 -14.58 -15.91
C2 NAG LA . -59.71 -14.03 -16.86
C3 NAG LA . -60.49 -15.18 -17.50
C4 NAG LA . -59.55 -16.18 -18.15
C5 NAG LA . -58.50 -16.64 -17.13
C6 NAG LA . -57.44 -17.54 -17.74
C7 NAG LA . -60.53 -11.79 -16.28
C8 NAG LA . -61.55 -11.01 -15.50
N2 NAG LA . -60.62 -13.12 -16.17
O3 NAG LA . -61.39 -14.66 -18.48
O4 NAG LA . -60.28 -17.31 -18.61
O5 NAG LA . -57.80 -15.50 -16.61
O6 NAG LA . -57.56 -17.60 -19.15
O7 NAG LA . -59.69 -11.25 -16.99
C1 NAG MA . -56.14 2.80 -28.49
C2 NAG MA . -55.67 4.24 -28.24
C3 NAG MA . -56.16 4.73 -26.89
C4 NAG MA . -57.67 4.57 -26.77
C5 NAG MA . -58.06 3.12 -27.07
C6 NAG MA . -59.56 2.91 -27.08
C7 NAG MA . -53.57 4.95 -29.32
C8 NAG MA . -54.43 5.57 -30.39
N2 NAG MA . -54.22 4.33 -28.33
O3 NAG MA . -55.81 6.11 -26.73
O4 NAG MA . -58.10 4.91 -25.46
O5 NAG MA . -57.57 2.74 -28.35
O6 NAG MA . -60.12 3.03 -25.78
O7 NAG MA . -52.34 5.00 -29.36
C1 NAG NA . -44.67 -25.71 -24.27
C2 NAG NA . -43.83 -26.88 -23.78
C3 NAG NA . -44.04 -28.10 -24.66
C4 NAG NA . -45.52 -28.43 -24.77
C5 NAG NA . -46.31 -27.20 -25.24
C6 NAG NA . -47.80 -27.43 -25.25
C7 NAG NA . -41.81 -26.11 -22.61
C8 NAG NA . -40.35 -25.79 -22.73
N2 NAG NA . -42.42 -26.52 -23.73
O3 NAG NA . -43.33 -29.21 -24.12
O4 NAG NA . -45.72 -29.50 -25.70
O5 NAG NA . -46.05 -26.11 -24.36
O6 NAG NA . -48.34 -27.27 -26.56
O7 NAG NA . -42.41 -25.99 -21.55
C1 NAG OA . -43.75 -28.57 -18.60
C2 NAG OA . -42.96 -29.85 -18.84
C3 NAG OA . -43.20 -30.37 -20.26
C4 NAG OA . -44.69 -30.52 -20.52
C5 NAG OA . -45.41 -29.22 -20.21
C6 NAG OA . -46.92 -29.34 -20.34
C7 NAG OA . -40.70 -28.85 -19.24
C8 NAG OA . -39.28 -28.85 -18.77
N2 NAG OA . -41.53 -29.68 -18.58
O3 NAG OA . -42.54 -31.63 -20.42
O4 NAG OA . -44.92 -30.88 -21.89
O5 NAG OA . -45.15 -28.80 -18.87
O6 NAG OA . -47.54 -29.32 -19.06
O7 NAG OA . -41.08 -28.12 -20.15
C1 NAG PA . -54.06 -23.77 -21.58
C2 NAG PA . -53.48 -25.11 -21.11
C3 NAG PA . -54.32 -26.26 -21.66
C4 NAG PA . -55.79 -26.08 -21.31
C5 NAG PA . -56.27 -24.71 -21.78
C6 NAG PA . -57.69 -24.40 -21.36
C7 NAG PA . -51.15 -25.71 -20.69
C8 NAG PA . -49.76 -25.79 -21.28
N2 NAG PA . -52.09 -25.25 -21.52
O3 NAG PA . -53.85 -27.49 -21.12
O4 NAG PA . -56.58 -27.09 -21.93
O5 NAG PA . -55.45 -23.68 -21.22
O6 NAG PA . -57.73 -23.73 -20.11
O7 NAG PA . -51.38 -26.04 -19.53
C1 NAG QA . -42.69 -7.87 -1.43
C2 NAG QA . -41.57 -7.26 -0.59
C3 NAG QA . -42.13 -6.74 0.74
C4 NAG QA . -43.30 -5.80 0.50
C5 NAG QA . -44.35 -6.48 -0.38
C6 NAG QA . -45.49 -5.56 -0.75
C7 NAG QA . -39.24 -8.04 -0.78
C8 NAG QA . -38.97 -6.76 -1.51
N2 NAG QA . -40.50 -8.22 -0.36
O3 NAG QA . -41.10 -6.06 1.45
O4 NAG QA . -43.89 -5.44 1.75
O5 NAG QA . -43.75 -6.91 -1.60
O6 NAG QA . -46.63 -6.29 -1.19
O7 NAG QA . -38.37 -8.87 -0.56
C1 NAG RA . -30.99 -47.99 -0.27
C2 NAG RA . -32.12 -48.22 0.73
C3 NAG RA . -31.56 -48.68 2.07
C4 NAG RA . -30.67 -49.91 1.89
C5 NAG RA . -29.59 -49.60 0.84
C6 NAG RA . -28.73 -50.79 0.52
C7 NAG RA . -34.05 -46.78 0.23
C8 NAG RA . -34.73 -45.49 0.54
N2 NAG RA . -32.91 -47.01 0.90
O3 NAG RA . -32.63 -49.00 2.95
O4 NAG RA . -30.05 -50.25 3.12
O5 NAG RA . -30.20 -49.19 -0.38
O6 NAG RA . -27.44 -50.41 0.06
O7 NAG RA . -34.50 -47.58 -0.57
C1 NAG SA . -17.25 -52.47 -3.77
C2 NAG SA . -18.27 -52.82 -4.86
C3 NAG SA . -18.68 -54.29 -4.76
C4 NAG SA . -17.45 -55.18 -4.76
C5 NAG SA . -16.49 -54.75 -3.67
C6 NAG SA . -15.18 -55.53 -3.67
C7 NAG SA . -19.83 -51.12 -5.75
C8 NAG SA . -18.99 -51.12 -6.99
N2 NAG SA . -19.44 -51.95 -4.76
O3 NAG SA . -19.53 -54.62 -5.85
O4 NAG SA . -17.84 -56.53 -4.53
O5 NAG SA . -16.13 -53.36 -3.85
O6 NAG SA . -14.07 -54.67 -3.84
O7 NAG SA . -20.82 -50.41 -5.64
C1 NAG TA . -47.47 -17.43 0.62
C2 NAG TA . -48.90 -17.88 0.21
C3 NAG TA . -49.94 -16.84 0.67
C4 NAG TA . -49.78 -16.50 2.14
C5 NAG TA . -48.36 -16.03 2.40
C6 NAG TA . -48.09 -15.71 3.84
C7 NAG TA . -49.96 -18.75 -1.84
C8 NAG TA . -49.88 -18.80 -3.32
N2 NAG TA . -48.99 -18.06 -1.22
O3 NAG TA . -51.26 -17.34 0.44
O4 NAG TA . -50.68 -15.47 2.51
O5 NAG TA . -47.46 -17.07 2.03
O6 NAG TA . -47.00 -16.48 4.35
O7 NAG TA . -50.85 -19.31 -1.20
C1 NAG UA . -38.43 -34.05 8.88
C2 NAG UA . -39.29 -33.67 10.09
C3 NAG UA . -38.45 -32.94 11.13
C4 NAG UA . -37.22 -33.77 11.50
C5 NAG UA . -36.44 -34.12 10.23
C6 NAG UA . -35.26 -35.03 10.51
C7 NAG UA . -41.59 -32.84 10.32
C8 NAG UA . -42.65 -31.93 9.76
N2 NAG UA . -40.42 -32.84 9.67
O3 NAG UA . -39.23 -32.71 12.29
O4 NAG UA . -36.39 -33.02 12.37
O5 NAG UA . -37.30 -34.81 9.32
O6 NAG UA . -34.03 -34.32 10.45
O7 NAG UA . -41.80 -33.54 11.31
C1 NAG VA . -32.14 27.97 -13.55
C2 NAG VA . -31.32 28.47 -12.37
C3 NAG VA . -32.09 29.52 -11.58
C4 NAG VA . -32.56 30.63 -12.50
C5 NAG VA . -33.36 30.04 -13.67
C6 NAG VA . -33.75 31.09 -14.69
C7 NAG VA . -29.78 27.36 -10.80
C8 NAG VA . -29.53 26.14 -9.95
N2 NAG VA . -30.92 27.37 -11.51
O3 NAG VA . -31.25 30.06 -10.56
O4 NAG VA . -33.40 31.54 -11.78
O5 NAG VA . -32.56 29.08 -14.36
O6 NAG VA . -34.94 31.77 -14.30
O7 NAG VA . -29.00 28.31 -10.82
C1 NAG WA . -6.56 35.63 -33.92
C2 NAG WA . -6.27 35.65 -35.41
C3 NAG WA . -6.85 34.41 -36.07
C4 NAG WA . -6.27 33.16 -35.42
C5 NAG WA . -6.46 33.20 -33.89
C6 NAG WA . -5.73 32.07 -33.20
C7 NAG WA . -6.01 37.84 -36.50
C8 NAG WA . -4.53 37.67 -36.30
N2 NAG WA . -6.79 36.85 -36.05
O3 NAG WA . -6.56 34.44 -37.46
O4 NAG WA . -6.92 32.01 -35.96
O5 NAG WA . -5.97 34.43 -33.33
O6 NAG WA . -6.23 30.80 -33.56
O7 NAG WA . -6.47 38.85 -37.04
C1 NAG XA . -22.39 44.17 -28.61
C2 NAG XA . -22.97 43.74 -29.96
C3 NAG XA . -22.97 44.93 -30.93
C4 NAG XA . -23.68 46.12 -30.30
C5 NAG XA . -23.06 46.46 -28.95
C6 NAG XA . -23.79 47.56 -28.22
C7 NAG XA . -22.83 41.56 -31.07
C8 NAG XA . -21.91 40.50 -31.59
N2 NAG XA . -22.24 42.63 -30.52
O3 NAG XA . -23.62 44.55 -32.13
O4 NAG XA . -23.55 47.26 -31.16
O5 NAG XA . -23.12 45.29 -28.10
O6 NAG XA . -23.60 47.48 -26.81
O7 NAG XA . -24.05 41.46 -31.13
C1 NAG YA . -14.68 21.78 -33.82
C2 NAG YA . -16.16 21.62 -34.19
C3 NAG YA . -16.52 20.14 -34.27
C4 NAG YA . -15.58 19.42 -35.22
C5 NAG YA . -14.12 19.67 -34.82
C6 NAG YA . -13.13 19.08 -35.79
C7 NAG YA . -18.10 23.01 -33.60
C8 NAG YA . -18.88 23.65 -32.50
N2 NAG YA . -17.02 22.31 -33.24
O3 NAG YA . -17.86 20.02 -34.72
O4 NAG YA . -15.83 18.02 -35.17
O5 NAG YA . -13.87 21.09 -34.77
O6 NAG YA . -13.16 17.67 -35.76
O7 NAG YA . -18.44 23.10 -34.78
C1 NAG ZA . 2.48 2.17 37.27
C2 NAG ZA . 1.37 1.74 38.22
C3 NAG ZA . 0.27 2.80 38.25
C4 NAG ZA . 0.87 4.17 38.59
C5 NAG ZA . 2.01 4.49 37.63
C6 NAG ZA . 2.73 5.77 38.00
C7 NAG ZA . 1.02 -0.67 38.54
C8 NAG ZA . 0.38 -1.91 38.01
N2 NAG ZA . 0.81 0.45 37.84
O3 NAG ZA . -0.71 2.45 39.22
O4 NAG ZA . -0.13 5.17 38.49
O5 NAG ZA . 2.99 3.44 37.66
O6 NAG ZA . 3.91 5.94 37.22
O7 NAG ZA . 1.71 -0.68 39.56
C1 NAG AB . -8.90 -4.31 38.48
C2 NAG AB . -10.03 -3.50 37.80
C3 NAG AB . -11.13 -3.12 38.79
C4 NAG AB . -11.61 -4.35 39.56
C5 NAG AB . -10.42 -5.05 40.21
C6 NAG AB . -10.81 -6.32 40.92
C7 NAG AB . -8.92 -1.22 37.33
C8 NAG AB . -8.54 -0.99 38.77
N2 NAG AB . -9.56 -2.36 36.99
O3 NAG AB . -12.22 -2.53 38.08
O4 NAG AB . -12.53 -3.96 40.57
O5 NAG AB . -9.47 -5.42 39.19
O6 NAG AB . -11.59 -7.18 40.09
O7 NAG AB . -8.64 -0.39 36.47
C1 NAG BB . 17.12 -21.48 49.46
C2 NAG BB . 16.82 -20.21 50.27
C3 NAG BB . 16.10 -20.58 51.56
C4 NAG BB . 14.87 -21.42 51.27
C5 NAG BB . 15.25 -22.65 50.43
C6 NAG BB . 14.06 -23.47 50.00
C7 NAG BB . 18.08 -18.13 50.51
C8 NAG BB . 19.42 -17.52 50.83
N2 NAG BB . 18.02 -19.46 50.55
O3 NAG BB . 15.72 -19.39 52.25
O4 NAG BB . 14.27 -21.87 52.48
O5 NAG BB . 15.91 -22.22 49.23
O6 NAG BB . 14.41 -24.41 48.99
O7 NAG BB . 17.10 -17.45 50.23
C1 NAG CB . 7.27 -3.24 55.05
C2 NAG CB . 7.24 -1.83 54.47
C3 NAG CB . 8.65 -1.24 54.40
C4 NAG CB . 9.32 -1.34 55.77
C5 NAG CB . 9.25 -2.76 56.31
C6 NAG CB . 9.79 -2.89 57.72
C7 NAG CB . 5.40 -1.32 52.90
C8 NAG CB . 4.67 -0.75 54.07
N2 NAG CB . 6.62 -1.81 53.15
O3 NAG CB . 8.59 0.10 53.97
O4 NAG CB . 10.68 -0.94 55.66
O5 NAG CB . 7.89 -3.21 56.34
O6 NAG CB . 10.22 -4.22 57.98
O7 NAG CB . 4.92 -1.33 51.77
C1 NAG DB . 1.95 -30.56 40.16
C2 NAG DB . 1.68 -31.56 39.04
C3 NAG DB . 0.70 -32.64 39.52
C4 NAG DB . 1.21 -33.28 40.79
C5 NAG DB . 1.49 -32.23 41.85
C6 NAG DB . 2.11 -32.79 43.10
C7 NAG DB . 1.89 -30.66 36.77
C8 NAG DB . 1.21 -29.97 35.63
N2 NAG DB . 1.16 -30.90 37.86
O3 NAG DB . 0.55 -33.62 38.50
O4 NAG DB . 0.24 -34.20 41.30
O5 NAG DB . 2.42 -31.26 41.32
O6 NAG DB . 1.19 -32.77 44.19
O7 NAG DB . 3.07 -30.99 36.70
C1 NAG EB . 6.13 -33.68 36.20
C2 NAG EB . 5.41 -34.91 35.65
C3 NAG EB . 4.26 -35.33 36.58
C4 NAG EB . 4.77 -35.52 37.99
C5 NAG EB . 5.51 -34.27 38.46
C6 NAG EB . 6.15 -34.44 39.83
C7 NAG EB . 4.03 -33.79 33.90
C8 NAG EB . 3.71 -33.78 32.43
N2 NAG EB . 4.92 -34.71 34.29
O3 NAG EB . 3.67 -36.53 36.09
O4 NAG EB . 3.68 -35.78 38.88
O5 NAG EB . 6.57 -33.95 37.55
O6 NAG EB . 7.56 -34.56 39.72
O7 NAG EB . 3.50 -33.00 34.67
C1 NAG FB . 8.46 -30.01 46.75
C2 NAG FB . 8.01 -31.35 46.16
C3 NAG FB . 7.78 -32.35 47.28
C4 NAG FB . 9.02 -32.47 48.16
C5 NAG FB . 9.43 -31.10 48.67
C6 NAG FB . 10.73 -31.12 49.44
C7 NAG FB . 6.78 -31.42 44.04
C8 NAG FB . 5.46 -31.21 43.37
N2 NAG FB . 6.81 -31.18 45.36
O3 NAG FB . 7.46 -33.63 46.72
O4 NAG FB . 8.75 -33.32 49.28
O5 NAG FB . 9.63 -30.21 47.56
O6 NAG FB . 11.84 -31.26 48.59
O7 NAG FB . 7.77 -31.80 43.43
C1 NAG GB . 23.79 -14.52 28.72
C2 NAG GB . 24.19 -14.06 27.31
C3 NAG GB . 25.66 -13.67 27.27
C4 NAG GB . 25.97 -12.65 28.36
C5 NAG GB . 25.53 -13.17 29.72
C6 NAG GB . 25.70 -12.16 30.82
C7 NAG GB . 22.96 -14.97 25.38
C8 NAG GB . 22.18 -13.69 25.37
N2 NAG GB . 23.90 -15.09 26.32
O3 NAG GB . 25.98 -13.14 26.00
O4 NAG GB . 27.38 -12.40 28.39
O5 NAG GB . 24.12 -13.50 29.67
O6 NAG GB . 25.48 -12.74 32.10
O7 NAG GB . 22.75 -15.86 24.56
C1 NAG HB . 13.07 -52.42 14.79
C2 NAG HB . 14.45 -52.61 15.43
C3 NAG HB . 15.46 -53.08 14.38
C4 NAG HB . 14.93 -54.31 13.66
C5 NAG HB . 13.54 -54.05 13.09
C6 NAG HB . 12.92 -55.28 12.47
C7 NAG HB . 15.24 -51.31 17.35
C8 NAG HB . 15.70 -49.96 17.84
N2 NAG HB . 14.91 -51.38 16.06
O3 NAG HB . 16.69 -53.36 15.00
O4 NAG HB . 15.81 -54.66 12.59
O5 NAG HB . 12.66 -53.62 14.14
O6 NAG HB . 11.53 -55.08 12.22
O7 NAG HB . 15.17 -52.29 18.10
C1 NAG IB . 1.81 -54.59 3.60
C2 NAG IB . 1.28 -55.09 4.95
C3 NAG IB . 1.28 -56.61 4.98
C4 NAG IB . 0.53 -57.17 3.78
C5 NAG IB . 1.10 -56.60 2.49
C6 NAG IB . 0.33 -57.02 1.26
C7 NAG IB . 1.57 -53.80 7.03
C8 NAG IB . 0.10 -53.50 6.95
N2 NAG IB . 2.08 -54.56 6.05
O3 NAG IB . 0.68 -57.06 6.19
O4 NAG IB . 0.63 -58.59 3.75
O5 NAG IB . 1.05 -55.17 2.53
O6 NAG IB . 0.63 -56.20 0.15
O7 NAG IB . 2.27 -53.38 7.95
C1 NAG JB . 26.31 -25.18 31.53
C2 NAG JB . 26.73 -25.14 33.01
C3 NAG JB . 27.90 -24.18 33.19
C4 NAG JB . 29.05 -24.54 32.25
C5 NAG JB . 28.53 -24.59 30.82
C6 NAG JB . 29.59 -25.04 29.83
C7 NAG JB . 25.02 -25.61 34.71
C8 NAG JB . 23.89 -25.04 35.50
N2 NAG JB . 25.61 -24.77 33.85
O3 NAG JB . 28.35 -24.25 34.55
O4 NAG JB . 30.07 -23.56 32.34
O5 NAG JB . 27.44 -25.52 30.72
O6 NAG JB . 29.23 -24.72 28.50
O7 NAG JB . 25.39 -26.76 34.83
C1 NAG KB . 26.58 -40.94 17.91
C2 NAG KB . 27.97 -40.69 18.50
C3 NAG KB . 28.79 -39.82 17.54
C4 NAG KB . 28.81 -40.43 16.15
C5 NAG KB . 27.39 -40.68 15.66
C6 NAG KB . 27.34 -41.40 14.32
C7 NAG KB . 28.79 -40.22 20.75
C8 NAG KB . 28.53 -39.50 22.04
N2 NAG KB . 27.88 -40.06 19.80
O3 NAG KB . 30.12 -39.69 18.03
O4 NAG KB . 29.46 -39.55 15.24
O5 NAG KB . 26.70 -41.52 16.60
O6 NAG KB . 26.46 -40.74 13.42
O7 NAG KB . 29.79 -40.91 20.58
C1 NAG LB . 13.60 22.92 29.46
C2 NAG LB . 14.17 24.00 28.53
C3 NAG LB . 15.15 24.90 29.28
C4 NAG LB . 14.51 25.45 30.55
C5 NAG LB . 13.95 24.31 31.40
C6 NAG LB . 13.21 24.79 32.62
C7 NAG LB . 14.88 24.00 26.18
C8 NAG LB . 15.58 23.23 25.10
N2 NAG LB . 14.80 23.40 27.38
O3 NAG LB . 15.56 25.97 28.45
O4 NAG LB . 15.47 26.17 31.30
O5 NAG LB . 13.03 23.53 30.63
O6 NAG LB . 11.84 25.05 32.34
O7 NAG LB . 14.41 25.11 25.99
C1 NAG MB . -16.05 36.18 16.77
C2 NAG MB . -16.56 34.80 16.37
C3 NAG MB . -17.78 34.43 17.22
C4 NAG MB . -17.45 34.56 18.70
C5 NAG MB . -16.90 35.96 19.02
C6 NAG MB . -16.44 36.10 20.45
C7 NAG MB . -16.76 33.62 14.23
C8 NAG MB . -17.14 33.74 12.79
N2 NAG MB . -16.89 34.74 14.96
O3 NAG MB . -18.18 33.11 16.93
O4 NAG MB . -18.62 34.34 19.49
O5 NAG MB . -15.77 36.22 18.19
O6 NAG MB . -15.97 34.86 20.97
O7 NAG MB . -16.35 32.57 14.71
C1 NAG NB . -1.87 41.13 28.10
C2 NAG NB . -3.29 41.12 28.72
C3 NAG NB . -3.35 41.98 29.98
C4 NAG NB . -2.10 41.76 30.82
C5 NAG NB . -0.91 42.34 30.09
C6 NAG NB . 0.40 41.63 30.41
C7 NAG NB . -5.52 41.08 27.69
C8 NAG NB . -6.40 41.67 26.63
N2 NAG NB . -4.27 41.57 27.75
O3 NAG NB . -4.51 41.65 30.73
O4 NAG NB . -2.25 42.40 32.08
O5 NAG NB . -1.09 42.27 28.66
O6 NAG NB . 0.16 40.32 30.91
O7 NAG NB . -5.92 40.22 28.47
C1 NAG OB . -14.11 19.64 21.96
C2 NAG OB . -13.96 20.95 22.76
C3 NAG OB . -14.87 20.94 23.98
C4 NAG OB . -16.30 20.62 23.56
C5 NAG OB . -16.35 19.35 22.73
C6 NAG OB . -17.73 19.03 22.20
C7 NAG OB . -11.86 22.24 22.82
C8 NAG OB . -10.44 22.29 23.31
N2 NAG OB . -12.57 21.15 23.16
O3 NAG OB . -14.81 22.21 24.63
O4 NAG OB . -17.12 20.46 24.72
O5 NAG OB . -15.49 19.48 21.60
O6 NAG OB . -17.75 17.77 21.53
O7 NAG OB . -12.34 23.14 22.14
#